data_1E10
#
_entry.id   1E10
#
_cell.length_a   1.000
_cell.length_b   1.000
_cell.length_c   1.000
_cell.angle_alpha   90.00
_cell.angle_beta   90.00
_cell.angle_gamma   90.00
#
_symmetry.space_group_name_H-M   'P 1'
#
loop_
_entity.id
_entity.type
_entity.pdbx_description
1 polymer FERREDOXIN
2 non-polymer 'ACETYL GROUP'
3 non-polymer 'FE2/S2 (INORGANIC) CLUSTER'
#
_entity_poly.entity_id   1
_entity_poly.type   'polypeptide(L)'
_entity_poly.pdbx_seq_one_letter_code
;PTVEYLNYETLDDQGWDMDDDDLFEKAADAGLDGEDYGTMEVAEGEYILEAAEAQGYDWPFSCRAGACANCASIVKEGEI
DMDMQQILSDEEVEEKDVRLTCIGSPAADEVKIVYNAKHLDYLQNRVI
;
_entity_poly.pdbx_strand_id   A
#
# COMPACT_ATOMS: atom_id res chain seq x y z
N PRO A 1 2.57 -14.90 6.75
CA PRO A 1 2.06 -13.50 6.62
C PRO A 1 2.71 -12.82 5.42
N THR A 2 2.07 -12.85 4.29
CA THR A 2 2.66 -12.20 3.09
C THR A 2 1.74 -11.10 2.55
N VAL A 3 2.29 -10.04 2.05
CA VAL A 3 1.44 -8.93 1.52
C VAL A 3 1.97 -8.50 0.14
N GLU A 4 1.13 -8.53 -0.87
CA GLU A 4 1.59 -8.14 -2.23
C GLU A 4 1.55 -6.61 -2.40
N TYR A 5 2.66 -6.01 -2.72
CA TYR A 5 2.68 -4.53 -2.91
C TYR A 5 2.69 -4.19 -4.40
N LEU A 6 1.89 -3.24 -4.80
CA LEU A 6 1.85 -2.86 -6.25
C LEU A 6 1.96 -1.34 -6.40
N ASN A 7 2.92 -0.88 -7.16
CA ASN A 7 3.10 0.59 -7.34
C ASN A 7 1.84 1.20 -7.95
N TYR A 8 1.19 2.09 -7.25
CA TYR A 8 -0.04 2.73 -7.79
C TYR A 8 0.28 3.42 -9.12
N GLU A 9 1.49 3.85 -9.29
CA GLU A 9 1.87 4.52 -10.57
C GLU A 9 1.81 3.51 -11.72
N THR A 10 2.23 2.30 -11.47
CA THR A 10 2.18 1.26 -12.54
C THR A 10 0.73 1.01 -12.96
N LEU A 11 -0.20 1.29 -12.09
CA LEU A 11 -1.64 1.07 -12.43
C LEU A 11 -2.05 2.04 -13.53
N ASP A 12 -1.64 3.28 -13.44
CA ASP A 12 -2.01 4.27 -14.49
C ASP A 12 -1.13 4.07 -15.73
N ASP A 13 0.16 4.05 -15.56
CA ASP A 13 1.06 3.85 -16.73
C ASP A 13 0.62 2.61 -17.51
N GLN A 14 0.57 1.47 -16.86
CA GLN A 14 0.15 0.24 -17.57
C GLN A 14 -1.30 0.37 -18.05
N GLY A 15 -2.04 1.28 -17.49
CA GLY A 15 -3.46 1.46 -17.90
C GLY A 15 -4.25 0.20 -17.54
N TRP A 16 -3.94 -0.41 -16.44
CA TRP A 16 -4.68 -1.65 -16.03
C TRP A 16 -5.67 -1.32 -14.91
N ASP A 17 -6.29 -2.33 -14.36
CA ASP A 17 -7.27 -2.09 -13.26
C ASP A 17 -6.76 -2.69 -11.96
N MET A 18 -7.36 -2.35 -10.85
CA MET A 18 -6.88 -2.90 -9.54
C MET A 18 -7.42 -4.32 -9.33
N ASP A 19 -8.63 -4.58 -9.73
CA ASP A 19 -9.20 -5.95 -9.53
C ASP A 19 -9.70 -6.53 -10.86
N ASP A 20 -9.78 -5.74 -11.88
CA ASP A 20 -10.26 -6.25 -13.20
C ASP A 20 -9.21 -7.19 -13.82
N ASP A 21 -8.13 -6.65 -14.30
CA ASP A 21 -7.08 -7.50 -14.92
C ASP A 21 -6.20 -8.14 -13.84
N ASP A 22 -6.61 -8.09 -12.60
CA ASP A 22 -5.78 -8.70 -11.52
C ASP A 22 -4.31 -8.29 -11.69
N LEU A 23 -4.06 -7.01 -11.78
CA LEU A 23 -2.66 -6.52 -11.95
C LEU A 23 -1.70 -7.36 -11.09
N PHE A 24 -2.06 -7.63 -9.86
CA PHE A 24 -1.16 -8.43 -8.99
C PHE A 24 -0.79 -9.75 -9.66
N GLU A 25 -1.65 -10.22 -10.52
CA GLU A 25 -1.36 -11.52 -11.22
C GLU A 25 -0.80 -11.25 -12.61
N LYS A 26 -1.29 -10.24 -13.29
CA LYS A 26 -0.77 -9.94 -14.65
C LYS A 26 0.61 -9.31 -14.56
N ALA A 27 0.86 -8.54 -13.53
CA ALA A 27 2.20 -7.90 -13.39
C ALA A 27 3.29 -8.97 -13.31
N ALA A 28 2.96 -10.14 -12.83
CA ALA A 28 3.98 -11.22 -12.74
C ALA A 28 4.23 -11.81 -14.12
N ASP A 29 3.35 -11.57 -15.06
CA ASP A 29 3.54 -12.11 -16.43
C ASP A 29 4.40 -11.15 -17.26
N ALA A 30 4.59 -9.95 -16.79
CA ALA A 30 5.42 -8.98 -17.56
C ALA A 30 6.78 -8.79 -16.88
N GLY A 31 6.81 -8.12 -15.76
CA GLY A 31 8.10 -7.90 -15.04
C GLY A 31 8.32 -6.41 -14.87
N LEU A 32 7.57 -5.78 -14.02
CA LEU A 32 7.75 -4.31 -13.81
C LEU A 32 8.82 -4.06 -12.74
N ASP A 33 9.03 -2.82 -12.38
CA ASP A 33 10.06 -2.51 -11.35
C ASP A 33 9.81 -3.35 -10.09
N GLY A 34 10.70 -4.26 -9.80
CA GLY A 34 10.52 -5.11 -8.58
C GLY A 34 10.18 -4.21 -7.39
N GLU A 35 10.73 -3.04 -7.35
CA GLU A 35 10.44 -2.11 -6.22
C GLU A 35 9.02 -1.55 -6.34
N ASP A 36 8.37 -1.78 -7.45
CA ASP A 36 6.99 -1.27 -7.64
C ASP A 36 5.97 -2.39 -7.41
N TYR A 37 6.25 -3.56 -7.92
CA TYR A 37 5.30 -4.70 -7.73
C TYR A 37 6.04 -5.93 -7.21
N GLY A 38 5.38 -6.75 -6.43
CA GLY A 38 6.06 -7.97 -5.90
C GLY A 38 5.33 -8.44 -4.64
N THR A 39 5.51 -9.67 -4.26
CA THR A 39 4.84 -10.19 -3.03
C THR A 39 5.70 -9.90 -1.80
N MET A 40 5.19 -9.10 -0.90
CA MET A 40 5.98 -8.78 0.32
C MET A 40 5.79 -9.86 1.39
N GLU A 41 6.78 -10.11 2.18
CA GLU A 41 6.64 -11.16 3.24
C GLU A 41 7.21 -10.66 4.56
N VAL A 42 6.38 -10.45 5.55
CA VAL A 42 6.88 -9.95 6.86
C VAL A 42 6.23 -10.74 8.02
N ALA A 43 6.96 -10.97 9.06
CA ALA A 43 6.39 -11.72 10.21
C ALA A 43 5.14 -11.00 10.74
N GLU A 44 4.18 -11.74 11.23
CA GLU A 44 2.94 -11.11 11.76
C GLU A 44 3.27 -10.25 13.00
N GLY A 45 2.95 -8.99 12.95
CA GLY A 45 3.24 -8.11 14.12
C GLY A 45 4.35 -7.13 13.74
N GLU A 46 5.06 -7.40 12.68
CA GLU A 46 6.15 -6.48 12.26
C GLU A 46 5.59 -5.38 11.35
N TYR A 47 5.89 -4.15 11.65
CA TYR A 47 5.37 -3.04 10.81
C TYR A 47 5.66 -3.31 9.33
N ILE A 48 4.64 -3.45 8.53
CA ILE A 48 4.86 -3.71 7.08
C ILE A 48 5.85 -2.70 6.50
N LEU A 49 5.51 -1.44 6.51
CA LEU A 49 6.43 -0.40 5.96
C LEU A 49 7.88 -0.70 6.38
N GLU A 50 8.07 -1.17 7.59
CA GLU A 50 9.44 -1.48 8.05
C GLU A 50 9.95 -2.77 7.40
N ALA A 51 9.19 -3.83 7.50
CA ALA A 51 9.63 -5.12 6.89
C ALA A 51 9.96 -4.91 5.42
N ALA A 52 9.18 -4.12 4.73
CA ALA A 52 9.44 -3.88 3.29
C ALA A 52 10.55 -2.82 3.13
N GLU A 53 10.61 -1.90 4.04
CA GLU A 53 11.67 -0.85 3.96
C GLU A 53 13.06 -1.50 3.95
N ALA A 54 13.18 -2.65 4.55
CA ALA A 54 14.50 -3.34 4.58
C ALA A 54 14.82 -3.94 3.21
N GLN A 55 13.82 -4.25 2.43
CA GLN A 55 14.06 -4.84 1.09
C GLN A 55 14.31 -3.72 0.07
N GLY A 56 14.03 -2.49 0.43
CA GLY A 56 14.25 -1.37 -0.53
C GLY A 56 12.91 -0.72 -0.87
N TYR A 57 11.83 -1.29 -0.42
CA TYR A 57 10.50 -0.70 -0.72
C TYR A 57 10.36 0.68 -0.08
N ASP A 58 10.08 1.68 -0.86
CA ASP A 58 9.95 3.05 -0.30
C ASP A 58 8.46 3.43 -0.17
N TRP A 59 8.14 4.26 0.78
CA TRP A 59 6.71 4.66 0.95
C TRP A 59 6.61 6.17 1.19
N PRO A 60 5.57 6.75 0.66
CA PRO A 60 5.36 8.22 0.82
C PRO A 60 4.94 8.54 2.26
N PHE A 61 5.88 8.56 3.17
CA PHE A 61 5.53 8.87 4.58
C PHE A 61 4.65 10.13 4.65
N SER A 62 3.37 9.95 4.65
CA SER A 62 2.46 11.13 4.73
C SER A 62 2.24 11.55 6.19
N CYS A 63 3.29 11.57 6.96
CA CYS A 63 3.14 11.97 8.40
C CYS A 63 3.16 13.49 8.53
N ARG A 64 2.10 14.06 9.04
CA ARG A 64 2.07 15.55 9.19
C ARG A 64 2.62 15.96 10.56
N ALA A 65 2.79 17.23 10.79
CA ALA A 65 3.33 17.68 12.10
C ALA A 65 2.24 17.60 13.18
N GLY A 66 2.45 16.79 14.18
CA GLY A 66 1.41 16.65 15.25
C GLY A 66 0.57 15.40 15.01
N ALA A 67 0.95 14.30 15.59
CA ALA A 67 0.18 13.05 15.40
C ALA A 67 -0.04 12.78 13.90
N CYS A 68 -0.72 11.73 13.56
CA CYS A 68 -0.96 11.42 12.13
C CYS A 68 -1.88 10.20 11.98
N ALA A 69 -2.52 10.06 10.86
CA ALA A 69 -3.43 8.89 10.65
C ALA A 69 -3.89 8.84 9.19
N ASN A 70 -3.03 9.24 8.28
CA ASN A 70 -3.41 9.21 6.84
C ASN A 70 -2.16 8.99 5.98
N CYS A 71 -1.61 7.81 6.03
CA CYS A 71 -0.39 7.51 5.22
C CYS A 71 -0.70 7.68 3.73
N ALA A 72 -0.53 6.65 2.94
CA ALA A 72 -0.83 6.78 1.49
C ALA A 72 -0.72 5.42 0.79
N SER A 73 -1.71 4.58 0.95
CA SER A 73 -1.66 3.24 0.31
C SER A 73 -3.07 2.82 -0.11
N ILE A 74 -3.20 1.69 -0.75
CA ILE A 74 -4.56 1.23 -1.17
C ILE A 74 -4.65 -0.30 -1.07
N VAL A 75 -5.04 -0.80 0.06
CA VAL A 75 -5.15 -2.28 0.22
C VAL A 75 -6.04 -2.86 -0.88
N LYS A 76 -5.50 -3.73 -1.70
CA LYS A 76 -6.31 -4.33 -2.80
C LYS A 76 -7.12 -5.52 -2.25
N GLU A 77 -6.77 -6.00 -1.09
CA GLU A 77 -7.51 -7.16 -0.52
C GLU A 77 -6.82 -7.66 0.75
N GLY A 78 -7.53 -7.71 1.84
CA GLY A 78 -6.91 -8.18 3.11
C GLY A 78 -7.15 -7.15 4.21
N GLU A 79 -6.62 -7.38 5.38
CA GLU A 79 -6.81 -6.40 6.49
C GLU A 79 -5.47 -6.08 7.16
N ILE A 80 -5.31 -4.89 7.64
CA ILE A 80 -4.02 -4.51 8.31
C ILE A 80 -4.29 -4.07 9.75
N ASP A 81 -3.36 -4.32 10.64
CA ASP A 81 -3.55 -3.93 12.06
C ASP A 81 -2.77 -2.64 12.35
N MET A 82 -3.13 -1.92 13.38
CA MET A 82 -2.41 -0.66 13.71
C MET A 82 -2.81 -0.17 15.11
N ASP A 83 -2.21 0.90 15.56
CA ASP A 83 -2.55 1.43 16.91
C ASP A 83 -4.05 1.74 16.99
N MET A 84 -4.48 2.38 18.03
CA MET A 84 -5.93 2.71 18.17
C MET A 84 -6.44 3.37 16.88
N GLN A 85 -7.70 3.73 16.84
CA GLN A 85 -8.25 4.37 15.60
C GLN A 85 -9.49 5.18 15.94
N GLN A 86 -9.83 6.13 15.10
CA GLN A 86 -11.05 6.96 15.36
C GLN A 86 -11.25 7.96 14.23
N ILE A 87 -10.25 8.72 13.92
CA ILE A 87 -10.39 9.73 12.82
C ILE A 87 -10.68 9.02 11.50
N LEU A 88 -9.91 8.03 11.16
CA LEU A 88 -10.15 7.29 9.88
C LEU A 88 -11.60 6.84 9.80
N SER A 89 -12.03 6.39 8.65
CA SER A 89 -13.44 5.93 8.49
C SER A 89 -13.49 4.67 7.62
N ASP A 90 -14.31 3.72 7.99
CA ASP A 90 -14.40 2.47 7.18
C ASP A 90 -14.64 2.80 5.71
N GLU A 91 -15.46 3.78 5.45
CA GLU A 91 -15.74 4.16 4.04
C GLU A 91 -14.42 4.48 3.31
N GLU A 92 -13.44 4.91 4.05
CA GLU A 92 -12.12 5.23 3.40
C GLU A 92 -11.40 3.93 3.04
N VAL A 93 -11.51 2.93 3.86
CA VAL A 93 -10.84 1.63 3.56
C VAL A 93 -11.64 0.85 2.52
N GLU A 94 -12.89 1.19 2.34
CA GLU A 94 -13.72 0.47 1.34
C GLU A 94 -13.76 1.25 0.02
N GLU A 95 -13.86 2.55 0.08
CA GLU A 95 -13.90 3.34 -1.17
C GLU A 95 -12.48 3.79 -1.57
N LYS A 96 -11.58 3.85 -0.63
CA LYS A 96 -10.19 4.28 -0.96
C LYS A 96 -9.20 3.16 -0.63
N ASP A 97 -9.61 2.20 0.15
CA ASP A 97 -8.69 1.09 0.51
C ASP A 97 -7.40 1.64 1.14
N VAL A 98 -7.44 2.83 1.66
CA VAL A 98 -6.22 3.42 2.29
C VAL A 98 -6.09 2.90 3.73
N ARG A 99 -4.97 3.12 4.36
CA ARG A 99 -4.80 2.64 5.76
C ARG A 99 -3.43 3.04 6.32
N LEU A 100 -3.06 2.50 7.46
CA LEU A 100 -1.75 2.84 8.07
C LEU A 100 -0.72 1.76 7.74
N THR A 101 0.35 2.11 7.08
CA THR A 101 1.39 1.11 6.75
C THR A 101 2.70 1.42 7.48
N CYS A 102 2.87 2.64 7.92
CA CYS A 102 4.13 3.01 8.64
C CYS A 102 4.34 2.06 9.83
N ILE A 103 3.62 2.26 10.90
CA ILE A 103 3.77 1.39 12.09
C ILE A 103 2.60 0.41 12.17
N GLY A 104 2.07 0.01 11.04
CA GLY A 104 0.91 -0.94 11.06
C GLY A 104 1.38 -2.32 10.57
N SER A 105 0.82 -3.37 11.11
CA SER A 105 1.22 -4.73 10.67
C SER A 105 0.07 -5.40 9.92
N PRO A 106 0.38 -6.48 9.25
CA PRO A 106 -0.64 -7.23 8.48
C PRO A 106 -1.57 -8.00 9.42
N ALA A 107 -2.85 -7.89 9.23
CA ALA A 107 -3.80 -8.62 10.11
C ALA A 107 -4.16 -9.98 9.50
N ALA A 108 -3.98 -10.12 8.21
CA ALA A 108 -4.31 -11.42 7.55
C ALA A 108 -3.04 -12.06 6.99
N ASP A 109 -3.17 -13.14 6.27
CA ASP A 109 -1.97 -13.80 5.70
C ASP A 109 -1.59 -13.15 4.37
N GLU A 110 -2.36 -13.37 3.34
CA GLU A 110 -2.04 -12.75 2.03
C GLU A 110 -2.85 -11.46 1.85
N VAL A 111 -2.22 -10.33 1.95
CA VAL A 111 -2.95 -9.04 1.80
C VAL A 111 -2.36 -8.22 0.67
N LYS A 112 -3.17 -7.78 -0.25
CA LYS A 112 -2.64 -6.96 -1.39
C LYS A 112 -2.83 -5.47 -1.07
N ILE A 113 -1.93 -4.65 -1.50
CA ILE A 113 -2.04 -3.18 -1.24
C ILE A 113 -1.18 -2.39 -2.23
N VAL A 114 -1.61 -1.21 -2.58
CA VAL A 114 -0.80 -0.38 -3.53
C VAL A 114 0.14 0.55 -2.75
N TYR A 115 1.37 0.66 -3.15
CA TYR A 115 2.32 1.54 -2.43
C TYR A 115 2.55 2.83 -3.24
N ASN A 116 3.10 3.85 -2.61
CA ASN A 116 3.34 5.13 -3.32
C ASN A 116 2.02 5.78 -3.72
N ALA A 117 1.04 5.76 -2.86
CA ALA A 117 -0.27 6.39 -3.21
C ALA A 117 -0.08 7.89 -3.40
N LYS A 118 0.97 8.44 -2.88
CA LYS A 118 1.22 9.90 -3.03
C LYS A 118 0.91 10.34 -4.47
N HIS A 119 1.06 9.46 -5.42
CA HIS A 119 0.78 9.83 -6.84
C HIS A 119 -0.70 10.20 -6.99
N LEU A 120 -1.52 9.73 -6.10
CA LEU A 120 -2.98 10.05 -6.21
C LEU A 120 -3.18 11.53 -6.57
N ASP A 121 -4.27 11.85 -7.21
CA ASP A 121 -4.52 13.27 -7.60
C ASP A 121 -5.09 14.04 -6.40
N TYR A 122 -5.62 13.34 -5.44
CA TYR A 122 -6.20 14.02 -4.24
C TYR A 122 -5.08 14.68 -3.43
N LEU A 123 -3.85 14.43 -3.77
CA LEU A 123 -2.72 15.04 -3.01
C LEU A 123 -1.73 15.70 -3.97
N GLN A 124 -1.60 15.20 -5.17
CA GLN A 124 -0.65 15.80 -6.15
C GLN A 124 -0.71 17.33 -6.09
N ASN A 125 -1.90 17.88 -6.02
CA ASN A 125 -2.03 19.36 -5.97
C ASN A 125 -1.44 19.91 -4.67
N ARG A 126 -1.61 19.20 -3.58
CA ARG A 126 -1.05 19.68 -2.28
C ARG A 126 0.38 19.18 -2.09
N VAL A 127 1.07 18.87 -3.17
CA VAL A 127 2.46 18.38 -3.03
C VAL A 127 3.40 19.52 -2.64
N ILE A 128 3.27 20.66 -3.28
CA ILE A 128 4.15 21.81 -2.96
C ILE A 128 3.73 22.42 -1.62
N PRO A 1 1.79 -13.63 6.95
CA PRO A 1 1.93 -12.18 6.67
C PRO A 1 2.41 -11.95 5.23
N THR A 2 1.55 -12.14 4.27
CA THR A 2 1.95 -11.94 2.85
C THR A 2 1.22 -10.74 2.26
N VAL A 3 1.87 -9.62 2.16
CA VAL A 3 1.21 -8.41 1.58
C VAL A 3 1.80 -8.08 0.21
N GLU A 4 1.03 -8.22 -0.84
CA GLU A 4 1.55 -7.92 -2.20
C GLU A 4 1.48 -6.42 -2.48
N TYR A 5 2.61 -5.81 -2.73
CA TYR A 5 2.62 -4.34 -3.02
C TYR A 5 2.62 -4.11 -4.54
N LEU A 6 1.84 -3.16 -5.00
CA LEU A 6 1.79 -2.87 -6.46
C LEU A 6 2.03 -1.38 -6.71
N ASN A 7 2.91 -1.05 -7.63
CA ASN A 7 3.19 0.39 -7.91
C ASN A 7 1.93 1.06 -8.48
N TYR A 8 1.37 1.99 -7.77
CA TYR A 8 0.15 2.69 -8.27
C TYR A 8 0.44 3.34 -9.62
N GLU A 9 1.68 3.54 -9.94
CA GLU A 9 2.03 4.17 -11.25
C GLU A 9 1.79 3.17 -12.38
N THR A 10 2.16 1.93 -12.19
CA THR A 10 1.94 0.92 -13.26
C THR A 10 0.45 0.86 -13.60
N LEU A 11 -0.40 1.08 -12.64
CA LEU A 11 -1.85 1.05 -12.92
C LEU A 11 -2.26 2.29 -13.71
N ASP A 12 -1.70 3.43 -13.36
CA ASP A 12 -2.04 4.68 -14.09
C ASP A 12 -1.26 4.75 -15.41
N ASP A 13 -0.01 4.39 -15.38
CA ASP A 13 0.81 4.42 -16.63
C ASP A 13 0.28 3.41 -17.64
N GLN A 14 -0.11 2.25 -17.17
CA GLN A 14 -0.63 1.21 -18.10
C GLN A 14 -2.11 1.46 -18.40
N GLY A 15 -2.83 1.99 -17.44
CA GLY A 15 -4.27 2.27 -17.67
C GLY A 15 -5.07 0.96 -17.59
N TRP A 16 -4.82 0.17 -16.58
CA TRP A 16 -5.55 -1.12 -16.45
C TRP A 16 -6.52 -1.05 -15.26
N ASP A 17 -7.03 -2.18 -14.84
CA ASP A 17 -7.98 -2.19 -13.69
C ASP A 17 -7.44 -3.07 -12.56
N MET A 18 -7.74 -2.71 -11.34
CA MET A 18 -7.26 -3.53 -10.18
C MET A 18 -8.12 -4.78 -10.02
N ASP A 19 -9.38 -4.68 -10.31
CA ASP A 19 -10.28 -5.87 -10.18
C ASP A 19 -10.28 -6.68 -11.47
N ASP A 20 -10.32 -6.02 -12.59
CA ASP A 20 -10.33 -6.75 -13.90
C ASP A 20 -8.93 -7.22 -14.25
N ASP A 21 -8.12 -6.35 -14.82
CA ASP A 21 -6.73 -6.76 -15.19
C ASP A 21 -6.01 -7.38 -13.98
N ASP A 22 -6.50 -7.12 -12.79
CA ASP A 22 -5.83 -7.68 -11.59
C ASP A 22 -4.32 -7.56 -11.71
N LEU A 23 -3.82 -6.37 -11.91
CA LEU A 23 -2.34 -6.18 -12.04
C LEU A 23 -1.59 -7.08 -11.06
N PHE A 24 -2.15 -7.32 -9.91
CA PHE A 24 -1.47 -8.20 -8.92
C PHE A 24 -1.16 -9.55 -9.56
N GLU A 25 -1.90 -9.93 -10.56
CA GLU A 25 -1.63 -11.24 -11.23
C GLU A 25 -1.02 -11.01 -12.61
N LYS A 26 -1.53 -10.07 -13.35
CA LYS A 26 -0.96 -9.81 -14.72
C LYS A 26 0.45 -9.22 -14.59
N ALA A 27 0.77 -8.64 -13.47
CA ALA A 27 2.13 -8.06 -13.29
C ALA A 27 3.18 -9.18 -13.21
N ALA A 28 2.78 -10.35 -12.80
CA ALA A 28 3.74 -11.48 -12.69
C ALA A 28 4.19 -11.91 -14.09
N ASP A 29 3.36 -11.72 -15.08
CA ASP A 29 3.75 -12.12 -16.47
C ASP A 29 4.32 -10.91 -17.22
N ALA A 30 4.56 -9.82 -16.53
CA ALA A 30 5.11 -8.62 -17.19
C ALA A 30 6.57 -8.40 -16.78
N GLY A 31 6.96 -8.94 -15.66
CA GLY A 31 8.37 -8.77 -15.19
C GLY A 31 8.54 -7.39 -14.56
N LEU A 32 7.48 -6.84 -14.02
CA LEU A 32 7.57 -5.50 -13.39
C LEU A 32 8.68 -5.49 -12.33
N ASP A 33 9.45 -4.44 -12.25
CA ASP A 33 10.53 -4.37 -11.23
C ASP A 33 9.98 -4.74 -9.85
N GLY A 34 10.84 -5.18 -8.97
CA GLY A 34 10.36 -5.57 -7.61
C GLY A 34 10.03 -4.30 -6.81
N GLU A 35 10.68 -3.21 -7.12
CA GLU A 35 10.40 -1.94 -6.38
C GLU A 35 8.99 -1.44 -6.68
N ASP A 36 8.31 -2.07 -7.60
CA ASP A 36 6.93 -1.63 -7.95
C ASP A 36 5.93 -2.75 -7.65
N TYR A 37 6.19 -3.95 -8.10
CA TYR A 37 5.25 -5.06 -7.84
C TYR A 37 5.99 -6.25 -7.20
N GLY A 38 5.38 -6.90 -6.26
CA GLY A 38 6.05 -8.07 -5.60
C GLY A 38 5.33 -8.38 -4.29
N THR A 39 5.64 -9.51 -3.70
CA THR A 39 4.99 -9.88 -2.41
C THR A 39 5.79 -9.35 -1.22
N MET A 40 5.17 -8.59 -0.36
CA MET A 40 5.90 -8.04 0.82
C MET A 40 5.83 -9.04 1.98
N GLU A 41 6.91 -9.23 2.68
CA GLU A 41 6.91 -10.18 3.83
C GLU A 41 6.94 -9.41 5.16
N VAL A 42 5.92 -9.56 5.96
CA VAL A 42 5.90 -8.84 7.26
C VAL A 42 6.06 -9.84 8.42
N ALA A 43 7.10 -9.69 9.18
CA ALA A 43 7.32 -10.64 10.32
C ALA A 43 6.36 -10.32 11.46
N GLU A 44 5.64 -11.29 11.94
CA GLU A 44 4.68 -11.03 13.05
C GLU A 44 5.36 -10.19 14.15
N GLY A 45 4.87 -9.01 14.38
CA GLY A 45 5.48 -8.13 15.42
C GLY A 45 6.26 -7.01 14.74
N GLU A 46 6.25 -6.96 13.44
CA GLU A 46 6.99 -5.88 12.73
C GLU A 46 6.02 -5.00 11.94
N TYR A 47 6.16 -3.71 12.04
CA TYR A 47 5.24 -2.80 11.30
C TYR A 47 5.40 -2.99 9.79
N ILE A 48 4.31 -3.10 9.08
CA ILE A 48 4.40 -3.30 7.61
C ILE A 48 5.42 -2.32 7.00
N LEU A 49 5.15 -1.04 7.08
CA LEU A 49 6.12 -0.06 6.51
C LEU A 49 7.54 -0.41 6.94
N GLU A 50 7.70 -0.99 8.10
CA GLU A 50 9.07 -1.35 8.57
C GLU A 50 9.52 -2.65 7.90
N ALA A 51 8.69 -3.65 7.88
CA ALA A 51 9.08 -4.94 7.24
C ALA A 51 9.49 -4.70 5.78
N ALA A 52 8.74 -3.89 5.09
CA ALA A 52 9.06 -3.61 3.66
C ALA A 52 10.22 -2.61 3.58
N GLU A 53 10.37 -1.78 4.57
CA GLU A 53 11.48 -0.79 4.55
C GLU A 53 12.83 -1.50 4.53
N ALA A 54 12.92 -2.60 5.23
CA ALA A 54 14.20 -3.36 5.25
C ALA A 54 14.36 -4.15 3.95
N GLN A 55 13.38 -4.11 3.10
CA GLN A 55 13.48 -4.86 1.80
C GLN A 55 13.81 -3.89 0.66
N GLY A 56 13.49 -2.63 0.83
CA GLY A 56 13.79 -1.64 -0.25
C GLY A 56 12.47 -1.01 -0.73
N TYR A 57 11.46 -1.01 0.10
CA TYR A 57 10.16 -0.41 -0.31
C TYR A 57 10.00 0.98 0.31
N ASP A 58 10.23 2.02 -0.46
CA ASP A 58 10.09 3.39 0.09
C ASP A 58 8.64 3.89 -0.05
N TRP A 59 7.96 4.09 1.04
CA TRP A 59 6.55 4.57 0.97
C TRP A 59 6.50 6.07 1.29
N PRO A 60 5.69 6.77 0.56
CA PRO A 60 5.54 8.23 0.77
C PRO A 60 4.77 8.52 2.06
N PHE A 61 5.40 8.32 3.19
CA PHE A 61 4.71 8.57 4.49
C PHE A 61 5.12 9.93 5.06
N SER A 62 4.31 10.50 5.90
CA SER A 62 4.64 11.82 6.50
C SER A 62 3.66 12.15 7.63
N CYS A 63 3.90 11.62 8.81
CA CYS A 63 2.98 11.90 9.95
C CYS A 63 3.32 13.24 10.58
N ARG A 64 4.18 14.02 9.96
CA ARG A 64 4.55 15.34 10.54
C ARG A 64 3.28 16.15 10.83
N ALA A 65 2.23 15.89 10.12
CA ALA A 65 0.96 16.65 10.36
C ALA A 65 0.32 16.20 11.68
N GLY A 66 -0.16 17.13 12.46
CA GLY A 66 -0.80 16.77 13.75
C GLY A 66 -1.72 15.55 13.54
N ALA A 67 -1.50 14.49 14.27
CA ALA A 67 -2.35 13.28 14.12
C ALA A 67 -2.41 12.87 12.64
N CYS A 68 -1.57 11.95 12.24
CA CYS A 68 -1.58 11.51 10.81
C CYS A 68 -2.98 11.04 10.41
N ALA A 69 -3.46 11.48 9.29
CA ALA A 69 -4.82 11.06 8.84
C ALA A 69 -4.72 9.85 7.90
N ASN A 70 -4.13 10.03 6.75
CA ASN A 70 -4.00 8.89 5.80
C ASN A 70 -2.55 8.72 5.36
N CYS A 71 -2.20 7.58 4.82
CA CYS A 71 -0.80 7.35 4.38
C CYS A 71 -0.71 7.43 2.85
N ALA A 72 -0.62 6.32 2.17
CA ALA A 72 -0.52 6.36 0.68
C ALA A 72 -0.44 4.95 0.10
N SER A 73 -1.44 4.14 0.33
CA SER A 73 -1.41 2.75 -0.21
C SER A 73 -2.84 2.26 -0.48
N ILE A 74 -3.12 1.86 -1.69
CA ILE A 74 -4.49 1.38 -2.02
C ILE A 74 -4.61 -0.12 -1.70
N VAL A 75 -4.80 -0.46 -0.46
CA VAL A 75 -4.93 -1.90 -0.11
C VAL A 75 -5.99 -2.56 -0.99
N LYS A 76 -5.59 -3.45 -1.87
CA LYS A 76 -6.58 -4.12 -2.75
C LYS A 76 -7.26 -5.29 -2.03
N GLU A 77 -6.74 -5.69 -0.90
CA GLU A 77 -7.36 -6.82 -0.16
C GLU A 77 -6.60 -7.10 1.14
N GLY A 78 -7.22 -7.79 2.06
CA GLY A 78 -6.53 -8.09 3.35
C GLY A 78 -6.68 -6.91 4.30
N GLU A 79 -6.51 -7.13 5.57
CA GLU A 79 -6.64 -6.01 6.56
C GLU A 79 -5.46 -6.02 7.52
N ILE A 80 -5.22 -4.93 8.19
CA ILE A 80 -4.08 -4.88 9.16
C ILE A 80 -4.59 -4.56 10.56
N ASP A 81 -3.82 -4.82 11.57
CA ASP A 81 -4.26 -4.53 12.95
C ASP A 81 -3.30 -3.55 13.63
N MET A 82 -3.80 -2.46 14.14
CA MET A 82 -2.93 -1.47 14.82
C MET A 82 -3.44 -1.18 16.23
N ASP A 83 -2.79 -0.32 16.95
CA ASP A 83 -3.25 -0.01 18.34
C ASP A 83 -4.75 0.34 18.34
N MET A 84 -5.42 0.11 19.42
CA MET A 84 -6.88 0.43 19.48
C MET A 84 -7.10 1.93 19.27
N GLN A 85 -7.31 2.35 18.06
CA GLN A 85 -7.53 3.81 17.80
C GLN A 85 -8.30 3.99 16.49
N GLN A 86 -8.50 5.21 16.06
CA GLN A 86 -9.25 5.45 14.79
C GLN A 86 -8.57 6.56 13.98
N ILE A 87 -7.59 6.22 13.19
CA ILE A 87 -6.90 7.26 12.37
C ILE A 87 -7.50 7.31 10.96
N LEU A 88 -8.41 6.42 10.67
CA LEU A 88 -9.05 6.42 9.33
C LEU A 88 -10.46 5.84 9.41
N SER A 89 -11.26 6.07 8.40
CA SER A 89 -12.66 5.53 8.43
C SER A 89 -12.78 4.31 7.51
N ASP A 90 -13.76 3.47 7.74
CA ASP A 90 -13.92 2.26 6.89
C ASP A 90 -14.16 2.69 5.44
N GLU A 91 -15.05 3.61 5.22
CA GLU A 91 -15.34 4.07 3.83
C GLU A 91 -14.03 4.50 3.16
N GLU A 92 -13.03 4.80 3.94
CA GLU A 92 -11.73 5.22 3.34
C GLU A 92 -11.02 4.01 2.74
N VAL A 93 -11.00 2.91 3.43
CA VAL A 93 -10.34 1.69 2.89
C VAL A 93 -11.26 1.00 1.89
N GLU A 94 -12.50 1.38 1.86
CA GLU A 94 -13.45 0.75 0.89
C GLU A 94 -13.65 1.67 -0.31
N GLU A 95 -13.54 2.95 -0.11
CA GLU A 95 -13.72 3.90 -1.24
C GLU A 95 -12.37 4.20 -1.90
N LYS A 96 -11.35 4.39 -1.12
CA LYS A 96 -10.01 4.67 -1.70
C LYS A 96 -9.04 3.54 -1.37
N ASP A 97 -9.39 2.68 -0.46
CA ASP A 97 -8.48 1.54 -0.10
C ASP A 97 -7.16 2.08 0.44
N VAL A 98 -7.17 3.27 0.98
CA VAL A 98 -5.90 3.85 1.52
C VAL A 98 -5.52 3.19 2.85
N ARG A 99 -4.30 2.78 2.98
CA ARG A 99 -3.85 2.13 4.25
C ARG A 99 -2.40 1.64 4.10
N LEU A 100 -1.46 2.44 4.56
CA LEU A 100 -0.02 2.02 4.46
C LEU A 100 0.42 1.33 5.75
N THR A 101 -0.39 1.35 6.77
CA THR A 101 0.00 0.69 8.05
C THR A 101 1.45 1.02 8.40
N CYS A 102 1.69 2.21 8.89
CA CYS A 102 3.09 2.60 9.25
C CYS A 102 3.40 2.13 10.68
N ILE A 103 2.41 1.76 11.43
CA ILE A 103 2.66 1.30 12.83
C ILE A 103 1.65 0.21 13.19
N GLY A 104 1.59 -0.84 12.43
CA GLY A 104 0.64 -1.94 12.74
C GLY A 104 1.08 -3.23 12.02
N SER A 105 0.58 -4.36 12.45
CA SER A 105 0.98 -5.63 11.78
C SER A 105 -0.16 -6.14 10.88
N PRO A 106 0.22 -6.88 9.87
CA PRO A 106 -0.77 -7.43 8.93
C PRO A 106 -1.51 -8.62 9.56
N ALA A 107 -2.81 -8.64 9.49
CA ALA A 107 -3.58 -9.77 10.09
C ALA A 107 -3.91 -10.80 9.02
N ALA A 108 -4.33 -10.36 7.87
CA ALA A 108 -4.67 -11.33 6.78
C ALA A 108 -3.41 -11.97 6.22
N ASP A 109 -3.44 -13.26 5.99
CA ASP A 109 -2.24 -13.96 5.44
C ASP A 109 -1.86 -13.37 4.08
N GLU A 110 -2.84 -12.99 3.30
CA GLU A 110 -2.54 -12.40 1.96
C GLU A 110 -3.22 -11.03 1.83
N VAL A 111 -2.45 -9.98 1.86
CA VAL A 111 -3.06 -8.62 1.74
C VAL A 111 -2.55 -7.91 0.48
N LYS A 112 -3.45 -7.51 -0.39
CA LYS A 112 -3.02 -6.81 -1.63
C LYS A 112 -3.03 -5.30 -1.39
N ILE A 113 -2.06 -4.60 -1.91
CA ILE A 113 -2.01 -3.13 -1.70
C ILE A 113 -1.11 -2.46 -2.75
N VAL A 114 -1.38 -1.22 -3.08
CA VAL A 114 -0.55 -0.52 -4.09
C VAL A 114 0.32 0.54 -3.39
N TYR A 115 1.61 0.48 -3.56
CA TYR A 115 2.50 1.47 -2.88
C TYR A 115 2.69 2.71 -3.77
N ASN A 116 3.20 3.77 -3.22
CA ASN A 116 3.41 5.03 -4.01
C ASN A 116 2.07 5.66 -4.38
N ALA A 117 1.15 5.74 -3.45
CA ALA A 117 -0.17 6.35 -3.75
C ALA A 117 0.00 7.85 -4.03
N LYS A 118 1.17 8.38 -3.80
CA LYS A 118 1.40 9.84 -4.07
C LYS A 118 1.17 10.15 -5.54
N HIS A 119 1.20 9.14 -6.38
CA HIS A 119 0.98 9.38 -7.84
C HIS A 119 -0.50 9.70 -8.11
N LEU A 120 -1.38 9.29 -7.22
CA LEU A 120 -2.83 9.58 -7.44
C LEU A 120 -3.03 11.02 -7.93
N ASP A 121 -3.73 11.19 -9.01
CA ASP A 121 -3.96 12.57 -9.53
C ASP A 121 -4.59 13.45 -8.45
N TYR A 122 -5.32 12.87 -7.55
CA TYR A 122 -5.97 13.68 -6.47
C TYR A 122 -4.95 14.04 -5.39
N LEU A 123 -3.95 13.23 -5.22
CA LEU A 123 -2.91 13.54 -4.18
C LEU A 123 -1.82 14.42 -4.77
N GLN A 124 -1.48 14.23 -6.01
CA GLN A 124 -0.42 15.06 -6.64
C GLN A 124 -0.61 16.53 -6.27
N ASN A 125 -1.82 16.93 -5.99
CA ASN A 125 -2.08 18.35 -5.63
C ASN A 125 -1.17 18.77 -4.46
N ARG A 126 -1.10 17.97 -3.44
CA ARG A 126 -0.25 18.32 -2.27
C ARG A 126 1.16 18.72 -2.75
N VAL A 127 1.67 18.06 -3.74
CA VAL A 127 3.03 18.39 -4.25
C VAL A 127 3.02 19.79 -4.89
N ILE A 128 3.96 20.62 -4.53
CA ILE A 128 4.01 22.00 -5.11
C ILE A 128 4.10 21.92 -6.63
N PRO A 1 2.33 -13.49 7.70
CA PRO A 1 1.38 -12.80 6.79
C PRO A 1 2.11 -12.27 5.55
N THR A 2 1.52 -12.43 4.39
CA THR A 2 2.18 -11.94 3.15
C THR A 2 1.35 -10.82 2.51
N VAL A 3 1.96 -9.70 2.24
CA VAL A 3 1.22 -8.57 1.61
C VAL A 3 1.85 -8.20 0.28
N GLU A 4 1.14 -8.36 -0.81
CA GLU A 4 1.72 -8.03 -2.14
C GLU A 4 1.59 -6.53 -2.41
N TYR A 5 2.70 -5.84 -2.52
CA TYR A 5 2.65 -4.37 -2.79
C TYR A 5 2.66 -4.11 -4.29
N LEU A 6 1.89 -3.16 -4.75
CA LEU A 6 1.86 -2.85 -6.21
C LEU A 6 2.06 -1.35 -6.44
N ASN A 7 3.13 -0.98 -7.10
CA ASN A 7 3.38 0.46 -7.36
C ASN A 7 2.16 1.09 -8.02
N TYR A 8 1.61 2.13 -7.45
CA TYR A 8 0.42 2.79 -8.05
C TYR A 8 0.74 3.27 -9.46
N GLU A 9 2.00 3.35 -9.80
CA GLU A 9 2.37 3.82 -11.17
C GLU A 9 1.98 2.78 -12.22
N THR A 10 2.05 1.53 -11.90
CA THR A 10 1.68 0.48 -12.88
C THR A 10 0.17 0.50 -13.13
N LEU A 11 -0.60 0.84 -12.14
CA LEU A 11 -2.08 0.89 -12.32
C LEU A 11 -2.46 2.08 -13.21
N ASP A 12 -1.82 3.20 -13.02
CA ASP A 12 -2.14 4.39 -13.85
C ASP A 12 -1.51 4.25 -15.24
N ASP A 13 -0.23 4.02 -15.29
CA ASP A 13 0.46 3.87 -16.60
C ASP A 13 -0.30 2.87 -17.46
N GLN A 14 -0.62 1.73 -16.92
CA GLN A 14 -1.37 0.71 -17.71
C GLN A 14 -2.87 1.03 -17.69
N GLY A 15 -3.30 1.82 -16.75
CA GLY A 15 -4.75 2.16 -16.67
C GLY A 15 -5.57 0.89 -16.46
N TRP A 16 -5.07 -0.02 -15.66
CA TRP A 16 -5.82 -1.29 -15.42
C TRP A 16 -6.91 -1.05 -14.37
N ASP A 17 -7.55 -2.11 -13.93
CA ASP A 17 -8.62 -1.95 -12.90
C ASP A 17 -8.03 -2.15 -11.50
N MET A 18 -8.82 -1.92 -10.48
CA MET A 18 -8.31 -2.09 -9.10
C MET A 18 -8.30 -3.56 -8.68
N ASP A 19 -9.37 -4.28 -8.93
CA ASP A 19 -9.42 -5.71 -8.54
C ASP A 19 -10.09 -6.55 -9.63
N ASP A 20 -10.43 -5.95 -10.74
CA ASP A 20 -11.09 -6.74 -11.83
C ASP A 20 -10.04 -7.56 -12.59
N ASP A 21 -9.09 -6.90 -13.20
CA ASP A 21 -8.03 -7.65 -13.96
C ASP A 21 -6.98 -8.20 -13.00
N ASP A 22 -7.21 -8.10 -11.72
CA ASP A 22 -6.21 -8.62 -10.74
C ASP A 22 -4.81 -8.16 -11.14
N LEU A 23 -4.63 -6.87 -11.31
CA LEU A 23 -3.30 -6.33 -11.70
C LEU A 23 -2.17 -7.08 -10.98
N PHE A 24 -2.34 -7.32 -9.70
CA PHE A 24 -1.28 -8.06 -8.95
C PHE A 24 -0.89 -9.32 -9.72
N GLU A 25 -1.80 -9.87 -10.47
CA GLU A 25 -1.49 -11.09 -11.25
C GLU A 25 -0.94 -10.72 -12.62
N LYS A 26 -1.48 -9.71 -13.25
CA LYS A 26 -0.97 -9.29 -14.58
C LYS A 26 0.42 -8.68 -14.44
N ALA A 27 0.78 -8.25 -13.26
CA ALA A 27 2.12 -7.65 -13.06
C ALA A 27 3.19 -8.73 -13.13
N ALA A 28 2.86 -9.93 -12.70
CA ALA A 28 3.86 -11.03 -12.75
C ALA A 28 4.27 -11.32 -14.19
N ASP A 29 3.40 -11.06 -15.12
CA ASP A 29 3.74 -11.32 -16.55
C ASP A 29 4.55 -10.15 -17.13
N ALA A 30 4.63 -9.07 -16.40
CA ALA A 30 5.41 -7.89 -16.90
C ALA A 30 6.82 -7.90 -16.32
N GLY A 31 7.06 -8.71 -15.32
CA GLY A 31 8.42 -8.76 -14.72
C GLY A 31 8.80 -7.38 -14.18
N LEU A 32 7.84 -6.66 -13.68
CA LEU A 32 8.12 -5.30 -13.14
C LEU A 32 9.30 -5.36 -12.14
N ASP A 33 9.80 -4.23 -11.74
CA ASP A 33 10.94 -4.21 -10.77
C ASP A 33 10.44 -4.62 -9.38
N GLY A 34 11.34 -4.95 -8.50
CA GLY A 34 10.93 -5.35 -7.12
C GLY A 34 10.56 -4.11 -6.31
N GLU A 35 11.05 -2.97 -6.69
CA GLU A 35 10.72 -1.71 -5.94
C GLU A 35 9.34 -1.20 -6.34
N ASP A 36 8.60 -1.96 -7.10
CA ASP A 36 7.24 -1.50 -7.52
C ASP A 36 6.22 -2.61 -7.30
N TYR A 37 6.55 -3.82 -7.68
CA TYR A 37 5.59 -4.94 -7.49
C TYR A 37 6.31 -6.15 -6.88
N GLY A 38 5.71 -6.78 -5.91
CA GLY A 38 6.36 -7.96 -5.28
C GLY A 38 5.54 -8.40 -4.06
N THR A 39 5.79 -9.58 -3.55
CA THR A 39 5.03 -10.06 -2.37
C THR A 39 5.75 -9.66 -1.08
N MET A 40 5.14 -8.81 -0.28
CA MET A 40 5.79 -8.38 0.98
C MET A 40 5.51 -9.40 2.10
N GLU A 41 6.43 -10.30 2.33
CA GLU A 41 6.22 -11.31 3.41
C GLU A 41 6.86 -10.83 4.71
N VAL A 42 6.07 -10.41 5.66
CA VAL A 42 6.64 -9.94 6.95
C VAL A 42 6.14 -10.80 8.11
N ALA A 43 6.89 -10.86 9.18
CA ALA A 43 6.47 -11.69 10.35
C ALA A 43 5.24 -11.07 11.01
N GLU A 44 4.27 -11.88 11.36
CA GLU A 44 3.04 -11.34 12.01
C GLU A 44 3.42 -10.50 13.23
N GLY A 45 3.15 -9.22 13.20
CA GLY A 45 3.50 -8.35 14.35
C GLY A 45 4.58 -7.36 13.93
N GLU A 46 4.89 -7.30 12.66
CA GLU A 46 5.94 -6.35 12.18
C GLU A 46 5.33 -5.30 11.25
N TYR A 47 5.86 -4.12 11.24
CA TYR A 47 5.32 -3.06 10.36
C TYR A 47 5.80 -3.26 8.92
N ILE A 48 4.90 -3.34 7.99
CA ILE A 48 5.31 -3.54 6.56
C ILE A 48 6.43 -2.58 6.19
N LEU A 49 6.23 -1.30 6.37
CA LEU A 49 7.29 -0.32 6.01
C LEU A 49 8.64 -0.78 6.56
N GLU A 50 8.65 -1.40 7.72
CA GLU A 50 9.94 -1.87 8.29
C GLU A 50 10.48 -3.06 7.49
N ALA A 51 9.65 -4.04 7.25
CA ALA A 51 10.12 -5.23 6.47
C ALA A 51 10.74 -4.78 5.14
N ALA A 52 10.11 -3.86 4.48
CA ALA A 52 10.65 -3.37 3.18
C ALA A 52 11.76 -2.35 3.42
N GLU A 53 11.67 -1.61 4.49
CA GLU A 53 12.72 -0.59 4.78
C GLU A 53 14.10 -1.25 4.83
N ALA A 54 14.16 -2.47 5.27
CA ALA A 54 15.47 -3.19 5.34
C ALA A 54 15.90 -3.65 3.95
N GLN A 55 15.03 -3.54 2.98
CA GLN A 55 15.40 -3.99 1.60
C GLN A 55 15.68 -2.76 0.72
N GLY A 56 15.08 -1.65 1.03
CA GLY A 56 15.32 -0.43 0.20
C GLY A 56 13.99 0.05 -0.41
N TYR A 57 12.90 -0.23 0.25
CA TYR A 57 11.58 0.21 -0.30
C TYR A 57 11.26 1.64 0.16
N ASP A 58 10.81 2.47 -0.73
CA ASP A 58 10.46 3.87 -0.34
C ASP A 58 8.96 4.01 -0.12
N TRP A 59 8.56 4.90 0.75
CA TRP A 59 7.10 5.08 1.01
C TRP A 59 6.78 6.56 1.25
N PRO A 60 5.53 6.89 1.08
CA PRO A 60 5.09 8.29 1.28
C PRO A 60 5.06 8.64 2.78
N PHE A 61 6.22 8.82 3.36
CA PHE A 61 6.28 9.17 4.81
C PHE A 61 5.68 10.56 5.05
N SER A 62 4.47 10.63 5.54
CA SER A 62 3.84 11.95 5.79
C SER A 62 3.06 11.93 7.11
N CYS A 63 3.48 11.13 8.05
CA CYS A 63 2.75 11.08 9.35
C CYS A 63 3.01 12.35 10.15
N ARG A 64 2.64 12.36 11.41
CA ARG A 64 2.88 13.58 12.24
C ARG A 64 2.75 13.24 13.73
N ALA A 65 3.26 12.11 14.14
CA ALA A 65 3.15 11.73 15.58
C ALA A 65 1.75 12.02 16.11
N GLY A 66 0.86 11.07 16.01
CA GLY A 66 -0.53 11.29 16.51
C GLY A 66 -1.51 11.00 15.38
N ALA A 67 -2.01 12.01 14.72
CA ALA A 67 -2.98 11.78 13.60
C ALA A 67 -2.21 11.61 12.29
N CYS A 68 -2.88 11.18 11.25
CA CYS A 68 -2.20 10.99 9.95
C CYS A 68 -3.20 11.08 8.80
N ALA A 69 -3.91 10.02 8.54
CA ALA A 69 -4.91 10.05 7.43
C ALA A 69 -4.29 10.67 6.17
N ASN A 70 -3.00 10.62 6.05
CA ASN A 70 -2.33 11.21 4.85
C ASN A 70 -1.41 10.18 4.19
N CYS A 71 -1.37 8.98 4.71
CA CYS A 71 -0.49 7.94 4.10
C CYS A 71 -0.87 7.71 2.64
N ALA A 72 -0.49 6.58 2.08
CA ALA A 72 -0.84 6.32 0.65
C ALA A 72 -0.73 4.81 0.35
N SER A 73 -1.77 4.08 0.60
CA SER A 73 -1.74 2.61 0.31
C SER A 73 -3.14 2.13 -0.08
N ILE A 74 -3.34 1.76 -1.31
CA ILE A 74 -4.69 1.29 -1.74
C ILE A 74 -4.85 -0.21 -1.50
N VAL A 75 -5.11 -0.61 -0.29
CA VAL A 75 -5.27 -2.07 -0.01
C VAL A 75 -6.26 -2.67 -1.00
N LYS A 76 -5.79 -3.52 -1.89
CA LYS A 76 -6.72 -4.14 -2.88
C LYS A 76 -7.41 -5.36 -2.28
N GLU A 77 -6.98 -5.80 -1.13
CA GLU A 77 -7.62 -6.99 -0.50
C GLU A 77 -6.94 -7.32 0.84
N GLY A 78 -7.53 -8.17 1.62
CA GLY A 78 -6.93 -8.53 2.93
C GLY A 78 -7.22 -7.42 3.95
N GLU A 79 -6.57 -7.44 5.07
CA GLU A 79 -6.81 -6.38 6.10
C GLU A 79 -5.57 -6.20 6.98
N ILE A 80 -5.22 -4.97 7.26
CA ILE A 80 -4.02 -4.72 8.10
C ILE A 80 -4.46 -4.42 9.55
N ASP A 81 -3.53 -4.27 10.45
CA ASP A 81 -3.89 -3.97 11.86
C ASP A 81 -3.24 -2.67 12.32
N MET A 82 -3.78 -2.05 13.33
CA MET A 82 -3.19 -0.77 13.83
C MET A 82 -3.50 -0.58 15.32
N ASP A 83 -2.54 -0.15 16.08
CA ASP A 83 -2.78 0.05 17.54
C ASP A 83 -3.94 1.04 17.76
N MET A 84 -4.48 1.08 18.95
CA MET A 84 -5.59 2.02 19.22
C MET A 84 -5.24 3.43 18.72
N GLN A 85 -6.00 3.96 17.82
CA GLN A 85 -5.71 5.32 17.28
C GLN A 85 -6.85 5.79 16.39
N GLN A 86 -6.58 6.69 15.48
CA GLN A 86 -7.65 7.19 14.57
C GLN A 86 -7.70 6.35 13.29
N ILE A 87 -8.55 5.36 13.24
CA ILE A 87 -8.64 4.51 12.02
C ILE A 87 -9.35 5.26 10.90
N LEU A 88 -9.32 4.74 9.70
CA LEU A 88 -10.00 5.43 8.57
C LEU A 88 -11.48 5.06 8.54
N SER A 89 -12.17 5.45 7.49
CA SER A 89 -13.62 5.13 7.40
C SER A 89 -13.86 4.10 6.29
N ASP A 90 -14.80 3.21 6.49
CA ASP A 90 -15.07 2.17 5.45
C ASP A 90 -15.19 2.82 4.07
N GLU A 91 -15.93 3.89 3.97
CA GLU A 91 -16.09 4.57 2.65
C GLU A 91 -14.71 4.89 2.07
N GLU A 92 -13.75 5.11 2.92
CA GLU A 92 -12.37 5.43 2.42
C GLU A 92 -11.67 4.14 2.00
N VAL A 93 -11.86 3.07 2.74
CA VAL A 93 -11.21 1.79 2.37
C VAL A 93 -11.98 1.09 1.25
N GLU A 94 -13.22 1.48 1.04
CA GLU A 94 -14.02 0.85 -0.05
C GLU A 94 -13.89 1.65 -1.34
N GLU A 95 -13.96 2.94 -1.26
CA GLU A 95 -13.84 3.78 -2.49
C GLU A 95 -12.39 4.22 -2.68
N LYS A 96 -11.61 4.21 -1.64
CA LYS A 96 -10.19 4.64 -1.76
C LYS A 96 -9.25 3.50 -1.38
N ASP A 97 -9.75 2.49 -0.72
CA ASP A 97 -8.88 1.35 -0.32
C ASP A 97 -7.63 1.87 0.37
N VAL A 98 -7.68 3.06 0.90
CA VAL A 98 -6.49 3.64 1.58
C VAL A 98 -6.29 3.00 2.95
N ARG A 99 -5.07 2.83 3.38
CA ARG A 99 -4.81 2.21 4.71
C ARG A 99 -3.41 2.62 5.20
N LEU A 100 -3.12 2.37 6.45
CA LEU A 100 -1.78 2.74 6.98
C LEU A 100 -0.78 1.61 6.76
N THR A 101 0.36 1.91 6.21
CA THR A 101 1.37 0.84 5.96
C THR A 101 2.65 1.15 6.75
N CYS A 102 2.73 2.32 7.34
CA CYS A 102 3.94 2.67 8.14
C CYS A 102 4.02 1.80 9.39
N ILE A 103 3.42 2.23 10.47
CA ILE A 103 3.47 1.41 11.71
C ILE A 103 2.25 0.48 11.77
N GLY A 104 1.97 -0.20 10.69
CA GLY A 104 0.80 -1.12 10.69
C GLY A 104 1.25 -2.56 10.43
N SER A 105 0.55 -3.51 10.98
CA SER A 105 0.93 -4.94 10.77
C SER A 105 -0.19 -5.67 10.00
N PRO A 106 0.21 -6.56 9.13
CA PRO A 106 -0.77 -7.33 8.33
C PRO A 106 -1.44 -8.40 9.20
N ALA A 107 -2.67 -8.71 8.92
CA ALA A 107 -3.39 -9.74 9.74
C ALA A 107 -3.79 -10.93 8.87
N ALA A 108 -4.12 -10.69 7.63
CA ALA A 108 -4.52 -11.81 6.74
C ALA A 108 -3.29 -12.48 6.12
N ASP A 109 -3.41 -13.70 5.70
CA ASP A 109 -2.24 -14.41 5.09
C ASP A 109 -1.81 -13.68 3.81
N GLU A 110 -2.73 -13.48 2.90
CA GLU A 110 -2.38 -12.78 1.63
C GLU A 110 -3.17 -11.48 1.52
N VAL A 111 -2.53 -10.35 1.62
CA VAL A 111 -3.26 -9.06 1.51
C VAL A 111 -2.76 -8.26 0.30
N LYS A 112 -3.66 -7.67 -0.44
CA LYS A 112 -3.24 -6.88 -1.64
C LYS A 112 -3.27 -5.38 -1.31
N ILE A 113 -2.28 -4.66 -1.75
CA ILE A 113 -2.25 -3.19 -1.46
C ILE A 113 -1.31 -2.48 -2.44
N VAL A 114 -1.65 -1.29 -2.84
CA VAL A 114 -0.78 -0.54 -3.80
C VAL A 114 0.12 0.43 -3.02
N TYR A 115 1.42 0.31 -3.19
CA TYR A 115 2.35 1.21 -2.46
C TYR A 115 2.61 2.49 -3.26
N ASN A 116 3.04 3.54 -2.61
CA ASN A 116 3.30 4.82 -3.33
C ASN A 116 2.00 5.44 -3.82
N ALA A 117 0.93 5.26 -3.10
CA ALA A 117 -0.37 5.85 -3.53
C ALA A 117 -0.28 7.38 -3.52
N LYS A 118 0.68 7.92 -2.84
CA LYS A 118 0.81 9.40 -2.80
C LYS A 118 0.88 9.96 -4.23
N HIS A 119 1.18 9.12 -5.19
CA HIS A 119 1.26 9.60 -6.60
C HIS A 119 -0.14 9.83 -7.15
N LEU A 120 -1.15 9.30 -6.50
CA LEU A 120 -2.54 9.50 -7.01
C LEU A 120 -2.76 10.97 -7.40
N ASP A 121 -3.44 11.20 -8.49
CA ASP A 121 -3.68 12.60 -8.93
C ASP A 121 -4.83 13.21 -8.12
N TYR A 122 -5.76 12.39 -7.69
CA TYR A 122 -6.91 12.92 -6.90
C TYR A 122 -6.46 13.22 -5.46
N LEU A 123 -5.31 12.76 -5.07
CA LEU A 123 -4.83 13.00 -3.69
C LEU A 123 -3.74 14.09 -3.69
N GLN A 124 -2.95 14.13 -4.73
CA GLN A 124 -1.87 15.17 -4.78
C GLN A 124 -2.48 16.55 -5.02
N ASN A 125 -3.64 16.61 -5.60
CA ASN A 125 -4.28 17.94 -5.85
C ASN A 125 -4.60 18.64 -4.53
N ARG A 126 -4.48 17.93 -3.43
CA ARG A 126 -4.77 18.55 -2.11
C ARG A 126 -3.84 19.74 -1.86
N VAL A 127 -2.64 19.68 -2.39
CA VAL A 127 -1.69 20.81 -2.17
C VAL A 127 -2.04 21.97 -3.11
N ILE A 128 -2.83 22.90 -2.65
CA ILE A 128 -3.20 24.06 -3.50
C ILE A 128 -2.13 25.15 -3.42
N PRO A 1 2.04 -14.13 6.91
CA PRO A 1 1.90 -12.65 6.77
C PRO A 1 2.50 -12.17 5.44
N THR A 2 1.99 -12.67 4.35
CA THR A 2 2.53 -12.24 3.02
C THR A 2 1.66 -11.12 2.43
N VAL A 3 2.27 -10.17 1.78
CA VAL A 3 1.48 -9.06 1.18
C VAL A 3 2.04 -8.67 -0.18
N GLU A 4 1.22 -8.66 -1.20
CA GLU A 4 1.71 -8.29 -2.56
C GLU A 4 1.63 -6.77 -2.74
N TYR A 5 2.76 -6.13 -2.93
CA TYR A 5 2.75 -4.65 -3.12
C TYR A 5 2.74 -4.29 -4.60
N LEU A 6 1.92 -3.35 -4.99
CA LEU A 6 1.85 -2.94 -6.43
C LEU A 6 1.97 -1.41 -6.53
N ASN A 7 2.94 -0.93 -7.26
CA ASN A 7 3.10 0.55 -7.39
C ASN A 7 1.83 1.18 -7.95
N TYR A 8 1.33 2.20 -7.30
CA TYR A 8 0.09 2.87 -7.79
C TYR A 8 0.29 3.36 -9.22
N GLU A 9 1.53 3.48 -9.65
CA GLU A 9 1.79 3.96 -11.03
C GLU A 9 1.28 2.93 -12.05
N THR A 10 1.53 1.67 -11.81
CA THR A 10 1.05 0.64 -12.76
C THR A 10 -0.47 0.67 -12.85
N LEU A 11 -1.13 0.97 -11.76
CA LEU A 11 -2.62 1.04 -11.78
C LEU A 11 -3.08 2.21 -12.63
N ASP A 12 -2.46 3.35 -12.49
CA ASP A 12 -2.87 4.54 -13.29
C ASP A 12 -2.27 4.45 -14.70
N ASP A 13 -0.97 4.42 -14.79
CA ASP A 13 -0.33 4.34 -16.14
C ASP A 13 -1.06 3.32 -17.02
N GLN A 14 -1.26 2.14 -16.52
CA GLN A 14 -1.97 1.10 -17.34
C GLN A 14 -3.46 1.43 -17.41
N GLY A 15 -4.02 1.96 -16.35
CA GLY A 15 -5.47 2.30 -16.36
C GLY A 15 -6.29 1.02 -16.17
N TRP A 16 -6.01 0.28 -15.13
CA TRP A 16 -6.77 -0.97 -14.87
C TRP A 16 -7.63 -0.82 -13.62
N ASP A 17 -8.20 -1.90 -13.14
CA ASP A 17 -9.06 -1.81 -11.92
C ASP A 17 -8.25 -2.20 -10.69
N MET A 18 -8.90 -2.40 -9.57
CA MET A 18 -8.16 -2.78 -8.33
C MET A 18 -7.75 -4.25 -8.39
N ASP A 19 -8.64 -5.11 -8.80
CA ASP A 19 -8.29 -6.57 -8.89
C ASP A 19 -8.97 -7.20 -10.10
N ASP A 20 -9.39 -6.39 -11.04
CA ASP A 20 -10.07 -6.95 -12.25
C ASP A 20 -9.08 -7.75 -13.09
N ASP A 21 -8.10 -7.10 -13.65
CA ASP A 21 -7.09 -7.83 -14.48
C ASP A 21 -6.06 -8.52 -13.61
N ASP A 22 -6.28 -8.55 -12.32
CA ASP A 22 -5.30 -9.22 -11.41
C ASP A 22 -3.88 -8.75 -11.76
N LEU A 23 -3.67 -7.47 -11.82
CA LEU A 23 -2.31 -6.95 -12.15
C LEU A 23 -1.24 -7.72 -11.39
N PHE A 24 -1.53 -8.11 -10.17
CA PHE A 24 -0.53 -8.86 -9.37
C PHE A 24 -0.10 -10.13 -10.13
N GLU A 25 -0.89 -10.56 -11.06
CA GLU A 25 -0.54 -11.79 -11.84
C GLU A 25 -0.03 -11.40 -13.23
N LYS A 26 -0.69 -10.47 -13.88
CA LYS A 26 -0.24 -10.05 -15.24
C LYS A 26 1.03 -9.21 -15.13
N ALA A 27 1.28 -8.64 -13.99
CA ALA A 27 2.51 -7.81 -13.83
C ALA A 27 3.76 -8.68 -14.00
N ALA A 28 3.65 -9.96 -13.73
CA ALA A 28 4.83 -10.85 -13.89
C ALA A 28 5.13 -11.07 -15.38
N ASP A 29 4.22 -10.70 -16.24
CA ASP A 29 4.45 -10.88 -17.70
C ASP A 29 5.31 -9.74 -18.24
N ALA A 30 5.15 -8.57 -17.70
CA ALA A 30 5.95 -7.41 -18.18
C ALA A 30 7.27 -7.32 -17.41
N GLY A 31 7.20 -7.31 -16.11
CA GLY A 31 8.45 -7.22 -15.29
C GLY A 31 8.62 -5.80 -14.78
N LEU A 32 7.81 -5.39 -13.85
CA LEU A 32 7.94 -4.01 -13.30
C LEU A 32 9.05 -3.95 -12.26
N ASP A 33 9.44 -2.77 -11.84
CA ASP A 33 10.52 -2.66 -10.82
C ASP A 33 10.16 -3.49 -9.58
N GLY A 34 11.14 -4.04 -8.93
CA GLY A 34 10.86 -4.86 -7.72
C GLY A 34 10.27 -3.97 -6.63
N GLU A 35 10.66 -2.73 -6.60
CA GLU A 35 10.10 -1.80 -5.57
C GLU A 35 8.71 -1.32 -5.99
N ASP A 36 8.20 -1.83 -7.07
CA ASP A 36 6.85 -1.41 -7.53
C ASP A 36 5.89 -2.59 -7.51
N TYR A 37 6.30 -3.73 -8.01
CA TYR A 37 5.41 -4.91 -8.01
C TYR A 37 6.16 -6.15 -7.53
N GLY A 38 5.60 -6.89 -6.61
CA GLY A 38 6.28 -8.11 -6.10
C GLY A 38 5.61 -8.57 -4.81
N THR A 39 6.10 -9.62 -4.21
CA THR A 39 5.48 -10.13 -2.95
C THR A 39 6.22 -9.55 -1.74
N MET A 40 5.50 -9.12 -0.75
CA MET A 40 6.16 -8.55 0.46
C MET A 40 6.22 -9.58 1.58
N GLU A 41 7.13 -9.43 2.50
CA GLU A 41 7.24 -10.40 3.63
C GLU A 41 7.24 -9.64 4.97
N VAL A 42 6.15 -9.70 5.69
CA VAL A 42 6.10 -8.98 7.00
C VAL A 42 6.11 -9.98 8.15
N ALA A 43 6.98 -9.79 9.10
CA ALA A 43 7.03 -10.72 10.27
C ALA A 43 5.93 -10.37 11.26
N GLU A 44 5.11 -11.32 11.61
CA GLU A 44 4.00 -11.04 12.58
C GLU A 44 4.51 -10.18 13.73
N GLY A 45 3.99 -8.99 13.87
CA GLY A 45 4.44 -8.09 14.97
C GLY A 45 5.32 -6.98 14.40
N GLU A 46 5.47 -6.94 13.10
CA GLU A 46 6.31 -5.87 12.48
C GLU A 46 5.47 -4.99 11.57
N TYR A 47 5.51 -3.70 11.77
CA TYR A 47 4.70 -2.79 10.91
C TYR A 47 5.03 -3.02 9.43
N ILE A 48 4.03 -3.03 8.58
CA ILE A 48 4.28 -3.26 7.14
C ILE A 48 5.40 -2.34 6.64
N LEU A 49 5.18 -1.05 6.65
CA LEU A 49 6.25 -0.12 6.18
C LEU A 49 7.62 -0.57 6.70
N GLU A 50 7.66 -1.13 7.87
CA GLU A 50 8.96 -1.61 8.42
C GLU A 50 9.35 -2.95 7.79
N ALA A 51 8.43 -3.88 7.74
CA ALA A 51 8.73 -5.21 7.14
C ALA A 51 9.30 -5.02 5.74
N ALA A 52 8.57 -4.34 4.89
CA ALA A 52 9.06 -4.12 3.49
C ALA A 52 10.30 -3.24 3.51
N GLU A 53 10.38 -2.32 4.44
CA GLU A 53 11.57 -1.43 4.50
C GLU A 53 12.83 -2.25 4.79
N ALA A 54 12.67 -3.41 5.37
CA ALA A 54 13.85 -4.26 5.69
C ALA A 54 14.45 -4.83 4.40
N GLN A 55 13.62 -5.07 3.41
CA GLN A 55 14.14 -5.62 2.13
C GLN A 55 14.68 -4.49 1.24
N GLY A 56 14.21 -3.29 1.44
CA GLY A 56 14.70 -2.15 0.60
C GLY A 56 13.51 -1.44 -0.04
N TYR A 57 12.31 -1.79 0.33
CA TYR A 57 11.12 -1.12 -0.26
C TYR A 57 11.04 0.34 0.22
N ASP A 58 10.33 1.17 -0.49
CA ASP A 58 10.22 2.59 -0.06
C ASP A 58 8.75 3.02 0.04
N TRP A 59 8.42 3.76 1.06
CA TRP A 59 7.01 4.23 1.21
C TRP A 59 6.99 5.71 1.61
N PRO A 60 5.95 6.38 1.19
CA PRO A 60 5.81 7.82 1.51
C PRO A 60 5.51 8.00 3.00
N PHE A 61 6.44 8.51 3.76
CA PHE A 61 6.20 8.69 5.21
C PHE A 61 6.73 10.04 5.69
N SER A 62 5.89 10.86 6.24
CA SER A 62 6.34 12.19 6.73
C SER A 62 5.67 12.51 8.08
N CYS A 63 5.62 11.54 8.95
CA CYS A 63 4.98 11.76 10.29
C CYS A 63 5.49 13.06 10.91
N ARG A 64 4.79 14.15 10.73
CA ARG A 64 5.23 15.44 11.33
C ARG A 64 4.23 16.55 11.00
N ALA A 65 4.26 17.62 11.74
CA ALA A 65 3.31 18.74 11.47
C ALA A 65 1.88 18.32 11.85
N GLY A 66 1.32 17.41 11.12
CA GLY A 66 -0.07 16.95 11.44
C GLY A 66 -0.51 15.92 10.39
N ALA A 67 -0.79 14.72 10.82
CA ALA A 67 -1.24 13.68 9.86
C ALA A 67 -0.10 13.35 8.87
N CYS A 68 -0.42 12.68 7.80
CA CYS A 68 0.64 12.34 6.80
C CYS A 68 0.04 12.25 5.40
N ALA A 69 -0.23 13.37 4.78
CA ALA A 69 -0.82 13.35 3.42
C ALA A 69 -0.04 12.38 2.52
N ASN A 70 1.24 12.62 2.35
CA ASN A 70 2.05 11.72 1.50
C ASN A 70 1.86 10.25 1.92
N CYS A 71 1.78 10.01 3.19
CA CYS A 71 1.59 8.60 3.67
C CYS A 71 0.21 8.08 3.23
N ALA A 72 0.16 7.37 2.15
CA ALA A 72 -1.15 6.83 1.67
C ALA A 72 -0.95 5.54 0.87
N SER A 73 -1.86 4.62 0.97
CA SER A 73 -1.73 3.35 0.21
C SER A 73 -3.11 2.92 -0.32
N ILE A 74 -3.19 1.77 -0.96
CA ILE A 74 -4.50 1.31 -1.49
C ILE A 74 -4.60 -0.22 -1.36
N VAL A 75 -5.07 -0.70 -0.24
CA VAL A 75 -5.20 -2.17 -0.04
C VAL A 75 -6.10 -2.78 -1.11
N LYS A 76 -5.58 -3.69 -1.90
CA LYS A 76 -6.42 -4.32 -2.96
C LYS A 76 -7.15 -5.54 -2.39
N GLU A 77 -6.79 -5.96 -1.20
CA GLU A 77 -7.47 -7.13 -0.58
C GLU A 77 -6.79 -7.47 0.75
N GLY A 78 -7.40 -8.31 1.54
CA GLY A 78 -6.79 -8.68 2.85
C GLY A 78 -7.16 -7.63 3.90
N GLU A 79 -6.56 -7.69 5.06
CA GLU A 79 -6.89 -6.69 6.12
C GLU A 79 -5.65 -6.38 6.96
N ILE A 80 -5.49 -5.15 7.36
CA ILE A 80 -4.30 -4.78 8.19
C ILE A 80 -4.75 -4.39 9.60
N ASP A 81 -3.96 -4.71 10.59
CA ASP A 81 -4.34 -4.36 11.99
C ASP A 81 -3.64 -3.06 12.40
N MET A 82 -4.39 -2.01 12.59
CA MET A 82 -3.77 -0.71 13.00
C MET A 82 -4.27 -0.30 14.38
N ASP A 83 -3.40 0.10 15.26
CA ASP A 83 -3.83 0.51 16.63
C ASP A 83 -4.54 1.87 16.57
N MET A 84 -5.59 2.03 17.33
CA MET A 84 -6.33 3.31 17.32
C MET A 84 -5.35 4.48 17.47
N GLN A 85 -5.31 5.37 16.51
CA GLN A 85 -4.38 6.52 16.61
C GLN A 85 -4.80 7.62 15.62
N GLN A 86 -4.90 7.28 14.37
CA GLN A 86 -5.31 8.31 13.35
C GLN A 86 -6.78 8.11 12.97
N ILE A 87 -7.39 9.12 12.40
CA ILE A 87 -8.82 8.98 12.02
C ILE A 87 -8.94 8.24 10.69
N LEU A 88 -9.79 7.26 10.63
CA LEU A 88 -9.97 6.49 9.35
C LEU A 88 -11.46 6.19 9.13
N SER A 89 -11.90 6.23 7.91
CA SER A 89 -13.34 5.95 7.64
C SER A 89 -13.49 4.68 6.81
N ASP A 90 -14.39 3.80 7.19
CA ASP A 90 -14.58 2.54 6.44
C ASP A 90 -14.70 2.84 4.94
N GLU A 91 -15.38 3.89 4.60
CA GLU A 91 -15.53 4.24 3.15
C GLU A 91 -14.15 4.42 2.51
N GLU A 92 -13.24 5.02 3.22
CA GLU A 92 -11.87 5.20 2.66
C GLU A 92 -11.31 3.86 2.21
N VAL A 93 -11.52 2.84 3.00
CA VAL A 93 -11.01 1.49 2.62
C VAL A 93 -11.94 0.84 1.59
N GLU A 94 -13.17 1.25 1.56
CA GLU A 94 -14.13 0.65 0.59
C GLU A 94 -14.06 1.38 -0.76
N GLU A 95 -13.80 2.66 -0.74
CA GLU A 95 -13.74 3.42 -2.02
C GLU A 95 -12.29 3.81 -2.34
N LYS A 96 -11.50 4.08 -1.35
CA LYS A 96 -10.08 4.47 -1.60
C LYS A 96 -9.12 3.34 -1.24
N ASP A 97 -9.59 2.36 -0.51
CA ASP A 97 -8.70 1.22 -0.13
C ASP A 97 -7.47 1.76 0.62
N VAL A 98 -7.56 2.94 1.17
CA VAL A 98 -6.39 3.51 1.90
C VAL A 98 -6.37 3.00 3.34
N ARG A 99 -5.25 3.09 4.00
CA ARG A 99 -5.15 2.61 5.41
C ARG A 99 -3.74 2.85 5.96
N LEU A 100 -3.65 3.44 7.12
CA LEU A 100 -2.31 3.70 7.72
C LEU A 100 -1.54 2.39 7.89
N THR A 101 -0.44 2.23 7.19
CA THR A 101 0.35 0.99 7.32
C THR A 101 1.72 1.28 7.94
N CYS A 102 1.85 2.41 8.58
CA CYS A 102 3.15 2.77 9.21
C CYS A 102 3.32 2.01 10.53
N ILE A 103 2.27 1.90 11.30
CA ILE A 103 2.38 1.17 12.59
C ILE A 103 1.28 0.11 12.71
N GLY A 104 0.98 -0.57 11.63
CA GLY A 104 -0.08 -1.61 11.67
C GLY A 104 0.48 -2.94 11.15
N SER A 105 -0.04 -4.04 11.62
CA SER A 105 0.46 -5.36 11.14
C SER A 105 -0.59 -6.05 10.28
N PRO A 106 -0.14 -6.97 9.47
CA PRO A 106 -1.05 -7.71 8.57
C PRO A 106 -1.87 -8.72 9.36
N ALA A 107 -3.18 -8.59 9.35
CA ALA A 107 -4.03 -9.55 10.09
C ALA A 107 -4.29 -10.79 9.24
N ALA A 108 -4.14 -10.68 7.95
CA ALA A 108 -4.38 -11.85 7.06
C ALA A 108 -3.06 -12.29 6.42
N ASP A 109 -2.84 -13.58 6.31
CA ASP A 109 -1.58 -14.05 5.68
C ASP A 109 -1.37 -13.39 4.32
N GLU A 110 -2.23 -13.66 3.37
CA GLU A 110 -2.08 -13.04 2.03
C GLU A 110 -2.83 -11.70 1.98
N VAL A 111 -2.16 -10.64 1.62
CA VAL A 111 -2.84 -9.32 1.56
C VAL A 111 -2.34 -8.52 0.35
N LYS A 112 -3.21 -7.79 -0.29
CA LYS A 112 -2.78 -6.99 -1.48
C LYS A 112 -2.99 -5.50 -1.23
N ILE A 113 -2.04 -4.70 -1.59
CA ILE A 113 -2.16 -3.22 -1.38
C ILE A 113 -1.20 -2.46 -2.30
N VAL A 114 -1.58 -1.29 -2.75
CA VAL A 114 -0.69 -0.51 -3.64
C VAL A 114 0.17 0.44 -2.80
N TYR A 115 1.44 0.54 -3.11
CA TYR A 115 2.31 1.46 -2.32
C TYR A 115 2.59 2.74 -3.10
N ASN A 116 3.07 3.77 -2.44
CA ASN A 116 3.37 5.05 -3.14
C ASN A 116 2.06 5.69 -3.62
N ALA A 117 1.06 5.74 -2.79
CA ALA A 117 -0.23 6.36 -3.21
C ALA A 117 -0.03 7.86 -3.45
N LYS A 118 1.01 8.43 -2.92
CA LYS A 118 1.25 9.88 -3.13
C LYS A 118 1.13 10.22 -4.61
N HIS A 119 1.32 9.26 -5.47
CA HIS A 119 1.22 9.52 -6.94
C HIS A 119 -0.20 9.95 -7.28
N LEU A 120 -1.17 9.53 -6.50
CA LEU A 120 -2.58 9.90 -6.78
C LEU A 120 -2.67 11.38 -7.18
N ASP A 121 -3.36 11.68 -8.24
CA ASP A 121 -3.48 13.10 -8.68
C ASP A 121 -4.20 13.93 -7.61
N TYR A 122 -5.10 13.32 -6.88
CA TYR A 122 -5.83 14.08 -5.83
C TYR A 122 -4.87 14.49 -4.73
N LEU A 123 -3.70 13.91 -4.68
CA LEU A 123 -2.72 14.27 -3.63
C LEU A 123 -1.56 15.06 -4.24
N GLN A 124 -1.31 14.87 -5.51
CA GLN A 124 -0.19 15.61 -6.17
C GLN A 124 -0.51 17.11 -6.23
N ASN A 125 -1.77 17.45 -6.22
CA ASN A 125 -2.14 18.89 -6.28
C ASN A 125 -1.46 19.67 -5.16
N ARG A 126 -1.09 19.00 -4.10
CA ARG A 126 -0.40 19.70 -2.97
C ARG A 126 1.10 19.83 -3.25
N VAL A 127 1.67 18.86 -3.91
CA VAL A 127 3.13 18.92 -4.21
C VAL A 127 3.42 20.10 -5.15
N ILE A 128 4.06 21.12 -4.65
CA ILE A 128 4.37 22.30 -5.52
C ILE A 128 5.89 22.46 -5.66
N PRO A 1 2.25 -13.90 7.25
CA PRO A 1 1.32 -13.08 6.41
C PRO A 1 2.05 -12.52 5.20
N THR A 2 1.53 -12.73 4.02
CA THR A 2 2.20 -12.21 2.80
C THR A 2 1.39 -11.05 2.20
N VAL A 3 2.02 -9.93 1.97
CA VAL A 3 1.29 -8.77 1.39
C VAL A 3 1.93 -8.34 0.08
N GLU A 4 1.23 -8.50 -1.02
CA GLU A 4 1.80 -8.10 -2.33
C GLU A 4 1.61 -6.60 -2.56
N TYR A 5 2.68 -5.88 -2.72
CA TYR A 5 2.56 -4.40 -2.95
C TYR A 5 2.59 -4.09 -4.44
N LEU A 6 1.77 -3.17 -4.88
CA LEU A 6 1.75 -2.82 -6.33
C LEU A 6 1.87 -1.30 -6.51
N ASN A 7 2.72 -0.86 -7.40
CA ASN A 7 2.89 0.60 -7.62
C ASN A 7 1.60 1.21 -8.18
N TYR A 8 1.04 2.17 -7.49
CA TYR A 8 -0.21 2.80 -7.99
C TYR A 8 0.01 3.34 -9.39
N GLU A 9 1.22 3.71 -9.70
CA GLU A 9 1.53 4.24 -11.06
C GLU A 9 1.39 3.12 -12.09
N THR A 10 1.80 1.93 -11.74
CA THR A 10 1.68 0.79 -12.70
C THR A 10 0.22 0.64 -13.12
N LEU A 11 -0.69 0.88 -12.22
CA LEU A 11 -2.13 0.77 -12.57
C LEU A 11 -2.55 1.91 -13.49
N ASP A 12 -1.98 3.07 -13.28
CA ASP A 12 -2.34 4.24 -14.15
C ASP A 12 -1.58 4.16 -15.48
N ASP A 13 -0.28 4.17 -15.43
CA ASP A 13 0.51 4.09 -16.69
C ASP A 13 -0.02 2.98 -17.59
N GLN A 14 -0.20 1.80 -17.05
CA GLN A 14 -0.72 0.67 -17.87
C GLN A 14 -2.23 0.83 -18.07
N GLY A 15 -2.86 1.64 -17.28
CA GLY A 15 -4.33 1.83 -17.43
C GLY A 15 -5.04 0.50 -17.20
N TRP A 16 -4.57 -0.28 -16.26
CA TRP A 16 -5.23 -1.59 -15.99
C TRP A 16 -6.44 -1.40 -15.07
N ASP A 17 -7.08 -2.47 -14.69
CA ASP A 17 -8.27 -2.35 -13.79
C ASP A 17 -7.83 -2.45 -12.33
N MET A 18 -8.75 -2.26 -11.42
CA MET A 18 -8.39 -2.35 -9.98
C MET A 18 -8.28 -3.81 -9.54
N ASP A 19 -9.26 -4.61 -9.85
CA ASP A 19 -9.21 -6.04 -9.45
C ASP A 19 -9.52 -6.95 -10.65
N ASP A 20 -9.86 -6.37 -11.77
CA ASP A 20 -10.18 -7.21 -12.97
C ASP A 20 -8.89 -7.76 -13.58
N ASP A 21 -7.99 -6.91 -13.98
CA ASP A 21 -6.71 -7.41 -14.59
C ASP A 21 -5.87 -8.10 -13.52
N ASP A 22 -6.21 -7.94 -12.27
CA ASP A 22 -5.43 -8.60 -11.19
C ASP A 22 -3.93 -8.32 -11.37
N LEU A 23 -3.57 -7.08 -11.51
CA LEU A 23 -2.14 -6.73 -11.69
C LEU A 23 -1.27 -7.57 -10.74
N PHE A 24 -1.77 -7.86 -9.57
CA PHE A 24 -0.99 -8.68 -8.60
C PHE A 24 -0.63 -10.03 -9.22
N GLU A 25 -1.31 -10.41 -10.27
CA GLU A 25 -1.01 -11.72 -10.91
C GLU A 25 -0.45 -11.52 -12.32
N LYS A 26 -0.98 -10.57 -13.05
CA LYS A 26 -0.49 -10.32 -14.43
C LYS A 26 0.85 -9.58 -14.39
N ALA A 27 1.11 -8.88 -13.31
CA ALA A 27 2.39 -8.13 -13.21
C ALA A 27 3.58 -9.11 -13.18
N ALA A 28 3.39 -10.25 -12.56
CA ALA A 28 4.51 -11.24 -12.50
C ALA A 28 4.92 -11.67 -13.90
N ASP A 29 4.01 -11.65 -14.83
CA ASP A 29 4.34 -12.05 -16.22
C ASP A 29 4.77 -10.84 -17.05
N ALA A 30 4.27 -9.68 -16.71
CA ALA A 30 4.64 -8.45 -17.48
C ALA A 30 6.09 -8.08 -17.18
N GLY A 31 6.52 -8.27 -15.97
CA GLY A 31 7.93 -7.92 -15.61
C GLY A 31 8.00 -6.45 -15.17
N LEU A 32 7.36 -6.12 -14.08
CA LEU A 32 7.39 -4.70 -13.61
C LEU A 32 8.58 -4.48 -12.66
N ASP A 33 8.80 -3.27 -12.25
CA ASP A 33 9.93 -2.99 -11.33
C ASP A 33 9.67 -3.61 -9.95
N GLY A 34 10.67 -4.21 -9.35
CA GLY A 34 10.46 -4.85 -8.02
C GLY A 34 9.98 -3.79 -7.02
N GLU A 35 10.61 -2.65 -7.00
CA GLU A 35 10.19 -1.59 -6.05
C GLU A 35 8.73 -1.20 -6.30
N ASP A 36 8.19 -1.57 -7.44
CA ASP A 36 6.77 -1.22 -7.74
C ASP A 36 5.85 -2.40 -7.41
N TYR A 37 6.14 -3.55 -7.95
CA TYR A 37 5.28 -4.74 -7.67
C TYR A 37 6.12 -5.87 -7.07
N GLY A 38 5.55 -6.64 -6.19
CA GLY A 38 6.31 -7.76 -5.58
C GLY A 38 5.60 -8.22 -4.30
N THR A 39 5.98 -9.36 -3.78
CA THR A 39 5.33 -9.86 -2.54
C THR A 39 6.06 -9.32 -1.30
N MET A 40 5.38 -8.59 -0.47
CA MET A 40 6.04 -8.02 0.74
C MET A 40 5.91 -9.01 1.91
N GLU A 41 6.89 -9.85 2.08
CA GLU A 41 6.84 -10.83 3.20
C GLU A 41 6.90 -10.10 4.54
N VAL A 42 5.86 -10.20 5.34
CA VAL A 42 5.86 -9.51 6.65
C VAL A 42 5.74 -10.53 7.79
N ALA A 43 6.54 -10.40 8.81
CA ALA A 43 6.48 -11.37 9.94
C ALA A 43 5.29 -11.02 10.86
N GLU A 44 4.87 -11.96 11.66
CA GLU A 44 3.73 -11.70 12.59
C GLU A 44 4.10 -10.59 13.58
N GLY A 45 3.36 -9.53 13.59
CA GLY A 45 3.66 -8.42 14.53
C GLY A 45 4.70 -7.47 13.92
N GLU A 46 5.07 -7.71 12.68
CA GLU A 46 6.08 -6.84 12.03
C GLU A 46 5.39 -5.66 11.34
N TYR A 47 5.83 -4.46 11.61
CA TYR A 47 5.19 -3.27 10.97
C TYR A 47 5.37 -3.34 9.45
N ILE A 48 4.33 -3.09 8.71
CA ILE A 48 4.45 -3.14 7.22
C ILE A 48 5.60 -2.25 6.76
N LEU A 49 5.51 -0.96 7.00
CA LEU A 49 6.60 -0.05 6.56
C LEU A 49 7.96 -0.57 7.03
N GLU A 50 7.98 -1.36 8.07
CA GLU A 50 9.28 -1.91 8.57
C GLU A 50 9.72 -3.08 7.70
N ALA A 51 8.84 -4.02 7.47
CA ALA A 51 9.21 -5.19 6.62
C ALA A 51 9.71 -4.71 5.26
N ALA A 52 9.11 -3.67 4.75
CA ALA A 52 9.55 -3.14 3.43
C ALA A 52 10.79 -2.28 3.60
N GLU A 53 11.00 -1.71 4.76
CA GLU A 53 12.20 -0.87 5.00
C GLU A 53 13.46 -1.72 4.88
N ALA A 54 13.42 -2.92 5.38
CA ALA A 54 14.61 -3.80 5.30
C ALA A 54 14.87 -4.21 3.85
N GLN A 55 13.91 -4.02 2.98
CA GLN A 55 14.10 -4.39 1.56
C GLN A 55 14.49 -3.16 0.74
N GLY A 56 14.52 -2.01 1.36
CA GLY A 56 14.88 -0.77 0.62
C GLY A 56 13.64 -0.22 -0.09
N TYR A 57 12.49 -0.32 0.54
CA TYR A 57 11.24 0.19 -0.09
C TYR A 57 11.02 1.66 0.29
N ASP A 58 10.16 2.34 -0.41
CA ASP A 58 9.90 3.77 -0.09
C ASP A 58 8.40 4.06 -0.12
N TRP A 59 7.89 4.74 0.88
CA TRP A 59 6.44 5.04 0.90
C TRP A 59 6.20 6.54 1.13
N PRO A 60 5.25 7.06 0.41
CA PRO A 60 4.91 8.51 0.53
C PRO A 60 4.09 8.75 1.80
N PHE A 61 3.71 9.98 2.04
CA PHE A 61 2.90 10.28 3.26
C PHE A 61 1.50 10.77 2.85
N SER A 62 0.63 10.93 3.81
CA SER A 62 -0.75 11.39 3.47
C SER A 62 -1.54 11.68 4.74
N CYS A 63 -1.34 10.92 5.78
CA CYS A 63 -2.08 11.16 7.04
C CYS A 63 -1.48 12.35 7.79
N ARG A 64 -2.10 12.77 8.87
CA ARG A 64 -1.55 13.92 9.64
C ARG A 64 -1.41 13.54 11.12
N ALA A 65 -1.37 12.28 11.42
CA ALA A 65 -1.23 11.85 12.85
C ALA A 65 0.16 11.25 13.08
N GLY A 66 0.83 11.66 14.13
CA GLY A 66 2.18 11.11 14.40
C GLY A 66 3.19 11.72 13.44
N ALA A 67 4.43 11.32 13.51
CA ALA A 67 5.47 11.89 12.60
C ALA A 67 5.37 11.23 11.22
N CYS A 68 4.42 11.64 10.42
CA CYS A 68 4.28 11.05 9.06
C CYS A 68 5.58 11.20 8.26
N ALA A 69 6.20 10.12 7.90
CA ALA A 69 7.48 10.21 7.12
C ALA A 69 7.34 9.47 5.79
N ASN A 70 7.03 8.20 5.83
CA ASN A 70 6.89 7.42 4.57
C ASN A 70 6.06 6.16 4.82
N CYS A 71 4.82 6.17 4.40
CA CYS A 71 3.95 4.98 4.60
C CYS A 71 2.52 5.27 4.14
N ALA A 72 2.23 5.01 2.89
CA ALA A 72 0.87 5.28 2.36
C ALA A 72 0.59 4.37 1.16
N SER A 73 -0.25 3.40 1.32
CA SER A 73 -0.55 2.48 0.18
C SER A 73 -2.06 2.35 -0.04
N ILE A 74 -2.45 1.51 -0.96
CA ILE A 74 -3.90 1.32 -1.24
C ILE A 74 -4.23 -0.18 -1.10
N VAL A 75 -4.56 -0.61 0.09
CA VAL A 75 -4.87 -2.06 0.30
C VAL A 75 -5.96 -2.52 -0.68
N LYS A 76 -5.60 -3.32 -1.64
CA LYS A 76 -6.63 -3.80 -2.62
C LYS A 76 -7.37 -5.01 -2.05
N GLU A 77 -6.88 -5.57 -0.98
CA GLU A 77 -7.56 -6.75 -0.37
C GLU A 77 -6.82 -7.21 0.88
N GLY A 78 -7.35 -8.15 1.59
CA GLY A 78 -6.67 -8.64 2.84
C GLY A 78 -7.11 -7.80 4.03
N GLU A 79 -6.24 -7.59 4.98
CA GLU A 79 -6.61 -6.77 6.16
C GLU A 79 -5.39 -6.55 7.06
N ILE A 80 -5.32 -5.43 7.74
CA ILE A 80 -4.15 -5.17 8.63
C ILE A 80 -4.64 -4.85 10.04
N ASP A 81 -3.82 -5.08 11.03
CA ASP A 81 -4.25 -4.77 12.43
C ASP A 81 -3.23 -3.85 13.10
N MET A 82 -3.68 -2.76 13.66
CA MET A 82 -2.74 -1.81 14.32
C MET A 82 -3.34 -1.29 15.62
N ASP A 83 -2.75 -0.27 16.19
CA ASP A 83 -3.29 0.28 17.47
C ASP A 83 -4.60 1.03 17.22
N MET A 84 -5.22 1.53 18.26
CA MET A 84 -6.50 2.26 18.08
C MET A 84 -6.24 3.65 17.49
N GLN A 85 -7.23 4.24 16.87
CA GLN A 85 -7.05 5.60 16.28
C GLN A 85 -8.41 6.23 15.98
N GLN A 86 -8.42 7.47 15.57
CA GLN A 86 -9.72 8.15 15.26
C GLN A 86 -9.67 8.79 13.88
N ILE A 87 -8.53 8.75 13.23
CA ILE A 87 -8.43 9.37 11.87
C ILE A 87 -8.67 8.31 10.79
N LEU A 88 -9.20 7.17 11.16
CA LEU A 88 -9.46 6.11 10.15
C LEU A 88 -10.93 6.11 9.75
N SER A 89 -11.23 5.87 8.51
CA SER A 89 -12.65 5.87 8.07
C SER A 89 -12.92 4.68 7.14
N ASP A 90 -13.86 3.84 7.48
CA ASP A 90 -14.15 2.67 6.62
C ASP A 90 -14.24 3.11 5.16
N GLU A 91 -15.01 4.12 4.88
CA GLU A 91 -15.14 4.61 3.48
C GLU A 91 -13.74 4.91 2.92
N GLU A 92 -12.83 5.26 3.78
CA GLU A 92 -11.45 5.56 3.30
C GLU A 92 -10.83 4.32 2.65
N VAL A 93 -10.93 3.19 3.31
CA VAL A 93 -10.36 1.94 2.73
C VAL A 93 -11.32 1.36 1.68
N GLU A 94 -12.60 1.50 1.91
CA GLU A 94 -13.59 0.97 0.94
C GLU A 94 -13.65 1.84 -0.31
N GLU A 95 -13.28 3.09 -0.20
CA GLU A 95 -13.32 3.99 -1.38
C GLU A 95 -11.91 4.30 -1.87
N LYS A 96 -10.96 4.43 -0.97
CA LYS A 96 -9.57 4.74 -1.40
C LYS A 96 -8.62 3.59 -1.05
N ASP A 97 -9.07 2.67 -0.24
CA ASP A 97 -8.18 1.53 0.14
C ASP A 97 -6.90 2.03 0.81
N VAL A 98 -6.88 3.28 1.21
CA VAL A 98 -5.66 3.82 1.86
C VAL A 98 -5.63 3.44 3.35
N ARG A 99 -4.59 2.79 3.78
CA ARG A 99 -4.49 2.41 5.22
C ARG A 99 -3.37 3.20 5.91
N LEU A 100 -2.67 2.59 6.81
CA LEU A 100 -1.56 3.31 7.51
C LEU A 100 -0.23 2.61 7.25
N THR A 101 -0.15 1.34 7.52
CA THR A 101 1.12 0.59 7.28
C THR A 101 2.29 1.34 7.92
N CYS A 102 2.03 2.13 8.92
CA CYS A 102 3.14 2.88 9.58
C CYS A 102 3.75 2.03 10.70
N ILE A 103 2.92 1.50 11.56
CA ILE A 103 3.44 0.66 12.68
C ILE A 103 2.42 -0.42 13.05
N GLY A 104 1.77 -0.98 12.08
CA GLY A 104 0.76 -2.04 12.37
C GLY A 104 1.17 -3.34 11.70
N SER A 105 0.51 -4.43 12.03
CA SER A 105 0.86 -5.74 11.42
C SER A 105 -0.29 -6.22 10.53
N PRO A 106 0.06 -7.01 9.56
CA PRO A 106 -0.95 -7.56 8.62
C PRO A 106 -1.80 -8.64 9.31
N ALA A 107 -3.01 -8.84 8.87
CA ALA A 107 -3.88 -9.87 9.50
C ALA A 107 -4.09 -11.06 8.54
N ALA A 108 -4.88 -10.86 7.54
CA ALA A 108 -5.13 -11.97 6.56
C ALA A 108 -3.80 -12.53 6.05
N ASP A 109 -3.81 -13.75 5.59
CA ASP A 109 -2.54 -14.35 5.07
C ASP A 109 -2.05 -13.58 3.84
N GLU A 110 -2.88 -13.46 2.84
CA GLU A 110 -2.47 -12.72 1.62
C GLU A 110 -3.15 -11.35 1.60
N VAL A 111 -2.38 -10.29 1.69
CA VAL A 111 -2.99 -8.93 1.68
C VAL A 111 -2.59 -8.17 0.42
N LYS A 112 -3.53 -7.57 -0.25
CA LYS A 112 -3.21 -6.80 -1.48
C LYS A 112 -3.14 -5.31 -1.17
N ILE A 113 -2.16 -4.62 -1.67
CA ILE A 113 -2.05 -3.17 -1.39
C ILE A 113 -1.16 -2.50 -2.43
N VAL A 114 -1.37 -1.23 -2.67
CA VAL A 114 -0.53 -0.51 -3.66
C VAL A 114 0.34 0.55 -2.96
N TYR A 115 1.62 0.51 -3.17
CA TYR A 115 2.52 1.51 -2.52
C TYR A 115 2.63 2.77 -3.39
N ASN A 116 3.17 3.83 -2.85
CA ASN A 116 3.30 5.09 -3.64
C ASN A 116 1.92 5.69 -3.91
N ALA A 117 1.10 5.79 -2.92
CA ALA A 117 -0.26 6.37 -3.13
C ALA A 117 -0.15 7.86 -3.46
N LYS A 118 1.01 8.43 -3.28
CA LYS A 118 1.18 9.88 -3.58
C LYS A 118 0.79 10.16 -5.05
N HIS A 119 0.73 9.14 -5.85
CA HIS A 119 0.37 9.33 -7.28
C HIS A 119 -1.12 9.67 -7.41
N LEU A 120 -1.90 9.29 -6.43
CA LEU A 120 -3.37 9.57 -6.48
C LEU A 120 -3.61 10.99 -7.01
N ASP A 121 -4.19 11.12 -8.17
CA ASP A 121 -4.46 12.46 -8.73
C ASP A 121 -5.41 13.24 -7.81
N TYR A 122 -6.27 12.56 -7.12
CA TYR A 122 -7.21 13.26 -6.20
C TYR A 122 -6.42 14.09 -5.18
N LEU A 123 -5.17 13.76 -4.97
CA LEU A 123 -4.35 14.53 -4.00
C LEU A 123 -3.27 15.33 -4.74
N GLN A 124 -2.94 14.92 -5.94
CA GLN A 124 -1.89 15.66 -6.71
C GLN A 124 -2.29 17.13 -6.86
N ASN A 125 -3.55 17.41 -6.97
CA ASN A 125 -4.01 18.82 -7.13
C ASN A 125 -3.71 19.61 -5.85
N ARG A 126 -3.50 18.92 -4.76
CA ARG A 126 -3.21 19.64 -3.48
C ARG A 126 -1.72 19.95 -3.37
N VAL A 127 -0.92 19.34 -4.19
CA VAL A 127 0.55 19.61 -4.13
C VAL A 127 0.82 21.11 -4.26
N ILE A 128 -0.10 21.83 -4.85
CA ILE A 128 0.11 23.30 -5.01
C ILE A 128 0.17 23.98 -3.63
N PRO A 1 1.45 -14.19 6.64
CA PRO A 1 1.35 -12.70 6.57
C PRO A 1 2.02 -12.18 5.30
N THR A 2 1.45 -12.45 4.17
CA THR A 2 2.05 -11.97 2.89
C THR A 2 1.25 -10.78 2.33
N VAL A 3 1.93 -9.77 1.89
CA VAL A 3 1.20 -8.58 1.34
C VAL A 3 1.78 -8.19 -0.03
N GLU A 4 1.03 -8.36 -1.07
CA GLU A 4 1.55 -8.02 -2.42
C GLU A 4 1.42 -6.51 -2.67
N TYR A 5 2.52 -5.82 -2.79
CA TYR A 5 2.46 -4.35 -3.04
C TYR A 5 2.49 -4.07 -4.54
N LEU A 6 1.70 -3.12 -4.99
CA LEU A 6 1.67 -2.80 -6.44
C LEU A 6 1.77 -1.28 -6.66
N ASN A 7 2.67 -0.85 -7.50
CA ASN A 7 2.81 0.61 -7.76
C ASN A 7 1.54 1.15 -8.41
N TYR A 8 0.74 1.88 -7.69
CA TYR A 8 -0.50 2.44 -8.29
C TYR A 8 -0.16 3.26 -9.52
N GLU A 9 0.98 3.89 -9.52
CA GLU A 9 1.38 4.72 -10.70
C GLU A 9 1.59 3.81 -11.91
N THR A 10 2.20 2.67 -11.72
CA THR A 10 2.43 1.74 -12.86
C THR A 10 1.09 1.32 -13.46
N LEU A 11 0.08 1.19 -12.63
CA LEU A 11 -1.26 0.79 -13.16
C LEU A 11 -1.82 1.89 -14.07
N ASP A 12 -1.66 3.12 -13.69
CA ASP A 12 -2.17 4.24 -14.54
C ASP A 12 -1.23 4.49 -15.72
N ASP A 13 0.05 4.33 -15.52
CA ASP A 13 1.01 4.57 -16.64
C ASP A 13 0.89 3.43 -17.67
N GLN A 14 0.81 2.22 -17.21
CA GLN A 14 0.69 1.07 -18.17
C GLN A 14 -0.72 1.01 -18.75
N GLY A 15 -1.65 1.72 -18.17
CA GLY A 15 -3.04 1.69 -18.71
C GLY A 15 -3.72 0.40 -18.27
N TRP A 16 -3.24 -0.21 -17.22
CA TRP A 16 -3.86 -1.49 -16.76
C TRP A 16 -5.03 -1.19 -15.81
N ASP A 17 -5.55 -2.19 -15.17
CA ASP A 17 -6.69 -1.97 -14.23
C ASP A 17 -6.35 -2.51 -12.84
N MET A 18 -7.22 -2.28 -11.89
CA MET A 18 -6.95 -2.79 -10.50
C MET A 18 -7.30 -4.27 -10.41
N ASP A 19 -8.45 -4.65 -10.87
CA ASP A 19 -8.85 -6.09 -10.80
C ASP A 19 -9.22 -6.61 -12.19
N ASP A 20 -9.39 -5.73 -13.14
CA ASP A 20 -9.75 -6.17 -14.52
C ASP A 20 -8.60 -6.99 -15.12
N ASP A 21 -7.48 -6.38 -15.34
CA ASP A 21 -6.32 -7.12 -15.93
C ASP A 21 -5.61 -7.94 -14.85
N ASP A 22 -6.13 -7.91 -13.65
CA ASP A 22 -5.49 -8.69 -12.55
C ASP A 22 -3.99 -8.41 -12.51
N LEU A 23 -3.60 -7.16 -12.49
CA LEU A 23 -2.16 -6.82 -12.45
C LEU A 23 -1.46 -7.61 -11.34
N PHE A 24 -2.07 -7.67 -10.18
CA PHE A 24 -1.46 -8.45 -9.06
C PHE A 24 -1.14 -9.87 -9.53
N GLU A 25 -1.82 -10.33 -10.54
CA GLU A 25 -1.56 -11.71 -11.04
C GLU A 25 -0.79 -11.67 -12.36
N LYS A 26 -1.11 -10.74 -13.22
CA LYS A 26 -0.40 -10.66 -14.52
C LYS A 26 0.99 -10.04 -14.32
N ALA A 27 1.13 -9.20 -13.34
CA ALA A 27 2.47 -8.57 -13.09
C ALA A 27 3.48 -9.64 -12.71
N ALA A 28 3.03 -10.79 -12.30
CA ALA A 28 3.98 -11.88 -11.91
C ALA A 28 4.59 -12.50 -13.17
N ASP A 29 3.91 -12.42 -14.28
CA ASP A 29 4.46 -13.01 -15.53
C ASP A 29 5.32 -11.98 -16.27
N ALA A 30 5.44 -10.79 -15.73
CA ALA A 30 6.27 -9.75 -16.40
C ALA A 30 7.61 -9.61 -15.70
N GLY A 31 7.60 -9.09 -14.50
CA GLY A 31 8.88 -8.92 -13.75
C GLY A 31 9.15 -7.43 -13.53
N LEU A 32 8.17 -6.69 -13.10
CA LEU A 32 8.38 -5.24 -12.87
C LEU A 32 9.38 -5.03 -11.72
N ASP A 33 9.77 -3.81 -11.48
CA ASP A 33 10.73 -3.53 -10.37
C ASP A 33 10.15 -4.02 -9.04
N GLY A 34 10.99 -4.17 -8.04
CA GLY A 34 10.49 -4.63 -6.71
C GLY A 34 9.94 -3.44 -5.93
N GLU A 35 10.37 -2.26 -6.25
CA GLU A 35 9.86 -1.06 -5.53
C GLU A 35 8.46 -0.69 -6.03
N ASP A 36 7.94 -1.43 -6.97
CA ASP A 36 6.59 -1.12 -7.51
C ASP A 36 5.67 -2.33 -7.34
N TYR A 37 6.12 -3.49 -7.75
CA TYR A 37 5.26 -4.71 -7.61
C TYR A 37 6.07 -5.86 -7.01
N GLY A 38 5.46 -6.66 -6.19
CA GLY A 38 6.19 -7.80 -5.57
C GLY A 38 5.48 -8.25 -4.29
N THR A 39 5.76 -9.42 -3.82
CA THR A 39 5.10 -9.91 -2.58
C THR A 39 5.85 -9.38 -1.35
N MET A 40 5.18 -8.67 -0.50
CA MET A 40 5.85 -8.13 0.72
C MET A 40 5.79 -9.14 1.87
N GLU A 41 6.92 -9.67 2.26
CA GLU A 41 6.91 -10.65 3.38
C GLU A 41 6.93 -9.92 4.72
N VAL A 42 5.83 -9.90 5.42
CA VAL A 42 5.78 -9.19 6.72
C VAL A 42 5.67 -10.19 7.87
N ALA A 43 6.69 -10.29 8.68
CA ALA A 43 6.65 -11.25 9.83
C ALA A 43 5.44 -10.95 10.71
N GLU A 44 5.02 -11.90 11.50
CA GLU A 44 3.84 -11.68 12.38
C GLU A 44 4.18 -10.66 13.47
N GLY A 45 3.51 -9.55 13.49
CA GLY A 45 3.79 -8.52 14.53
C GLY A 45 4.77 -7.48 13.95
N GLU A 46 5.24 -7.68 12.76
CA GLU A 46 6.19 -6.71 12.16
C GLU A 46 5.43 -5.54 11.53
N TYR A 47 5.99 -4.37 11.55
CA TYR A 47 5.30 -3.20 10.96
C TYR A 47 5.34 -3.28 9.43
N ILE A 48 4.24 -3.02 8.77
CA ILE A 48 4.22 -3.09 7.28
C ILE A 48 5.38 -2.29 6.69
N LEU A 49 5.50 -1.04 7.05
CA LEU A 49 6.61 -0.20 6.51
C LEU A 49 7.96 -0.87 6.78
N GLU A 50 8.04 -1.66 7.82
CA GLU A 50 9.33 -2.35 8.14
C GLU A 50 9.59 -3.49 7.15
N ALA A 51 8.61 -4.32 6.91
CA ALA A 51 8.80 -5.45 5.96
C ALA A 51 9.13 -4.91 4.57
N ALA A 52 8.50 -3.85 4.17
CA ALA A 52 8.78 -3.28 2.82
C ALA A 52 10.06 -2.46 2.84
N GLU A 53 10.26 -1.71 3.90
CA GLU A 53 11.50 -0.89 3.99
C GLU A 53 12.73 -1.79 4.05
N ALA A 54 12.57 -3.01 4.49
CA ALA A 54 13.73 -3.95 4.56
C ALA A 54 14.02 -4.52 3.17
N GLN A 55 13.10 -4.37 2.26
CA GLN A 55 13.32 -4.90 0.88
C GLN A 55 13.81 -3.78 -0.05
N GLY A 56 13.59 -2.55 0.33
CA GLY A 56 14.03 -1.41 -0.53
C GLY A 56 12.81 -0.74 -1.14
N TYR A 57 11.71 -0.72 -0.45
CA TYR A 57 10.49 -0.06 -1.00
C TYR A 57 10.37 1.37 -0.49
N ASP A 58 9.88 2.27 -1.32
CA ASP A 58 9.73 3.68 -0.88
C ASP A 58 8.25 4.00 -0.63
N TRP A 59 7.97 4.91 0.25
CA TRP A 59 6.53 5.25 0.52
C TRP A 59 6.39 6.76 0.74
N PRO A 60 5.45 7.33 0.03
CA PRO A 60 5.20 8.78 0.14
C PRO A 60 4.52 9.12 1.47
N PHE A 61 4.10 10.34 1.64
CA PHE A 61 3.43 10.73 2.92
C PHE A 61 4.42 10.70 4.08
N SER A 62 4.26 11.56 5.04
CA SER A 62 5.19 11.58 6.20
C SER A 62 4.75 12.65 7.21
N CYS A 63 4.49 12.27 8.43
CA CYS A 63 4.05 13.26 9.44
C CYS A 63 5.18 14.26 9.74
N ARG A 64 5.55 15.05 8.77
CA ARG A 64 6.63 16.06 8.99
C ARG A 64 7.95 15.35 9.33
N ALA A 65 8.02 14.06 9.09
CA ALA A 65 9.28 13.32 9.40
C ALA A 65 9.68 13.56 10.86
N GLY A 66 10.91 13.29 11.20
CA GLY A 66 11.35 13.50 12.60
C GLY A 66 11.30 12.18 13.38
N ALA A 67 10.17 11.89 13.97
CA ALA A 67 10.04 10.62 14.74
C ALA A 67 9.05 9.67 14.05
N CYS A 68 8.61 10.01 12.88
CA CYS A 68 7.64 9.13 12.17
C CYS A 68 8.28 8.56 10.90
N ALA A 69 7.90 7.36 10.52
CA ALA A 69 8.49 6.75 9.30
C ALA A 69 7.74 7.23 8.05
N ASN A 70 6.71 6.52 7.66
CA ASN A 70 5.94 6.93 6.45
C ASN A 70 4.80 5.95 6.19
N CYS A 71 3.78 6.38 5.51
CA CYS A 71 2.62 5.46 5.23
C CYS A 71 1.70 6.07 4.17
N ALA A 72 1.34 5.31 3.18
CA ALA A 72 0.45 5.82 2.10
C ALA A 72 0.24 4.76 1.02
N SER A 73 -0.73 3.90 1.19
CA SER A 73 -0.96 2.84 0.16
C SER A 73 -2.46 2.66 -0.09
N ILE A 74 -2.82 1.63 -0.81
CA ILE A 74 -4.26 1.39 -1.10
C ILE A 74 -4.57 -0.12 -1.06
N VAL A 75 -4.73 -0.67 0.11
CA VAL A 75 -5.02 -2.14 0.20
C VAL A 75 -6.07 -2.53 -0.84
N LYS A 76 -5.73 -3.42 -1.74
CA LYS A 76 -6.71 -3.83 -2.78
C LYS A 76 -7.49 -5.07 -2.32
N GLU A 77 -7.04 -5.73 -1.28
CA GLU A 77 -7.75 -6.94 -0.80
C GLU A 77 -7.04 -7.52 0.44
N GLY A 78 -7.72 -7.55 1.55
CA GLY A 78 -7.08 -8.11 2.78
C GLY A 78 -7.46 -7.25 3.98
N GLU A 79 -6.88 -7.50 5.12
CA GLU A 79 -7.20 -6.69 6.33
C GLU A 79 -5.95 -6.49 7.17
N ILE A 80 -5.65 -5.26 7.50
CA ILE A 80 -4.44 -4.99 8.33
C ILE A 80 -4.84 -4.50 9.72
N ASP A 81 -3.98 -4.67 10.69
CA ASP A 81 -4.32 -4.22 12.07
C ASP A 81 -3.72 -2.84 12.34
N MET A 82 -4.53 -1.87 12.68
CA MET A 82 -3.99 -0.52 12.96
C MET A 82 -4.47 -0.02 14.33
N ASP A 83 -3.68 -0.21 15.34
CA ASP A 83 -4.10 0.26 16.70
C ASP A 83 -4.66 1.68 16.62
N MET A 84 -5.37 2.11 17.62
CA MET A 84 -5.95 3.49 17.59
C MET A 84 -4.83 4.53 17.59
N GLN A 85 -5.03 5.62 16.91
CA GLN A 85 -3.97 6.68 16.85
C GLN A 85 -4.47 7.87 16.04
N GLN A 86 -5.21 7.63 14.99
CA GLN A 86 -5.72 8.75 14.14
C GLN A 86 -7.20 8.54 13.82
N ILE A 87 -8.01 9.53 14.04
CA ILE A 87 -9.46 9.38 13.74
C ILE A 87 -9.66 8.76 12.36
N LEU A 88 -9.91 7.47 12.31
CA LEU A 88 -10.12 6.81 10.99
C LEU A 88 -11.45 6.05 10.99
N SER A 89 -11.79 5.42 9.90
CA SER A 89 -13.07 4.67 9.84
C SER A 89 -13.00 3.57 8.78
N ASP A 90 -13.89 2.61 8.84
CA ASP A 90 -13.87 1.52 7.82
C ASP A 90 -14.19 2.06 6.43
N GLU A 91 -15.01 3.08 6.37
CA GLU A 91 -15.37 3.66 5.03
C GLU A 91 -14.11 4.12 4.31
N GLU A 92 -13.08 4.43 5.04
CA GLU A 92 -11.81 4.90 4.40
C GLU A 92 -11.03 3.71 3.83
N VAL A 93 -11.09 2.58 4.49
CA VAL A 93 -10.35 1.38 3.98
C VAL A 93 -11.14 0.73 2.85
N GLU A 94 -12.41 1.01 2.76
CA GLU A 94 -13.23 0.41 1.66
C GLU A 94 -13.40 1.43 0.53
N GLU A 95 -13.56 2.68 0.86
CA GLU A 95 -13.71 3.72 -0.20
C GLU A 95 -12.33 4.30 -0.56
N LYS A 96 -11.43 4.30 0.38
CA LYS A 96 -10.06 4.85 0.10
C LYS A 96 -9.03 3.73 0.07
N ASP A 97 -9.35 2.59 0.64
CA ASP A 97 -8.40 1.45 0.64
C ASP A 97 -7.09 1.85 1.32
N VAL A 98 -7.09 2.92 2.06
CA VAL A 98 -5.84 3.37 2.74
C VAL A 98 -5.70 2.67 4.10
N ARG A 99 -4.52 2.62 4.63
CA ARG A 99 -4.31 1.96 5.96
C ARG A 99 -3.01 2.45 6.60
N LEU A 100 -3.03 2.69 7.88
CA LEU A 100 -1.79 3.17 8.56
C LEU A 100 -0.66 2.15 8.38
N THR A 101 0.30 2.47 7.57
CA THR A 101 1.44 1.52 7.36
C THR A 101 2.42 1.60 8.52
N CYS A 102 2.26 2.57 9.38
CA CYS A 102 3.19 2.70 10.55
C CYS A 102 2.59 1.99 11.77
N ILE A 103 3.39 1.21 12.46
CA ILE A 103 2.86 0.50 13.66
C ILE A 103 1.63 -0.34 13.28
N GLY A 104 1.44 -0.60 12.01
CA GLY A 104 0.26 -1.41 11.59
C GLY A 104 0.73 -2.82 11.22
N SER A 105 0.10 -3.82 11.77
CA SER A 105 0.51 -5.21 11.45
C SER A 105 -0.55 -5.89 10.58
N PRO A 106 -0.10 -6.76 9.72
CA PRO A 106 -1.03 -7.48 8.82
C PRO A 106 -1.84 -8.52 9.61
N ALA A 107 -3.11 -8.63 9.31
CA ALA A 107 -3.96 -9.63 10.05
C ALA A 107 -4.45 -10.71 9.08
N ALA A 108 -4.18 -10.56 7.82
CA ALA A 108 -4.64 -11.57 6.82
C ALA A 108 -3.44 -12.21 6.12
N ASP A 109 -3.52 -13.47 5.81
CA ASP A 109 -2.38 -14.15 5.11
C ASP A 109 -1.99 -13.37 3.86
N GLU A 110 -2.74 -13.52 2.80
CA GLU A 110 -2.41 -12.78 1.55
C GLU A 110 -3.24 -11.51 1.45
N VAL A 111 -2.61 -10.37 1.44
CA VAL A 111 -3.37 -9.09 1.34
C VAL A 111 -2.86 -8.25 0.17
N LYS A 112 -3.74 -7.84 -0.70
CA LYS A 112 -3.30 -7.01 -1.86
C LYS A 112 -3.26 -5.52 -1.47
N ILE A 113 -2.32 -4.79 -1.98
CA ILE A 113 -2.23 -3.34 -1.65
C ILE A 113 -1.40 -2.59 -2.68
N VAL A 114 -1.78 -1.39 -3.00
CA VAL A 114 -1.01 -0.60 -4.01
C VAL A 114 -0.32 0.57 -3.31
N TYR A 115 0.98 0.64 -3.40
CA TYR A 115 1.71 1.76 -2.73
C TYR A 115 1.77 3.00 -3.63
N ASN A 116 2.55 3.98 -3.27
CA ASN A 116 2.64 5.24 -4.09
C ASN A 116 1.38 6.08 -3.90
N ALA A 117 0.67 5.85 -2.82
CA ALA A 117 -0.58 6.64 -2.56
C ALA A 117 -0.44 8.09 -3.01
N LYS A 118 0.75 8.62 -3.01
CA LYS A 118 0.94 10.04 -3.43
C LYS A 118 0.07 10.36 -4.65
N HIS A 119 -0.26 9.38 -5.43
CA HIS A 119 -1.11 9.64 -6.63
C HIS A 119 -2.50 10.10 -6.22
N LEU A 120 -2.92 9.76 -5.03
CA LEU A 120 -4.29 10.18 -4.57
C LEU A 120 -4.53 11.66 -4.89
N ASP A 121 -5.73 12.01 -5.27
CA ASP A 121 -6.03 13.42 -5.59
C ASP A 121 -5.98 14.28 -4.33
N TYR A 122 -6.57 13.83 -3.26
CA TYR A 122 -6.55 14.63 -2.00
C TYR A 122 -5.10 14.98 -1.64
N LEU A 123 -4.17 14.17 -2.09
CA LEU A 123 -2.73 14.45 -1.79
C LEU A 123 -2.12 15.28 -2.92
N GLN A 124 -2.52 15.03 -4.15
CA GLN A 124 -1.95 15.80 -5.28
C GLN A 124 -2.26 17.29 -5.12
N ASN A 125 -3.46 17.62 -4.74
CA ASN A 125 -3.83 19.05 -4.55
C ASN A 125 -3.06 19.64 -3.38
N ARG A 126 -2.40 18.82 -2.61
CA ARG A 126 -1.63 19.33 -1.45
C ARG A 126 -0.13 19.37 -1.77
N VAL A 127 0.22 19.12 -3.01
CA VAL A 127 1.66 19.14 -3.39
C VAL A 127 2.30 20.47 -2.98
N ILE A 128 3.48 20.43 -2.42
CA ILE A 128 4.15 21.69 -2.01
C ILE A 128 5.66 21.48 -1.90
N PRO A 1 2.11 -14.16 7.31
CA PRO A 1 2.18 -12.69 7.10
C PRO A 1 2.69 -12.38 5.69
N THR A 2 2.00 -12.86 4.69
CA THR A 2 2.45 -12.59 3.29
C THR A 2 1.58 -11.49 2.67
N VAL A 3 2.17 -10.38 2.31
CA VAL A 3 1.38 -9.27 1.69
C VAL A 3 1.78 -9.09 0.23
N GLU A 4 1.01 -8.33 -0.51
CA GLU A 4 1.34 -8.11 -1.95
C GLU A 4 1.31 -6.61 -2.26
N TYR A 5 2.45 -6.01 -2.45
CA TYR A 5 2.47 -4.55 -2.76
C TYR A 5 2.46 -4.31 -4.27
N LEU A 6 1.75 -3.30 -4.71
CA LEU A 6 1.69 -3.00 -6.17
C LEU A 6 1.94 -1.50 -6.40
N ASN A 7 2.85 -1.16 -7.27
CA ASN A 7 3.13 0.28 -7.52
C ASN A 7 1.91 0.96 -8.16
N TYR A 8 1.32 1.91 -7.49
CA TYR A 8 0.14 2.59 -8.07
C TYR A 8 0.52 3.22 -9.42
N GLU A 9 1.75 3.61 -9.58
CA GLU A 9 2.20 4.22 -10.87
C GLU A 9 2.11 3.17 -11.98
N THR A 10 2.48 1.95 -11.70
CA THR A 10 2.41 0.89 -12.75
C THR A 10 0.98 0.81 -13.29
N LEU A 11 0.01 1.05 -12.45
CA LEU A 11 -1.40 1.00 -12.90
C LEU A 11 -1.61 2.04 -14.01
N ASP A 12 -1.07 3.21 -13.84
CA ASP A 12 -1.23 4.27 -14.88
C ASP A 12 -0.23 4.03 -16.01
N ASP A 13 0.97 3.61 -15.68
CA ASP A 13 1.98 3.36 -16.75
C ASP A 13 1.44 2.35 -17.75
N GLN A 14 1.02 1.20 -17.29
CA GLN A 14 0.48 0.17 -18.22
C GLN A 14 -0.87 0.62 -18.77
N GLY A 15 -1.61 1.39 -18.01
CA GLY A 15 -2.93 1.87 -18.48
C GLY A 15 -4.01 0.83 -18.13
N TRP A 16 -4.01 0.36 -16.92
CA TRP A 16 -5.04 -0.65 -16.52
C TRP A 16 -5.98 -0.05 -15.46
N ASP A 17 -6.98 -0.80 -15.06
CA ASP A 17 -7.93 -0.28 -14.04
C ASP A 17 -7.38 -0.57 -12.64
N MET A 18 -8.23 -0.50 -11.64
CA MET A 18 -7.75 -0.77 -10.24
C MET A 18 -7.45 -2.27 -10.07
N ASP A 19 -8.32 -3.12 -10.55
CA ASP A 19 -8.08 -4.58 -10.41
C ASP A 19 -8.88 -5.35 -11.46
N ASP A 20 -9.16 -4.73 -12.57
CA ASP A 20 -9.94 -5.43 -13.63
C ASP A 20 -9.11 -6.56 -14.26
N ASP A 21 -8.06 -6.21 -14.95
CA ASP A 21 -7.21 -7.27 -15.58
C ASP A 21 -6.28 -7.90 -14.55
N ASP A 22 -6.81 -8.31 -13.42
CA ASP A 22 -5.95 -8.93 -12.37
C ASP A 22 -4.64 -8.16 -12.23
N LEU A 23 -4.70 -6.90 -11.96
CA LEU A 23 -3.45 -6.08 -11.82
C LEU A 23 -2.40 -6.85 -11.00
N PHE A 24 -2.69 -7.14 -9.77
CA PHE A 24 -1.71 -7.87 -8.91
C PHE A 24 -1.26 -9.16 -9.60
N GLU A 25 -2.11 -9.74 -10.38
CA GLU A 25 -1.73 -11.01 -11.08
C GLU A 25 -1.06 -10.69 -12.43
N LYS A 26 -1.72 -9.97 -13.28
CA LYS A 26 -1.12 -9.63 -14.60
C LYS A 26 0.24 -8.93 -14.40
N ALA A 27 0.41 -8.31 -13.27
CA ALA A 27 1.71 -7.61 -13.00
C ALA A 27 2.85 -8.62 -12.99
N ALA A 28 2.61 -9.80 -12.47
CA ALA A 28 3.69 -10.83 -12.44
C ALA A 28 3.91 -11.40 -13.84
N ASP A 29 2.95 -11.24 -14.71
CA ASP A 29 3.09 -11.76 -16.09
C ASP A 29 3.89 -10.77 -16.95
N ALA A 30 3.86 -9.51 -16.60
CA ALA A 30 4.61 -8.50 -17.40
C ALA A 30 6.05 -8.40 -16.90
N GLY A 31 6.29 -8.74 -15.66
CA GLY A 31 7.67 -8.67 -15.12
C GLY A 31 7.92 -7.27 -14.53
N LEU A 32 6.92 -6.69 -13.92
CA LEU A 32 7.11 -5.32 -13.34
C LEU A 32 8.31 -5.31 -12.39
N ASP A 33 8.99 -4.21 -12.30
CA ASP A 33 10.18 -4.14 -11.40
C ASP A 33 9.79 -4.57 -9.98
N GLY A 34 10.63 -5.33 -9.33
CA GLY A 34 10.32 -5.78 -7.94
C GLY A 34 10.11 -4.56 -7.05
N GLU A 35 10.65 -3.43 -7.44
CA GLU A 35 10.48 -2.20 -6.62
C GLU A 35 9.05 -1.66 -6.78
N ASP A 36 8.24 -2.31 -7.58
CA ASP A 36 6.85 -1.83 -7.79
C ASP A 36 5.86 -2.91 -7.36
N TYR A 37 5.99 -4.09 -7.88
CA TYR A 37 5.05 -5.19 -7.50
C TYR A 37 5.82 -6.37 -6.90
N GLY A 38 5.21 -7.09 -6.00
CA GLY A 38 5.90 -8.25 -5.38
C GLY A 38 5.16 -8.66 -4.11
N THR A 39 5.63 -9.68 -3.44
CA THR A 39 4.96 -10.12 -2.18
C THR A 39 5.71 -9.58 -0.97
N MET A 40 5.03 -8.85 -0.12
CA MET A 40 5.70 -8.28 1.08
C MET A 40 5.57 -9.24 2.27
N GLU A 41 6.49 -10.17 2.40
CA GLU A 41 6.41 -11.12 3.55
C GLU A 41 7.17 -10.56 4.74
N VAL A 42 6.47 -10.20 5.79
CA VAL A 42 7.16 -9.65 6.99
C VAL A 42 6.78 -10.43 8.25
N ALA A 43 7.44 -10.18 9.34
CA ALA A 43 7.12 -10.91 10.59
C ALA A 43 5.87 -10.32 11.24
N GLU A 44 5.08 -11.12 11.90
CA GLU A 44 3.84 -10.59 12.55
C GLU A 44 4.21 -9.60 13.65
N GLY A 45 3.81 -8.37 13.52
CA GLY A 45 4.12 -7.35 14.57
C GLY A 45 5.22 -6.43 14.05
N GLU A 46 5.62 -6.57 12.82
CA GLU A 46 6.69 -5.68 12.28
C GLU A 46 6.07 -4.63 11.34
N TYR A 47 6.22 -3.37 11.67
CA TYR A 47 5.64 -2.30 10.81
C TYR A 47 5.95 -2.59 9.34
N ILE A 48 4.93 -2.76 8.53
CA ILE A 48 5.18 -3.05 7.09
C ILE A 48 6.26 -2.13 6.53
N LEU A 49 6.05 -0.84 6.56
CA LEU A 49 7.08 0.10 6.03
C LEU A 49 8.48 -0.34 6.47
N GLU A 50 8.65 -0.63 7.73
CA GLU A 50 9.99 -1.07 8.22
C GLU A 50 10.36 -2.41 7.60
N ALA A 51 9.43 -3.34 7.57
CA ALA A 51 9.73 -4.67 6.98
C ALA A 51 10.01 -4.54 5.48
N ALA A 52 9.28 -3.70 4.81
CA ALA A 52 9.50 -3.53 3.34
C ALA A 52 10.68 -2.59 3.09
N GLU A 53 10.84 -1.58 3.91
CA GLU A 53 11.98 -0.64 3.72
C GLU A 53 13.31 -1.41 3.82
N ALA A 54 13.33 -2.45 4.60
CA ALA A 54 14.58 -3.23 4.75
C ALA A 54 14.77 -4.15 3.54
N GLN A 55 13.79 -4.23 2.68
CA GLN A 55 13.91 -5.11 1.49
C GLN A 55 14.23 -4.27 0.24
N GLY A 56 13.91 -3.00 0.28
CA GLY A 56 14.19 -2.13 -0.91
C GLY A 56 12.92 -1.40 -1.32
N TYR A 57 11.86 -1.55 -0.57
CA TYR A 57 10.59 -0.85 -0.92
C TYR A 57 10.59 0.56 -0.37
N ASP A 58 10.24 1.53 -1.18
CA ASP A 58 10.21 2.94 -0.70
C ASP A 58 8.76 3.45 -0.68
N TRP A 59 8.45 4.33 0.23
CA TRP A 59 7.05 4.85 0.30
C TRP A 59 7.05 6.38 0.38
N PRO A 60 5.92 6.95 0.12
CA PRO A 60 5.78 8.42 0.16
C PRO A 60 5.85 8.93 1.59
N PHE A 61 6.98 9.45 2.00
CA PHE A 61 7.12 9.96 3.40
C PHE A 61 6.27 11.22 3.59
N SER A 62 4.97 11.07 3.64
CA SER A 62 4.09 12.26 3.84
C SER A 62 3.95 12.58 5.32
N CYS A 63 4.66 11.88 6.16
CA CYS A 63 4.57 12.14 7.63
C CYS A 63 5.66 13.12 8.07
N ARG A 64 5.29 14.34 8.33
CA ARG A 64 6.31 15.35 8.75
C ARG A 64 5.61 16.63 9.24
N ALA A 65 5.08 16.61 10.43
CA ALA A 65 4.39 17.83 10.96
C ALA A 65 4.15 17.70 12.46
N GLY A 66 3.76 16.53 12.91
CA GLY A 66 3.50 16.34 14.37
C GLY A 66 2.11 15.74 14.56
N ALA A 67 1.31 15.76 13.53
CA ALA A 67 -0.06 15.19 13.64
C ALA A 67 -0.48 14.55 12.32
N CYS A 68 -0.55 13.25 12.27
CA CYS A 68 -0.95 12.57 11.00
C CYS A 68 -1.82 11.35 11.30
N ALA A 69 -2.72 11.02 10.43
CA ALA A 69 -3.60 9.84 10.66
C ALA A 69 -3.88 9.13 9.33
N ASN A 70 -3.18 9.48 8.29
CA ASN A 70 -3.41 8.82 6.97
C ASN A 70 -2.09 8.70 6.20
N CYS A 71 -1.89 7.61 5.52
CA CYS A 71 -0.62 7.43 4.74
C CYS A 71 -0.94 7.34 3.24
N ALA A 72 -0.31 6.43 2.55
CA ALA A 72 -0.58 6.29 1.08
C ALA A 72 -0.54 4.82 0.65
N SER A 73 -1.36 4.00 1.24
CA SER A 73 -1.36 2.55 0.86
C SER A 73 -2.77 2.12 0.45
N ILE A 74 -2.96 1.80 -0.80
CA ILE A 74 -4.31 1.36 -1.26
C ILE A 74 -4.47 -0.15 -1.09
N VAL A 75 -4.72 -0.58 0.12
CA VAL A 75 -4.88 -2.05 0.35
C VAL A 75 -5.91 -2.63 -0.62
N LYS A 76 -5.49 -3.56 -1.46
CA LYS A 76 -6.44 -4.16 -2.42
C LYS A 76 -7.20 -5.31 -1.77
N GLU A 77 -6.74 -5.78 -0.65
CA GLU A 77 -7.44 -6.91 0.04
C GLU A 77 -6.62 -7.37 1.25
N GLY A 78 -7.26 -7.97 2.21
CA GLY A 78 -6.51 -8.45 3.42
C GLY A 78 -6.87 -7.56 4.61
N GLU A 79 -5.97 -7.40 5.53
CA GLU A 79 -6.26 -6.55 6.72
C GLU A 79 -4.97 -6.29 7.52
N ILE A 80 -4.77 -5.08 7.98
CA ILE A 80 -3.54 -4.78 8.75
C ILE A 80 -3.91 -4.45 10.20
N ASP A 81 -3.12 -4.90 11.15
CA ASP A 81 -3.43 -4.61 12.57
C ASP A 81 -2.97 -3.21 12.94
N MET A 82 -3.88 -2.34 13.30
CA MET A 82 -3.49 -0.94 13.65
C MET A 82 -3.48 -0.75 15.17
N ASP A 83 -3.26 0.45 15.62
CA ASP A 83 -3.24 0.70 17.09
C ASP A 83 -4.59 0.37 17.72
N MET A 84 -4.69 0.46 19.02
CA MET A 84 -5.98 0.16 19.70
C MET A 84 -6.93 1.35 19.59
N GLN A 85 -7.66 1.45 18.51
CA GLN A 85 -8.60 2.60 18.34
C GLN A 85 -9.45 2.41 17.09
N GLN A 86 -9.91 3.49 16.51
CA GLN A 86 -10.75 3.39 15.29
C GLN A 86 -10.52 4.61 14.38
N ILE A 87 -11.25 5.67 14.59
CA ILE A 87 -11.06 6.88 13.76
C ILE A 87 -11.25 6.55 12.27
N LEU A 88 -11.30 7.55 11.44
CA LEU A 88 -11.48 7.30 9.98
C LEU A 88 -12.80 6.58 9.71
N SER A 89 -13.11 6.34 8.47
CA SER A 89 -14.40 5.65 8.14
C SER A 89 -14.14 4.53 7.13
N ASP A 90 -15.00 3.55 7.07
CA ASP A 90 -14.80 2.44 6.11
C ASP A 90 -14.86 2.96 4.67
N GLU A 91 -15.73 3.89 4.41
CA GLU A 91 -15.84 4.44 3.03
C GLU A 91 -14.45 4.84 2.53
N GLU A 92 -13.59 5.23 3.43
CA GLU A 92 -12.21 5.62 3.02
C GLU A 92 -11.41 4.37 2.67
N VAL A 93 -11.47 3.36 3.51
CA VAL A 93 -10.73 2.10 3.22
C VAL A 93 -11.50 1.26 2.20
N GLU A 94 -12.69 1.68 1.86
CA GLU A 94 -13.49 0.91 0.86
C GLU A 94 -13.37 1.55 -0.53
N GLU A 95 -13.41 2.85 -0.59
CA GLU A 95 -13.30 3.53 -1.91
C GLU A 95 -11.83 3.80 -2.25
N LYS A 96 -11.10 4.41 -1.35
CA LYS A 96 -9.67 4.70 -1.63
C LYS A 96 -8.80 3.52 -1.18
N ASP A 97 -9.27 2.76 -0.23
CA ASP A 97 -8.47 1.60 0.26
C ASP A 97 -7.20 2.09 0.97
N VAL A 98 -7.24 3.26 1.52
CA VAL A 98 -6.03 3.79 2.21
C VAL A 98 -6.00 3.31 3.67
N ARG A 99 -4.85 3.28 4.27
CA ARG A 99 -4.74 2.82 5.69
C ARG A 99 -3.42 3.29 6.29
N LEU A 100 -3.04 2.73 7.41
CA LEU A 100 -1.76 3.15 8.05
C LEU A 100 -0.71 2.05 7.91
N THR A 101 0.44 2.38 7.37
CA THR A 101 1.50 1.34 7.19
C THR A 101 2.82 1.84 7.80
N CYS A 102 2.79 2.97 8.45
CA CYS A 102 4.04 3.51 9.07
C CYS A 102 4.33 2.80 10.39
N ILE A 103 3.31 2.36 11.08
CA ILE A 103 3.53 1.67 12.37
C ILE A 103 2.47 0.58 12.57
N GLY A 104 1.95 0.04 11.49
CA GLY A 104 0.92 -1.01 11.61
C GLY A 104 1.52 -2.35 11.18
N SER A 105 0.89 -3.44 11.54
CA SER A 105 1.43 -4.77 11.15
C SER A 105 0.37 -5.56 10.36
N PRO A 106 0.81 -6.61 9.74
CA PRO A 106 -0.11 -7.47 8.95
C PRO A 106 -1.03 -8.26 9.87
N ALA A 107 -2.32 -8.16 9.66
CA ALA A 107 -3.27 -8.91 10.53
C ALA A 107 -3.84 -10.12 9.77
N ALA A 108 -3.74 -10.11 8.47
CA ALA A 108 -4.27 -11.25 7.67
C ALA A 108 -3.11 -12.00 6.99
N ASP A 109 -3.12 -13.31 7.05
CA ASP A 109 -2.03 -14.10 6.41
C ASP A 109 -1.70 -13.51 5.03
N GLU A 110 -2.67 -13.43 4.17
CA GLU A 110 -2.42 -12.86 2.82
C GLU A 110 -3.08 -11.49 2.68
N VAL A 111 -2.36 -10.52 2.19
CA VAL A 111 -2.95 -9.15 2.05
C VAL A 111 -2.44 -8.49 0.76
N LYS A 112 -3.20 -7.57 0.22
CA LYS A 112 -2.76 -6.88 -1.03
C LYS A 112 -2.89 -5.37 -0.87
N ILE A 113 -1.97 -4.62 -1.41
CA ILE A 113 -2.04 -3.13 -1.30
C ILE A 113 -1.17 -2.48 -2.38
N VAL A 114 -1.46 -1.25 -2.73
CA VAL A 114 -0.65 -0.56 -3.76
C VAL A 114 0.24 0.50 -3.11
N TYR A 115 1.53 0.34 -3.20
CA TYR A 115 2.45 1.33 -2.56
C TYR A 115 2.58 2.58 -3.45
N ASN A 116 2.90 3.71 -2.86
CA ASN A 116 3.05 4.97 -3.64
C ASN A 116 1.67 5.52 -4.05
N ALA A 117 0.74 5.57 -3.12
CA ALA A 117 -0.61 6.11 -3.45
C ALA A 117 -0.52 7.61 -3.72
N LYS A 118 0.59 8.21 -3.40
CA LYS A 118 0.75 9.67 -3.63
C LYS A 118 0.56 10.00 -5.12
N HIS A 119 0.68 9.01 -5.97
CA HIS A 119 0.52 9.25 -7.43
C HIS A 119 -0.94 9.59 -7.75
N LEU A 120 -1.86 9.05 -7.00
CA LEU A 120 -3.30 9.35 -7.28
C LEU A 120 -3.49 10.84 -7.55
N ASP A 121 -4.34 11.18 -8.49
CA ASP A 121 -4.57 12.62 -8.80
C ASP A 121 -4.95 13.39 -7.54
N TYR A 122 -5.58 12.73 -6.60
CA TYR A 122 -5.98 13.43 -5.35
C TYR A 122 -4.75 13.72 -4.49
N LEU A 123 -3.62 13.14 -4.83
CA LEU A 123 -2.39 13.39 -4.04
C LEU A 123 -1.37 14.17 -4.88
N GLN A 124 -1.29 13.87 -6.14
CA GLN A 124 -0.31 14.61 -7.01
C GLN A 124 -0.58 16.10 -6.95
N ASN A 125 -1.82 16.48 -6.75
CA ASN A 125 -2.16 17.93 -6.67
C ASN A 125 -1.15 18.65 -5.77
N ARG A 126 -0.75 18.01 -4.71
CA ARG A 126 0.24 18.65 -3.79
C ARG A 126 1.36 19.32 -4.59
N VAL A 127 1.77 18.71 -5.67
CA VAL A 127 2.86 19.30 -6.49
C VAL A 127 2.44 20.69 -7.00
N ILE A 128 1.54 20.74 -7.94
CA ILE A 128 1.10 22.07 -8.46
C ILE A 128 -0.40 22.03 -8.77
N PRO A 1 1.32 -14.71 6.14
CA PRO A 1 1.62 -13.26 6.27
C PRO A 1 2.30 -12.73 5.01
N THR A 2 1.66 -12.84 3.88
CA THR A 2 2.27 -12.35 2.61
C THR A 2 1.48 -11.16 2.06
N VAL A 3 2.13 -10.04 1.89
CA VAL A 3 1.41 -8.85 1.35
C VAL A 3 1.99 -8.45 -0.01
N GLU A 4 1.21 -8.55 -1.05
CA GLU A 4 1.72 -8.17 -2.40
C GLU A 4 1.63 -6.65 -2.60
N TYR A 5 2.75 -6.00 -2.73
CA TYR A 5 2.73 -4.52 -2.92
C TYR A 5 2.71 -4.19 -4.42
N LEU A 6 1.95 -3.21 -4.80
CA LEU A 6 1.88 -2.84 -6.25
C LEU A 6 2.07 -1.32 -6.42
N ASN A 7 3.03 -0.92 -7.22
CA ASN A 7 3.25 0.54 -7.42
C ASN A 7 2.00 1.20 -8.02
N TYR A 8 1.51 2.23 -7.41
CA TYR A 8 0.30 2.91 -7.95
C TYR A 8 0.61 3.47 -9.34
N GLU A 9 1.83 3.89 -9.55
CA GLU A 9 2.20 4.45 -10.89
C GLU A 9 2.09 3.34 -11.95
N THR A 10 2.39 2.13 -11.58
CA THR A 10 2.29 1.01 -12.57
C THR A 10 0.85 0.84 -13.02
N LEU A 11 -0.09 1.20 -12.19
CA LEU A 11 -1.53 1.06 -12.57
C LEU A 11 -1.88 2.10 -13.63
N ASP A 12 -1.52 3.34 -13.41
CA ASP A 12 -1.84 4.41 -14.40
C ASP A 12 -0.86 4.34 -15.57
N ASP A 13 0.41 4.21 -15.30
CA ASP A 13 1.41 4.14 -16.40
C ASP A 13 1.04 3.02 -17.37
N GLN A 14 0.94 1.81 -16.88
CA GLN A 14 0.59 0.67 -17.79
C GLN A 14 -0.85 0.84 -18.30
N GLY A 15 -1.59 1.76 -17.76
CA GLY A 15 -2.99 1.97 -18.22
C GLY A 15 -3.82 0.73 -17.90
N TRP A 16 -3.60 0.13 -16.76
CA TRP A 16 -4.39 -1.09 -16.40
C TRP A 16 -5.52 -0.72 -15.45
N ASP A 17 -6.31 -1.67 -15.06
CA ASP A 17 -7.45 -1.37 -14.13
C ASP A 17 -6.99 -1.54 -12.68
N MET A 18 -7.88 -1.34 -11.75
CA MET A 18 -7.49 -1.50 -10.31
C MET A 18 -7.40 -2.98 -9.94
N ASP A 19 -8.42 -3.73 -10.24
CA ASP A 19 -8.39 -5.19 -9.90
C ASP A 19 -8.99 -6.02 -11.04
N ASP A 20 -9.29 -5.39 -12.15
CA ASP A 20 -9.88 -6.13 -13.29
C ASP A 20 -8.85 -7.10 -13.87
N ASP A 21 -7.70 -6.61 -14.24
CA ASP A 21 -6.65 -7.50 -14.81
C ASP A 21 -5.93 -8.26 -13.70
N ASP A 22 -6.27 -7.99 -12.47
CA ASP A 22 -5.61 -8.71 -11.34
C ASP A 22 -4.09 -8.66 -11.51
N LEU A 23 -3.55 -7.49 -11.72
CA LEU A 23 -2.08 -7.37 -11.88
C LEU A 23 -1.35 -8.17 -10.80
N PHE A 24 -1.83 -8.11 -9.59
CA PHE A 24 -1.18 -8.87 -8.49
C PHE A 24 -0.93 -10.31 -8.93
N GLU A 25 -1.68 -10.78 -9.88
CA GLU A 25 -1.49 -12.17 -10.37
C GLU A 25 -0.94 -12.16 -11.79
N LYS A 26 -1.44 -11.31 -12.64
CA LYS A 26 -0.95 -11.25 -14.04
C LYS A 26 0.36 -10.45 -14.09
N ALA A 27 0.49 -9.45 -13.28
CA ALA A 27 1.74 -8.64 -13.27
C ALA A 27 2.92 -9.51 -12.87
N ALA A 28 2.66 -10.64 -12.28
CA ALA A 28 3.77 -11.54 -11.84
C ALA A 28 4.43 -12.17 -13.07
N ASP A 29 3.67 -12.38 -14.12
CA ASP A 29 4.26 -12.99 -15.34
C ASP A 29 5.17 -11.98 -16.05
N ALA A 30 4.90 -10.71 -15.89
CA ALA A 30 5.75 -9.68 -16.56
C ALA A 30 7.08 -9.53 -15.82
N GLY A 31 7.02 -9.35 -14.52
CA GLY A 31 8.27 -9.18 -13.74
C GLY A 31 8.60 -7.70 -13.60
N LEU A 32 7.61 -6.88 -13.35
CA LEU A 32 7.87 -5.42 -13.20
C LEU A 32 9.00 -5.17 -12.21
N ASP A 33 9.30 -3.93 -11.94
CA ASP A 33 10.40 -3.62 -10.98
C ASP A 33 10.02 -4.10 -9.57
N GLY A 34 10.97 -4.63 -8.84
CA GLY A 34 10.66 -5.11 -7.46
C GLY A 34 10.32 -3.92 -6.57
N GLU A 35 10.88 -2.77 -6.85
CA GLU A 35 10.58 -1.57 -6.03
C GLU A 35 9.16 -1.07 -6.30
N ASP A 36 8.47 -1.70 -7.22
CA ASP A 36 7.08 -1.27 -7.53
C ASP A 36 6.09 -2.41 -7.29
N TYR A 37 6.35 -3.56 -7.84
CA TYR A 37 5.41 -4.71 -7.63
C TYR A 37 6.17 -5.94 -7.16
N GLY A 38 5.58 -6.75 -6.33
CA GLY A 38 6.26 -7.96 -5.83
C GLY A 38 5.58 -8.45 -4.56
N THR A 39 5.78 -9.69 -4.19
CA THR A 39 5.14 -10.22 -2.96
C THR A 39 5.95 -9.83 -1.73
N MET A 40 5.36 -9.12 -0.81
CA MET A 40 6.10 -8.69 0.41
C MET A 40 5.92 -9.74 1.52
N GLU A 41 6.70 -9.65 2.56
CA GLU A 41 6.57 -10.64 3.67
C GLU A 41 6.71 -9.94 5.02
N VAL A 42 5.71 -10.05 5.87
CA VAL A 42 5.79 -9.40 7.20
C VAL A 42 5.25 -10.33 8.29
N ALA A 43 6.09 -10.77 9.18
CA ALA A 43 5.64 -11.68 10.26
C ALA A 43 4.89 -10.89 11.34
N GLU A 44 3.93 -11.50 11.98
CA GLU A 44 3.16 -10.78 13.05
C GLU A 44 4.13 -10.10 14.01
N GLY A 45 4.11 -8.80 14.07
CA GLY A 45 5.03 -8.08 14.99
C GLY A 45 5.93 -7.15 14.17
N GLU A 46 5.76 -7.11 12.88
CA GLU A 46 6.62 -6.23 12.05
C GLU A 46 5.74 -5.30 11.20
N TYR A 47 6.03 -4.03 11.20
CA TYR A 47 5.21 -3.07 10.39
C TYR A 47 5.52 -3.25 8.90
N ILE A 48 4.52 -3.16 8.07
CA ILE A 48 4.74 -3.34 6.60
C ILE A 48 5.85 -2.39 6.12
N LEU A 49 5.60 -1.10 6.18
CA LEU A 49 6.64 -0.13 5.72
C LEU A 49 8.03 -0.57 6.19
N GLU A 50 8.12 -1.26 7.29
CA GLU A 50 9.45 -1.71 7.79
C GLU A 50 9.96 -2.88 6.94
N ALA A 51 9.20 -3.94 6.86
CA ALA A 51 9.65 -5.10 6.04
C ALA A 51 9.81 -4.67 4.58
N ALA A 52 9.02 -3.72 4.15
CA ALA A 52 9.13 -3.25 2.73
C ALA A 52 10.28 -2.27 2.61
N GLU A 53 10.44 -1.39 3.56
CA GLU A 53 11.54 -0.40 3.51
C GLU A 53 12.89 -1.13 3.56
N ALA A 54 12.93 -2.24 4.23
CA ALA A 54 14.21 -3.02 4.32
C ALA A 54 14.50 -3.69 2.98
N GLN A 55 13.54 -3.72 2.10
CA GLN A 55 13.76 -4.36 0.77
C GLN A 55 14.09 -3.30 -0.28
N GLY A 56 13.69 -2.08 -0.04
CA GLY A 56 13.99 -1.01 -1.04
C GLY A 56 12.69 -0.30 -1.42
N TYR A 57 11.57 -0.77 -0.94
CA TYR A 57 10.27 -0.12 -1.30
C TYR A 57 10.18 1.26 -0.62
N ASP A 58 9.76 2.25 -1.37
CA ASP A 58 9.65 3.62 -0.77
C ASP A 58 8.18 4.00 -0.58
N TRP A 59 7.88 4.74 0.44
CA TRP A 59 6.45 5.14 0.68
C TRP A 59 6.38 6.63 1.04
N PRO A 60 5.36 7.27 0.56
CA PRO A 60 5.16 8.72 0.81
C PRO A 60 4.72 8.96 2.26
N PHE A 61 4.96 10.13 2.78
CA PHE A 61 4.54 10.42 4.18
C PHE A 61 3.84 11.79 4.24
N SER A 62 2.56 11.80 4.41
CA SER A 62 1.82 13.10 4.48
C SER A 62 1.65 13.54 5.93
N CYS A 63 2.17 12.78 6.87
CA CYS A 63 2.03 13.16 8.30
C CYS A 63 2.85 14.43 8.59
N ARG A 64 2.90 14.84 9.82
CA ARG A 64 3.68 16.05 10.17
C ARG A 64 4.46 15.82 11.47
N ALA A 65 5.28 14.81 11.50
CA ALA A 65 6.08 14.52 12.73
C ALA A 65 5.13 14.13 13.87
N GLY A 66 5.65 13.98 15.06
CA GLY A 66 4.79 13.60 16.22
C GLY A 66 4.05 12.31 15.89
N ALA A 67 3.10 11.94 16.71
CA ALA A 67 2.33 10.69 16.45
C ALA A 67 1.93 10.60 14.98
N CYS A 68 2.60 9.80 14.20
CA CYS A 68 2.25 9.68 12.76
C CYS A 68 0.76 9.36 12.60
N ALA A 69 -0.01 10.28 12.11
CA ALA A 69 -1.47 10.02 11.93
C ALA A 69 -1.68 8.84 10.97
N ASN A 70 -1.81 9.11 9.70
CA ASN A 70 -2.01 8.01 8.72
C ASN A 70 -1.05 8.16 7.54
N CYS A 71 -0.77 7.09 6.85
CA CYS A 71 0.16 7.18 5.70
C CYS A 71 -0.61 7.35 4.39
N ALA A 72 -0.14 6.78 3.31
CA ALA A 72 -0.87 6.93 2.02
C ALA A 72 -0.73 5.67 1.16
N SER A 73 -1.64 4.75 1.29
CA SER A 73 -1.58 3.50 0.48
C SER A 73 -2.99 3.10 0.04
N ILE A 74 -3.12 1.97 -0.62
CA ILE A 74 -4.48 1.53 -1.07
C ILE A 74 -4.56 0.00 -1.05
N VAL A 75 -4.94 -0.56 0.05
CA VAL A 75 -5.04 -2.05 0.14
C VAL A 75 -6.01 -2.58 -0.94
N LYS A 76 -5.56 -3.48 -1.76
CA LYS A 76 -6.45 -4.02 -2.82
C LYS A 76 -7.16 -5.28 -2.31
N GLU A 77 -6.78 -5.76 -1.15
CA GLU A 77 -7.45 -6.98 -0.59
C GLU A 77 -6.80 -7.35 0.74
N GLY A 78 -7.37 -8.30 1.43
CA GLY A 78 -6.79 -8.72 2.74
C GLY A 78 -7.06 -7.64 3.78
N GLU A 79 -6.53 -7.79 4.96
CA GLU A 79 -6.75 -6.76 6.02
C GLU A 79 -5.47 -6.52 6.81
N ILE A 80 -5.34 -5.38 7.41
CA ILE A 80 -4.11 -5.08 8.21
C ILE A 80 -4.49 -4.75 9.65
N ASP A 81 -3.61 -5.00 10.58
CA ASP A 81 -3.93 -4.70 12.01
C ASP A 81 -3.21 -3.43 12.46
N MET A 82 -3.82 -2.67 13.33
CA MET A 82 -3.17 -1.42 13.83
C MET A 82 -3.46 -1.25 15.32
N ASP A 83 -2.99 -0.17 15.90
CA ASP A 83 -3.23 0.05 17.36
C ASP A 83 -4.68 0.47 17.60
N MET A 84 -5.21 0.19 18.75
CA MET A 84 -6.62 0.58 19.04
C MET A 84 -6.75 2.11 19.10
N GLN A 85 -7.19 2.72 18.03
CA GLN A 85 -7.32 4.21 18.02
C GLN A 85 -8.34 4.63 16.97
N GLN A 86 -8.83 5.84 17.05
CA GLN A 86 -9.82 6.32 16.05
C GLN A 86 -9.15 7.27 15.04
N ILE A 87 -9.08 6.87 13.81
CA ILE A 87 -8.44 7.75 12.79
C ILE A 87 -9.08 7.52 11.41
N LEU A 88 -9.06 8.50 10.56
CA LEU A 88 -9.66 8.33 9.21
C LEU A 88 -11.10 7.83 9.32
N SER A 89 -11.73 7.52 8.22
CA SER A 89 -13.14 7.03 8.28
C SER A 89 -13.25 5.68 7.56
N ASP A 90 -14.20 4.88 7.95
CA ASP A 90 -14.37 3.55 7.27
C ASP A 90 -14.53 3.73 5.77
N GLU A 91 -15.27 4.73 5.36
CA GLU A 91 -15.48 4.97 3.91
C GLU A 91 -14.12 5.15 3.21
N GLU A 92 -13.18 5.74 3.89
CA GLU A 92 -11.84 5.95 3.27
C GLU A 92 -11.09 4.61 3.18
N VAL A 93 -11.27 3.76 4.13
CA VAL A 93 -10.56 2.44 4.10
C VAL A 93 -11.29 1.48 3.15
N GLU A 94 -12.57 1.65 2.97
CA GLU A 94 -13.33 0.74 2.07
C GLU A 94 -13.31 1.30 0.64
N GLU A 95 -13.47 2.58 0.49
CA GLU A 95 -13.46 3.18 -0.87
C GLU A 95 -12.03 3.55 -1.29
N LYS A 96 -11.32 4.24 -0.44
CA LYS A 96 -9.92 4.62 -0.80
C LYS A 96 -8.97 3.46 -0.51
N ASP A 97 -9.35 2.58 0.37
CA ASP A 97 -8.46 1.41 0.69
C ASP A 97 -7.18 1.90 1.36
N VAL A 98 -7.18 3.08 1.90
CA VAL A 98 -5.94 3.60 2.56
C VAL A 98 -5.82 3.04 3.97
N ARG A 99 -4.63 3.02 4.51
CA ARG A 99 -4.46 2.47 5.89
C ARG A 99 -3.00 2.65 6.33
N LEU A 100 -2.77 3.36 7.40
CA LEU A 100 -1.37 3.56 7.88
C LEU A 100 -0.59 2.25 7.80
N THR A 101 0.63 2.30 7.33
CA THR A 101 1.44 1.05 7.21
C THR A 101 2.76 1.21 7.98
N CYS A 102 3.04 2.40 8.44
CA CYS A 102 4.31 2.62 9.20
C CYS A 102 4.30 1.82 10.50
N ILE A 103 3.22 1.87 11.23
CA ILE A 103 3.15 1.11 12.52
C ILE A 103 1.96 0.15 12.49
N GLY A 104 1.80 -0.60 11.43
CA GLY A 104 0.67 -1.56 11.35
C GLY A 104 1.12 -2.84 10.64
N SER A 105 0.62 -3.97 11.06
CA SER A 105 1.02 -5.25 10.41
C SER A 105 -0.20 -5.90 9.76
N PRO A 106 0.07 -6.73 8.78
CA PRO A 106 -1.02 -7.43 8.05
C PRO A 106 -1.62 -8.53 8.94
N ALA A 107 -2.88 -8.83 8.74
CA ALA A 107 -3.52 -9.89 9.58
C ALA A 107 -3.95 -11.07 8.70
N ALA A 108 -4.09 -10.85 7.42
CA ALA A 108 -4.50 -11.97 6.52
C ALA A 108 -3.27 -12.60 5.85
N ASP A 109 -3.43 -13.77 5.30
CA ASP A 109 -2.26 -14.44 4.64
C ASP A 109 -1.83 -13.65 3.40
N GLU A 110 -2.61 -13.70 2.36
CA GLU A 110 -2.25 -12.95 1.12
C GLU A 110 -3.01 -11.62 1.05
N VAL A 111 -2.38 -10.55 1.42
CA VAL A 111 -3.07 -9.23 1.39
C VAL A 111 -2.54 -8.40 0.22
N LYS A 112 -3.42 -7.78 -0.52
CA LYS A 112 -2.97 -6.94 -1.67
C LYS A 112 -3.03 -5.45 -1.32
N ILE A 113 -2.08 -4.69 -1.78
CA ILE A 113 -2.08 -3.23 -1.47
C ILE A 113 -1.20 -2.47 -2.48
N VAL A 114 -1.46 -1.21 -2.68
CA VAL A 114 -0.63 -0.42 -3.63
C VAL A 114 0.15 0.65 -2.88
N TYR A 115 1.43 0.76 -3.11
CA TYR A 115 2.24 1.79 -2.39
C TYR A 115 2.31 3.08 -3.22
N ASN A 116 2.77 4.15 -2.62
CA ASN A 116 2.87 5.44 -3.37
C ASN A 116 1.46 5.97 -3.68
N ALA A 117 0.58 5.94 -2.72
CA ALA A 117 -0.80 6.45 -2.97
C ALA A 117 -0.77 7.95 -3.25
N LYS A 118 0.34 8.59 -2.96
CA LYS A 118 0.44 10.05 -3.22
C LYS A 118 0.06 10.37 -4.67
N HIS A 119 0.11 9.39 -5.53
CA HIS A 119 -0.25 9.62 -6.95
C HIS A 119 -1.76 9.80 -7.11
N LEU A 120 -2.52 9.32 -6.15
CA LEU A 120 -4.00 9.46 -6.24
C LEU A 120 -4.38 10.86 -6.72
N ASP A 121 -5.24 10.95 -7.71
CA ASP A 121 -5.64 12.29 -8.22
C ASP A 121 -6.44 13.03 -7.14
N TYR A 122 -7.32 12.35 -6.46
CA TYR A 122 -8.14 13.00 -5.41
C TYR A 122 -7.25 13.35 -4.20
N LEU A 123 -6.01 12.93 -4.23
CA LEU A 123 -5.09 13.24 -3.09
C LEU A 123 -3.79 13.86 -3.60
N GLN A 124 -3.60 13.89 -4.89
CA GLN A 124 -2.34 14.49 -5.44
C GLN A 124 -2.16 15.91 -4.94
N ASN A 125 -3.23 16.56 -4.54
CA ASN A 125 -3.12 17.95 -4.04
C ASN A 125 -1.90 18.10 -3.12
N ARG A 126 -1.55 17.07 -2.40
CA ARG A 126 -0.38 17.17 -1.49
C ARG A 126 0.80 17.81 -2.22
N VAL A 127 0.98 17.49 -3.48
CA VAL A 127 2.12 18.10 -4.24
C VAL A 127 1.98 19.62 -4.28
N ILE A 128 3.05 20.31 -4.57
CA ILE A 128 2.98 21.80 -4.62
C ILE A 128 3.55 22.30 -5.95
N PRO A 1 1.51 -14.34 6.79
CA PRO A 1 1.52 -12.85 6.69
C PRO A 1 2.23 -12.41 5.39
N THR A 2 1.68 -12.76 4.26
CA THR A 2 2.32 -12.37 2.98
C THR A 2 1.53 -11.23 2.32
N VAL A 3 2.10 -10.06 2.26
CA VAL A 3 1.37 -8.91 1.64
C VAL A 3 1.84 -8.72 0.20
N GLU A 4 1.12 -7.93 -0.56
CA GLU A 4 1.52 -7.70 -1.98
C GLU A 4 1.46 -6.21 -2.31
N TYR A 5 2.58 -5.59 -2.59
CA TYR A 5 2.57 -4.15 -2.92
C TYR A 5 2.64 -3.95 -4.44
N LEU A 6 1.75 -3.16 -4.98
CA LEU A 6 1.75 -2.92 -6.45
C LEU A 6 1.82 -1.41 -6.73
N ASN A 7 2.90 -0.95 -7.31
CA ASN A 7 3.04 0.50 -7.60
C ASN A 7 1.76 1.06 -8.20
N TYR A 8 1.16 2.04 -7.56
CA TYR A 8 -0.09 2.63 -8.11
C TYR A 8 0.19 3.23 -9.49
N GLU A 9 1.34 3.81 -9.67
CA GLU A 9 1.68 4.41 -11.00
C GLU A 9 1.63 3.32 -12.08
N THR A 10 2.03 2.13 -11.75
CA THR A 10 2.00 1.03 -12.76
C THR A 10 0.57 0.84 -13.26
N LEU A 11 -0.40 1.14 -12.44
CA LEU A 11 -1.82 0.99 -12.86
C LEU A 11 -2.14 1.99 -13.96
N ASP A 12 -1.85 3.25 -13.73
CA ASP A 12 -2.12 4.29 -14.76
C ASP A 12 -1.06 4.22 -15.86
N ASP A 13 0.18 4.04 -15.48
CA ASP A 13 1.26 3.95 -16.49
C ASP A 13 0.84 3.00 -17.62
N GLN A 14 0.66 1.74 -17.30
CA GLN A 14 0.25 0.77 -18.34
C GLN A 14 -1.21 1.02 -18.75
N GLY A 15 -1.90 1.88 -18.03
CA GLY A 15 -3.31 2.18 -18.37
C GLY A 15 -4.18 0.95 -18.08
N TRP A 16 -3.87 0.23 -17.03
CA TRP A 16 -4.67 -0.97 -16.68
C TRP A 16 -5.88 -0.57 -15.83
N ASP A 17 -6.74 -1.51 -15.52
CA ASP A 17 -7.94 -1.18 -14.70
C ASP A 17 -7.60 -1.30 -13.21
N MET A 18 -8.55 -1.01 -12.36
CA MET A 18 -8.29 -1.10 -10.89
C MET A 18 -8.25 -2.57 -10.45
N ASP A 19 -9.20 -3.36 -10.90
CA ASP A 19 -9.21 -4.79 -10.50
C ASP A 19 -9.58 -5.68 -11.71
N ASP A 20 -9.66 -5.11 -12.87
CA ASP A 20 -10.02 -5.92 -14.08
C ASP A 20 -8.81 -6.72 -14.54
N ASP A 21 -7.73 -6.06 -14.85
CA ASP A 21 -6.51 -6.80 -15.31
C ASP A 21 -5.80 -7.43 -14.11
N ASP A 22 -6.21 -7.12 -12.93
CA ASP A 22 -5.56 -7.71 -11.72
C ASP A 22 -4.05 -7.50 -11.80
N LEU A 23 -3.62 -6.28 -12.02
CA LEU A 23 -2.16 -6.00 -12.09
C LEU A 23 -1.40 -6.81 -11.03
N PHE A 24 -1.93 -6.85 -9.83
CA PHE A 24 -1.26 -7.63 -8.75
C PHE A 24 -0.83 -8.99 -9.29
N GLU A 25 -1.54 -9.50 -10.26
CA GLU A 25 -1.19 -10.82 -10.83
C GLU A 25 -0.43 -10.65 -12.16
N LYS A 26 -0.94 -9.82 -13.03
CA LYS A 26 -0.25 -9.62 -14.35
C LYS A 26 1.14 -9.03 -14.12
N ALA A 27 1.32 -8.30 -13.06
CA ALA A 27 2.65 -7.69 -12.78
C ALA A 27 3.67 -8.78 -12.42
N ALA A 28 3.22 -9.99 -12.26
CA ALA A 28 4.16 -11.10 -11.91
C ALA A 28 4.66 -11.79 -13.18
N ASP A 29 3.86 -11.79 -14.22
CA ASP A 29 4.28 -12.45 -15.48
C ASP A 29 4.90 -11.42 -16.43
N ALA A 30 4.71 -10.16 -16.17
CA ALA A 30 5.28 -9.12 -17.06
C ALA A 30 6.71 -8.78 -16.64
N GLY A 31 7.11 -9.21 -15.47
CA GLY A 31 8.49 -8.92 -15.00
C GLY A 31 8.63 -7.42 -14.73
N LEU A 32 7.67 -6.83 -14.07
CA LEU A 32 7.74 -5.38 -13.78
C LEU A 32 8.90 -5.09 -12.82
N ASP A 33 9.17 -3.84 -12.55
CA ASP A 33 10.27 -3.49 -11.62
C ASP A 33 9.95 -4.00 -10.21
N GLY A 34 10.78 -4.85 -9.67
CA GLY A 34 10.52 -5.38 -8.30
C GLY A 34 10.15 -4.23 -7.36
N GLU A 35 10.70 -3.06 -7.58
CA GLU A 35 10.38 -1.91 -6.70
C GLU A 35 8.95 -1.43 -6.94
N ASP A 36 8.30 -1.92 -7.97
CA ASP A 36 6.90 -1.49 -8.24
C ASP A 36 5.93 -2.57 -7.78
N TYR A 37 6.18 -3.80 -8.12
CA TYR A 37 5.26 -4.89 -7.70
C TYR A 37 6.05 -6.04 -7.06
N GLY A 38 5.49 -6.69 -6.08
CA GLY A 38 6.21 -7.82 -5.42
C GLY A 38 5.49 -8.20 -4.12
N THR A 39 5.83 -9.32 -3.55
CA THR A 39 5.18 -9.74 -2.28
C THR A 39 5.90 -9.13 -1.09
N MET A 40 5.18 -8.50 -0.19
CA MET A 40 5.82 -7.88 1.00
C MET A 40 5.79 -8.85 2.19
N GLU A 41 6.78 -9.70 2.31
CA GLU A 41 6.79 -10.66 3.44
C GLU A 41 6.93 -9.91 4.77
N VAL A 42 5.94 -10.01 5.62
CA VAL A 42 6.01 -9.30 6.93
C VAL A 42 6.04 -10.31 8.07
N ALA A 43 7.04 -10.25 8.92
CA ALA A 43 7.11 -11.21 10.05
C ALA A 43 6.11 -10.81 11.15
N GLU A 44 5.15 -11.66 11.41
CA GLU A 44 4.13 -11.33 12.46
C GLU A 44 4.81 -10.70 13.67
N GLY A 45 4.50 -9.46 13.96
CA GLY A 45 5.13 -8.78 15.13
C GLY A 45 6.00 -7.62 14.64
N GLU A 46 5.96 -7.33 13.36
CA GLU A 46 6.78 -6.22 12.83
C GLU A 46 5.89 -5.23 12.07
N TYR A 47 6.29 -3.98 12.01
CA TYR A 47 5.47 -2.98 11.29
C TYR A 47 5.65 -3.13 9.78
N ILE A 48 4.61 -2.92 9.02
CA ILE A 48 4.72 -3.06 7.53
C ILE A 48 5.88 -2.21 7.00
N LEU A 49 5.78 -0.92 7.10
CA LEU A 49 6.87 -0.05 6.59
C LEU A 49 8.24 -0.64 6.96
N GLU A 50 8.32 -1.33 8.07
CA GLU A 50 9.63 -1.92 8.48
C GLU A 50 9.95 -3.14 7.62
N ALA A 51 9.06 -4.11 7.58
CA ALA A 51 9.31 -5.32 6.76
C ALA A 51 9.56 -4.93 5.31
N ALA A 52 8.85 -3.94 4.83
CA ALA A 52 9.04 -3.50 3.42
C ALA A 52 10.33 -2.68 3.30
N GLU A 53 10.78 -2.10 4.37
CA GLU A 53 12.04 -1.30 4.31
C GLU A 53 13.23 -2.21 4.06
N ALA A 54 13.25 -3.35 4.67
CA ALA A 54 14.38 -4.30 4.46
C ALA A 54 14.27 -4.96 3.09
N GLN A 55 13.20 -4.72 2.38
CA GLN A 55 13.04 -5.33 1.03
C GLN A 55 13.43 -4.32 -0.06
N GLY A 56 13.31 -3.05 0.23
CA GLY A 56 13.68 -2.03 -0.79
C GLY A 56 12.41 -1.32 -1.28
N TYR A 57 11.39 -1.32 -0.47
CA TYR A 57 10.12 -0.64 -0.89
C TYR A 57 10.08 0.80 -0.36
N ASP A 58 10.06 1.76 -1.23
CA ASP A 58 10.00 3.19 -0.76
C ASP A 58 8.55 3.64 -0.64
N TRP A 59 8.31 4.69 0.09
CA TRP A 59 6.91 5.18 0.26
C TRP A 59 6.85 6.70 0.16
N PRO A 60 5.69 7.19 -0.13
CA PRO A 60 5.46 8.65 -0.27
C PRO A 60 5.50 9.34 1.10
N PHE A 61 5.97 10.56 1.15
CA PHE A 61 6.04 11.29 2.44
C PHE A 61 6.99 10.58 3.40
N SER A 62 7.28 11.18 4.53
CA SER A 62 8.21 10.54 5.51
C SER A 62 7.75 10.83 6.93
N CYS A 63 8.59 10.57 7.90
CA CYS A 63 8.20 10.84 9.32
C CYS A 63 9.45 11.07 10.18
N ARG A 64 10.19 12.11 9.90
CA ARG A 64 11.41 12.38 10.72
C ARG A 64 11.18 13.60 11.63
N ALA A 65 10.23 14.42 11.30
CA ALA A 65 9.95 15.62 12.14
C ALA A 65 8.49 15.62 12.59
N GLY A 66 7.61 15.09 11.77
CA GLY A 66 6.18 15.07 12.15
C GLY A 66 5.78 13.66 12.59
N ALA A 67 4.73 13.53 13.33
CA ALA A 67 4.30 12.17 13.80
C ALA A 67 4.02 11.26 12.60
N CYS A 68 3.63 10.04 12.86
CA CYS A 68 3.34 9.09 11.75
C CYS A 68 1.88 9.21 11.30
N ALA A 69 1.57 10.18 10.50
CA ALA A 69 0.17 10.34 10.03
C ALA A 69 0.14 10.74 8.55
N ASN A 70 1.09 10.27 7.79
CA ASN A 70 1.13 10.62 6.34
C ASN A 70 1.06 9.34 5.50
N CYS A 71 1.99 9.14 4.59
CA CYS A 71 1.97 7.92 3.75
C CYS A 71 0.64 7.81 2.99
N ALA A 72 0.53 6.87 2.10
CA ALA A 72 -0.73 6.71 1.32
C ALA A 72 -0.72 5.39 0.57
N SER A 73 -1.63 4.50 0.87
CA SER A 73 -1.65 3.18 0.17
C SER A 73 -3.10 2.76 -0.11
N ILE A 74 -3.27 1.67 -0.81
CA ILE A 74 -4.65 1.20 -1.11
C ILE A 74 -4.74 -0.32 -0.98
N VAL A 75 -4.94 -0.81 0.21
CA VAL A 75 -5.03 -2.29 0.41
C VAL A 75 -6.04 -2.89 -0.58
N LYS A 76 -5.57 -3.73 -1.46
CA LYS A 76 -6.50 -4.36 -2.45
C LYS A 76 -7.18 -5.58 -1.84
N GLU A 77 -6.66 -6.08 -0.76
CA GLU A 77 -7.28 -7.27 -0.10
C GLU A 77 -6.48 -7.68 1.13
N GLY A 78 -7.09 -8.32 2.07
CA GLY A 78 -6.36 -8.74 3.30
C GLY A 78 -6.80 -7.87 4.47
N GLU A 79 -5.98 -7.77 5.48
CA GLU A 79 -6.35 -6.93 6.66
C GLU A 79 -5.10 -6.61 7.50
N ILE A 80 -5.13 -5.51 8.21
CA ILE A 80 -3.95 -5.14 9.04
C ILE A 80 -4.40 -4.64 10.41
N ASP A 81 -3.69 -4.98 11.44
CA ASP A 81 -4.09 -4.53 12.81
C ASP A 81 -3.12 -3.45 13.31
N MET A 82 -3.61 -2.50 14.07
CA MET A 82 -2.71 -1.44 14.59
C MET A 82 -3.32 -0.80 15.84
N ASP A 83 -2.73 0.24 16.34
CA ASP A 83 -3.27 0.91 17.56
C ASP A 83 -4.65 1.48 17.28
N MET A 84 -5.45 1.68 18.29
CA MET A 84 -6.82 2.23 18.07
C MET A 84 -6.74 3.74 17.81
N GLN A 85 -7.31 4.18 16.73
CA GLN A 85 -7.27 5.64 16.40
C GLN A 85 -8.41 6.00 15.45
N GLN A 86 -9.19 6.99 15.78
CA GLN A 86 -10.32 7.39 14.90
C GLN A 86 -9.94 8.61 14.06
N ILE A 87 -9.01 8.45 13.16
CA ILE A 87 -8.59 9.61 12.31
C ILE A 87 -9.02 9.38 10.86
N LEU A 88 -9.32 8.15 10.51
CA LEU A 88 -9.75 7.86 9.11
C LEU A 88 -11.23 7.48 9.08
N SER A 89 -11.77 7.29 7.91
CA SER A 89 -13.21 6.90 7.82
C SER A 89 -13.34 5.47 7.31
N ASP A 90 -13.96 4.61 8.07
CA ASP A 90 -14.10 3.19 7.63
C ASP A 90 -14.45 3.13 6.15
N GLU A 91 -15.34 3.96 5.71
CA GLU A 91 -15.73 3.96 4.27
C GLU A 91 -14.49 4.17 3.40
N GLU A 92 -13.52 4.88 3.90
CA GLU A 92 -12.29 5.11 3.10
C GLU A 92 -11.48 3.81 2.99
N VAL A 93 -11.44 3.05 4.04
CA VAL A 93 -10.67 1.76 4.00
C VAL A 93 -11.45 0.73 3.18
N GLU A 94 -12.74 0.85 3.12
CA GLU A 94 -13.56 -0.12 2.33
C GLU A 94 -13.65 0.33 0.87
N GLU A 95 -13.90 1.59 0.66
CA GLU A 95 -14.01 2.09 -0.75
C GLU A 95 -12.65 2.60 -1.25
N LYS A 96 -11.97 3.40 -0.46
CA LYS A 96 -10.65 3.91 -0.90
C LYS A 96 -9.55 2.88 -0.62
N ASP A 97 -9.83 1.89 0.19
CA ASP A 97 -8.81 0.86 0.49
C ASP A 97 -7.57 1.50 1.14
N VAL A 98 -7.69 2.71 1.60
CA VAL A 98 -6.52 3.38 2.23
C VAL A 98 -6.36 2.92 3.69
N ARG A 99 -5.17 2.92 4.20
CA ARG A 99 -4.95 2.49 5.60
C ARG A 99 -3.55 2.87 6.07
N LEU A 100 -3.34 2.94 7.37
CA LEU A 100 -1.99 3.31 7.89
C LEU A 100 -1.17 2.06 8.19
N THR A 101 -0.25 1.73 7.33
CA THR A 101 0.59 0.52 7.56
C THR A 101 2.02 0.92 7.95
N CYS A 102 2.18 1.60 9.05
CA CYS A 102 3.54 2.03 9.48
C CYS A 102 3.81 1.58 10.91
N ILE A 103 2.79 1.47 11.72
CA ILE A 103 2.99 1.05 13.14
C ILE A 103 2.15 -0.19 13.44
N GLY A 104 1.62 -0.83 12.42
CA GLY A 104 0.78 -2.03 12.67
C GLY A 104 1.28 -3.19 11.79
N SER A 105 0.77 -4.36 11.99
CA SER A 105 1.21 -5.53 11.17
C SER A 105 0.01 -6.18 10.48
N PRO A 106 0.31 -6.95 9.48
CA PRO A 106 -0.77 -7.65 8.72
C PRO A 106 -1.32 -8.81 9.55
N ALA A 107 -2.61 -9.04 9.46
CA ALA A 107 -3.22 -10.15 10.24
C ALA A 107 -3.70 -11.27 9.30
N ALA A 108 -3.89 -10.96 8.05
CA ALA A 108 -4.35 -12.00 7.08
C ALA A 108 -3.15 -12.62 6.36
N ASP A 109 -3.26 -13.85 5.96
CA ASP A 109 -2.13 -14.51 5.25
C ASP A 109 -1.79 -13.74 3.97
N GLU A 110 -2.73 -13.63 3.08
CA GLU A 110 -2.47 -12.88 1.80
C GLU A 110 -3.13 -11.50 1.86
N VAL A 111 -2.35 -10.46 1.76
CA VAL A 111 -2.93 -9.09 1.81
C VAL A 111 -2.36 -8.24 0.66
N LYS A 112 -3.21 -7.77 -0.22
CA LYS A 112 -2.72 -6.94 -1.35
C LYS A 112 -2.90 -5.46 -1.05
N ILE A 113 -2.01 -4.64 -1.53
CA ILE A 113 -2.11 -3.18 -1.28
C ILE A 113 -1.29 -2.39 -2.31
N VAL A 114 -1.79 -1.28 -2.76
CA VAL A 114 -1.04 -0.48 -3.76
C VAL A 114 -0.03 0.43 -3.04
N TYR A 115 1.19 0.43 -3.49
CA TYR A 115 2.23 1.29 -2.83
C TYR A 115 2.44 2.57 -3.64
N ASN A 116 2.81 3.65 -3.00
CA ASN A 116 3.03 4.94 -3.73
C ASN A 116 1.68 5.51 -4.19
N ALA A 117 0.70 5.47 -3.33
CA ALA A 117 -0.64 6.01 -3.71
C ALA A 117 -0.56 7.52 -3.92
N LYS A 118 0.42 8.16 -3.36
CA LYS A 118 0.54 9.64 -3.53
C LYS A 118 0.38 10.01 -5.01
N HIS A 119 0.64 9.08 -5.89
CA HIS A 119 0.50 9.37 -7.34
C HIS A 119 -0.97 9.59 -7.69
N LEU A 120 -1.86 9.04 -6.91
CA LEU A 120 -3.32 9.22 -7.19
C LEU A 120 -3.64 10.69 -7.42
N ASP A 121 -4.08 11.04 -8.61
CA ASP A 121 -4.41 12.45 -8.90
C ASP A 121 -5.24 13.05 -7.74
N TYR A 122 -6.10 12.26 -7.15
CA TYR A 122 -6.93 12.77 -6.02
C TYR A 122 -6.02 13.25 -4.88
N LEU A 123 -4.88 12.65 -4.72
CA LEU A 123 -3.96 13.05 -3.62
C LEU A 123 -2.88 14.00 -4.17
N GLN A 124 -2.58 13.90 -5.44
CA GLN A 124 -1.53 14.78 -6.03
C GLN A 124 -2.04 16.23 -6.12
N ASN A 125 -3.34 16.41 -6.13
CA ASN A 125 -3.88 17.79 -6.23
C ASN A 125 -3.59 18.58 -4.94
N ARG A 126 -3.03 17.93 -3.96
CA ARG A 126 -2.72 18.65 -2.68
C ARG A 126 -1.39 19.40 -2.80
N VAL A 127 -0.80 19.41 -3.96
CA VAL A 127 0.49 20.12 -4.13
C VAL A 127 0.24 21.63 -4.30
N ILE A 128 1.28 22.42 -4.28
CA ILE A 128 1.10 23.89 -4.44
C ILE A 128 1.70 24.35 -5.77
N PRO A 1 1.63 -13.56 7.74
CA PRO A 1 0.71 -12.89 6.80
C PRO A 1 1.46 -12.39 5.56
N THR A 2 0.90 -12.59 4.39
CA THR A 2 1.58 -12.14 3.15
C THR A 2 0.94 -10.85 2.65
N VAL A 3 1.73 -9.93 2.15
CA VAL A 3 1.16 -8.65 1.64
C VAL A 3 1.80 -8.30 0.30
N GLU A 4 1.06 -8.44 -0.77
CA GLU A 4 1.62 -8.10 -2.11
C GLU A 4 1.50 -6.60 -2.38
N TYR A 5 2.61 -5.92 -2.51
CA TYR A 5 2.54 -4.45 -2.77
C TYR A 5 2.58 -4.17 -4.28
N LEU A 6 1.89 -3.14 -4.71
CA LEU A 6 1.87 -2.81 -6.16
C LEU A 6 1.99 -1.30 -6.36
N ASN A 7 2.90 -0.86 -7.19
CA ASN A 7 3.05 0.61 -7.41
C ASN A 7 1.77 1.19 -8.02
N TYR A 8 1.20 2.19 -7.40
CA TYR A 8 -0.03 2.80 -7.96
C TYR A 8 0.26 3.39 -9.34
N GLU A 9 1.44 3.91 -9.53
CA GLU A 9 1.79 4.49 -10.86
C GLU A 9 1.74 3.41 -11.93
N THR A 10 2.09 2.20 -11.59
CA THR A 10 2.08 1.10 -12.58
C THR A 10 0.66 0.91 -13.13
N LEU A 11 -0.32 1.03 -12.28
CA LEU A 11 -1.73 0.85 -12.76
C LEU A 11 -2.07 1.95 -13.77
N ASP A 12 -1.55 3.13 -13.57
CA ASP A 12 -1.83 4.24 -14.52
C ASP A 12 -0.94 4.10 -15.77
N ASP A 13 0.29 3.73 -15.57
CA ASP A 13 1.21 3.57 -16.75
C ASP A 13 0.69 2.46 -17.66
N GLN A 14 0.45 1.29 -17.13
CA GLN A 14 -0.06 0.18 -17.97
C GLN A 14 -1.50 0.46 -18.41
N GLY A 15 -2.13 1.41 -17.78
CA GLY A 15 -3.54 1.73 -18.17
C GLY A 15 -4.42 0.51 -17.94
N TRP A 16 -4.15 -0.25 -16.91
CA TRP A 16 -4.98 -1.46 -16.63
C TRP A 16 -6.12 -1.12 -15.68
N ASP A 17 -6.99 -2.06 -15.42
CA ASP A 17 -8.13 -1.78 -14.50
C ASP A 17 -7.69 -1.94 -13.04
N MET A 18 -8.59 -1.71 -12.12
CA MET A 18 -8.21 -1.84 -10.67
C MET A 18 -8.14 -3.31 -10.27
N ASP A 19 -9.11 -4.10 -10.66
CA ASP A 19 -9.09 -5.54 -10.30
C ASP A 19 -9.46 -6.40 -11.50
N ASP A 20 -9.66 -5.80 -12.64
CA ASP A 20 -10.04 -6.59 -13.84
C ASP A 20 -8.82 -7.35 -14.38
N ASP A 21 -7.74 -6.66 -14.61
CA ASP A 21 -6.52 -7.34 -15.13
C ASP A 21 -5.78 -8.06 -14.00
N ASP A 22 -6.25 -7.95 -12.79
CA ASP A 22 -5.56 -8.61 -11.65
C ASP A 22 -4.06 -8.32 -11.70
N LEU A 23 -3.71 -7.07 -11.79
CA LEU A 23 -2.26 -6.70 -11.84
C LEU A 23 -1.45 -7.55 -10.84
N PHE A 24 -1.93 -7.65 -9.63
CA PHE A 24 -1.20 -8.47 -8.61
C PHE A 24 -0.87 -9.84 -9.20
N GLU A 25 -1.60 -10.27 -10.19
CA GLU A 25 -1.34 -11.59 -10.80
C GLU A 25 -0.67 -11.41 -12.18
N LYS A 26 -1.20 -10.54 -12.99
CA LYS A 26 -0.59 -10.33 -14.34
C LYS A 26 0.78 -9.66 -14.20
N ALA A 27 1.02 -8.99 -13.10
CA ALA A 27 2.32 -8.32 -12.91
C ALA A 27 3.45 -9.35 -12.80
N ALA A 28 3.19 -10.46 -12.19
CA ALA A 28 4.24 -11.51 -12.06
C ALA A 28 4.70 -11.98 -13.44
N ASP A 29 3.84 -11.86 -14.42
CA ASP A 29 4.21 -12.28 -15.79
C ASP A 29 5.02 -11.19 -16.49
N ALA A 30 4.68 -9.96 -16.25
CA ALA A 30 5.42 -8.83 -16.89
C ALA A 30 6.79 -8.66 -16.22
N GLY A 31 6.99 -9.28 -15.09
CA GLY A 31 8.30 -9.16 -14.38
C GLY A 31 8.57 -7.67 -14.09
N LEU A 32 7.55 -6.94 -13.71
CA LEU A 32 7.74 -5.50 -13.41
C LEU A 32 8.89 -5.30 -12.42
N ASP A 33 9.12 -4.10 -12.01
CA ASP A 33 10.25 -3.84 -11.05
C ASP A 33 9.88 -4.35 -9.65
N GLY A 34 10.85 -4.48 -8.79
CA GLY A 34 10.56 -4.97 -7.41
C GLY A 34 10.22 -3.78 -6.51
N GLU A 35 10.65 -2.61 -6.88
CA GLU A 35 10.33 -1.41 -6.05
C GLU A 35 8.91 -0.93 -6.33
N ASP A 36 8.18 -1.66 -7.13
CA ASP A 36 6.78 -1.26 -7.45
C ASP A 36 5.82 -2.43 -7.20
N TYR A 37 6.18 -3.60 -7.66
CA TYR A 37 5.30 -4.79 -7.45
C TYR A 37 6.12 -5.94 -6.84
N GLY A 38 5.50 -6.71 -5.99
CA GLY A 38 6.23 -7.84 -5.36
C GLY A 38 5.45 -8.34 -4.13
N THR A 39 5.69 -9.55 -3.71
CA THR A 39 4.96 -10.08 -2.53
C THR A 39 5.69 -9.70 -1.24
N MET A 40 5.09 -8.88 -0.43
CA MET A 40 5.75 -8.46 0.85
C MET A 40 5.37 -9.43 1.97
N GLU A 41 5.88 -10.63 1.92
CA GLU A 41 5.56 -11.62 2.99
C GLU A 41 6.32 -11.30 4.27
N VAL A 42 5.64 -10.96 5.32
CA VAL A 42 6.33 -10.63 6.60
C VAL A 42 5.67 -11.36 7.77
N ALA A 43 6.43 -11.68 8.78
CA ALA A 43 5.85 -12.40 9.95
C ALA A 43 4.80 -11.51 10.65
N GLU A 44 3.88 -12.11 11.34
CA GLU A 44 2.83 -11.31 12.04
C GLU A 44 3.47 -10.37 13.06
N GLY A 45 3.38 -9.09 12.83
CA GLY A 45 3.99 -8.12 13.79
C GLY A 45 5.16 -7.40 13.09
N GLU A 46 5.35 -7.66 11.83
CA GLU A 46 6.47 -6.99 11.10
C GLU A 46 6.01 -5.65 10.54
N TYR A 47 6.47 -4.57 11.09
CA TYR A 47 6.05 -3.22 10.57
C TYR A 47 6.24 -3.17 9.06
N ILE A 48 5.15 -3.09 8.32
CA ILE A 48 5.26 -3.04 6.84
C ILE A 48 6.40 -2.11 6.41
N LEU A 49 6.21 -0.82 6.52
CA LEU A 49 7.28 0.14 6.11
C LEU A 49 8.65 -0.37 6.58
N GLU A 50 8.69 -1.15 7.63
CA GLU A 50 10.00 -1.67 8.12
C GLU A 50 10.42 -2.87 7.26
N ALA A 51 9.59 -3.87 7.14
CA ALA A 51 9.95 -5.05 6.31
C ALA A 51 10.37 -4.62 4.92
N ALA A 52 9.68 -3.65 4.37
CA ALA A 52 10.02 -3.17 3.00
C ALA A 52 11.24 -2.24 3.07
N GLU A 53 11.44 -1.60 4.20
CA GLU A 53 12.61 -0.69 4.33
C GLU A 53 13.91 -1.48 4.19
N ALA A 54 13.91 -2.72 4.62
CA ALA A 54 15.13 -3.55 4.52
C ALA A 54 15.38 -3.95 3.06
N GLN A 55 14.45 -3.67 2.19
CA GLN A 55 14.62 -4.05 0.76
C GLN A 55 14.93 -2.80 -0.08
N GLY A 56 14.60 -1.64 0.42
CA GLY A 56 14.87 -0.39 -0.34
C GLY A 56 13.55 0.12 -0.94
N TYR A 57 12.44 -0.34 -0.43
CA TYR A 57 11.13 0.12 -0.97
C TYR A 57 10.86 1.57 -0.52
N ASP A 58 10.34 2.38 -1.40
CA ASP A 58 10.06 3.80 -1.02
C ASP A 58 8.59 3.95 -0.62
N TRP A 59 8.32 4.79 0.34
CA TRP A 59 6.90 4.99 0.78
C TRP A 59 6.63 6.48 1.01
N PRO A 60 5.38 6.82 1.09
CA PRO A 60 4.98 8.23 1.29
C PRO A 60 5.36 8.70 2.71
N PHE A 61 6.11 9.75 2.80
CA PHE A 61 6.52 10.27 4.13
C PHE A 61 7.16 9.15 4.98
N SER A 62 7.65 9.48 6.13
CA SER A 62 8.29 8.44 7.00
C SER A 62 8.03 8.74 8.47
N CYS A 63 6.79 8.70 8.89
CA CYS A 63 6.48 8.99 10.31
C CYS A 63 7.50 8.31 11.23
N ARG A 64 7.95 8.99 12.25
CA ARG A 64 8.96 8.38 13.17
C ARG A 64 8.33 8.12 14.54
N ALA A 65 8.03 9.15 15.28
CA ALA A 65 7.42 8.95 16.62
C ALA A 65 5.94 9.34 16.61
N GLY A 66 5.45 9.81 15.49
CA GLY A 66 4.01 10.20 15.43
C GLY A 66 3.47 9.92 14.02
N ALA A 67 2.21 9.62 13.91
CA ALA A 67 1.62 9.33 12.57
C ALA A 67 1.17 10.64 11.90
N CYS A 68 1.02 10.63 10.61
CA CYS A 68 0.59 11.88 9.90
C CYS A 68 -0.87 11.73 9.42
N ALA A 69 -1.71 11.13 10.22
CA ALA A 69 -3.13 10.96 9.81
C ALA A 69 -3.22 9.98 8.65
N ASN A 70 -3.01 8.72 8.91
CA ASN A 70 -3.10 7.71 7.81
C ASN A 70 -1.98 7.93 6.79
N CYS A 71 -1.27 6.89 6.43
CA CYS A 71 -0.17 7.04 5.42
C CYS A 71 -0.77 7.31 4.04
N ALA A 72 -0.23 6.70 3.02
CA ALA A 72 -0.76 6.92 1.65
C ALA A 72 -0.66 5.63 0.82
N SER A 73 -1.58 4.72 1.01
CA SER A 73 -1.53 3.45 0.22
C SER A 73 -2.94 3.05 -0.22
N ILE A 74 -3.09 1.89 -0.80
CA ILE A 74 -4.45 1.45 -1.25
C ILE A 74 -4.57 -0.07 -1.17
N VAL A 75 -4.94 -0.58 -0.03
CA VAL A 75 -5.08 -2.07 0.11
C VAL A 75 -6.10 -2.59 -0.90
N LYS A 76 -5.70 -3.48 -1.77
CA LYS A 76 -6.66 -4.02 -2.78
C LYS A 76 -7.48 -5.16 -2.16
N GLU A 77 -7.05 -5.66 -1.04
CA GLU A 77 -7.80 -6.77 -0.38
C GLU A 77 -7.05 -7.24 0.87
N GLY A 78 -7.74 -7.75 1.84
CA GLY A 78 -7.08 -8.22 3.08
C GLY A 78 -7.29 -7.19 4.19
N GLU A 79 -6.53 -7.27 5.24
CA GLU A 79 -6.69 -6.28 6.35
C GLU A 79 -5.39 -6.15 7.15
N ILE A 80 -5.05 -4.95 7.55
CA ILE A 80 -3.80 -4.76 8.33
C ILE A 80 -4.11 -4.59 9.81
N ASP A 81 -3.11 -4.60 10.65
CA ASP A 81 -3.36 -4.44 12.11
C ASP A 81 -2.56 -3.26 12.66
N MET A 82 -3.03 -2.64 13.72
CA MET A 82 -2.30 -1.49 14.30
C MET A 82 -2.81 -1.18 15.71
N ASP A 83 -2.24 -0.21 16.36
CA ASP A 83 -2.69 0.13 17.74
C ASP A 83 -4.07 0.79 17.70
N MET A 84 -4.71 0.92 18.83
CA MET A 84 -6.06 1.56 18.85
C MET A 84 -6.06 2.81 17.97
N GLN A 85 -7.07 2.97 17.14
CA GLN A 85 -7.11 4.17 16.26
C GLN A 85 -8.56 4.49 15.87
N GLN A 86 -8.86 5.73 15.63
CA GLN A 86 -10.25 6.11 15.24
C GLN A 86 -10.24 7.45 14.48
N ILE A 87 -9.56 7.50 13.37
CA ILE A 87 -9.52 8.77 12.59
C ILE A 87 -10.07 8.55 11.18
N LEU A 88 -9.44 7.70 10.42
CA LEU A 88 -9.93 7.44 9.03
C LEU A 88 -11.37 6.93 9.07
N SER A 89 -12.10 7.09 8.00
CA SER A 89 -13.51 6.60 7.98
C SER A 89 -13.58 5.20 7.39
N ASP A 90 -14.41 4.35 7.93
CA ASP A 90 -14.53 2.96 7.40
C ASP A 90 -14.69 3.01 5.88
N GLU A 91 -15.58 3.83 5.40
CA GLU A 91 -15.79 3.92 3.93
C GLU A 91 -14.47 4.24 3.24
N GLU A 92 -13.54 4.80 3.96
CA GLU A 92 -12.22 5.14 3.35
C GLU A 92 -11.41 3.87 3.13
N VAL A 93 -11.39 2.98 4.09
CA VAL A 93 -10.62 1.72 3.94
C VAL A 93 -11.32 0.81 2.92
N GLU A 94 -12.60 0.99 2.73
CA GLU A 94 -13.34 0.14 1.76
C GLU A 94 -13.50 0.88 0.43
N GLU A 95 -13.82 2.15 0.48
CA GLU A 95 -13.98 2.93 -0.78
C GLU A 95 -12.63 3.51 -1.22
N LYS A 96 -11.81 3.88 -0.28
CA LYS A 96 -10.48 4.47 -0.64
C LYS A 96 -9.38 3.41 -0.50
N ASP A 97 -9.69 2.30 0.10
CA ASP A 97 -8.67 1.22 0.26
C ASP A 97 -7.43 1.78 0.97
N VAL A 98 -7.55 2.90 1.63
CA VAL A 98 -6.37 3.49 2.33
C VAL A 98 -6.21 2.86 3.71
N ARG A 99 -5.09 3.11 4.35
CA ARG A 99 -4.85 2.54 5.71
C ARG A 99 -3.47 2.96 6.20
N LEU A 100 -3.05 2.44 7.32
CA LEU A 100 -1.70 2.81 7.85
C LEU A 100 -0.69 1.70 7.54
N THR A 101 0.43 2.05 6.97
CA THR A 101 1.45 1.02 6.63
C THR A 101 2.75 1.28 7.41
N CYS A 102 2.93 2.47 7.91
CA CYS A 102 4.17 2.77 8.66
C CYS A 102 4.26 1.91 9.93
N ILE A 103 3.73 2.37 11.02
CA ILE A 103 3.78 1.57 12.27
C ILE A 103 2.57 0.64 12.36
N GLY A 104 2.54 -0.40 11.58
CA GLY A 104 1.38 -1.33 11.62
C GLY A 104 1.75 -2.66 10.97
N SER A 105 1.19 -3.74 11.42
CA SER A 105 1.51 -5.07 10.82
C SER A 105 0.27 -5.66 10.16
N PRO A 106 0.50 -6.42 9.12
CA PRO A 106 -0.61 -7.06 8.38
C PRO A 106 -1.23 -8.18 9.21
N ALA A 107 -2.54 -8.23 9.30
CA ALA A 107 -3.18 -9.31 10.09
C ALA A 107 -3.63 -10.44 9.17
N ALA A 108 -4.56 -10.17 8.29
CA ALA A 108 -5.04 -11.23 7.36
C ALA A 108 -3.85 -11.90 6.67
N ASP A 109 -4.00 -13.14 6.28
CA ASP A 109 -2.87 -13.84 5.61
C ASP A 109 -2.50 -13.13 4.30
N GLU A 110 -3.26 -13.32 3.27
CA GLU A 110 -2.93 -12.65 1.97
C GLU A 110 -3.58 -11.27 1.90
N VAL A 111 -2.80 -10.23 1.80
CA VAL A 111 -3.37 -8.86 1.73
C VAL A 111 -2.76 -8.09 0.56
N LYS A 112 -3.58 -7.67 -0.37
CA LYS A 112 -3.06 -6.91 -1.54
C LYS A 112 -3.15 -5.40 -1.29
N ILE A 113 -2.19 -4.65 -1.76
CA ILE A 113 -2.22 -3.18 -1.55
C ILE A 113 -1.31 -2.47 -2.56
N VAL A 114 -1.48 -1.18 -2.70
CA VAL A 114 -0.63 -0.44 -3.67
C VAL A 114 0.12 0.69 -2.96
N TYR A 115 1.43 0.71 -3.08
CA TYR A 115 2.21 1.78 -2.40
C TYR A 115 2.35 3.01 -3.30
N ASN A 116 2.71 4.14 -2.73
CA ASN A 116 2.85 5.39 -3.55
C ASN A 116 1.48 5.98 -3.86
N ALA A 117 0.75 6.36 -2.85
CA ALA A 117 -0.61 6.94 -3.08
C ALA A 117 -0.49 8.42 -3.44
N LYS A 118 0.70 8.92 -3.56
CA LYS A 118 0.88 10.36 -3.91
C LYS A 118 0.53 10.58 -5.38
N HIS A 119 0.50 9.54 -6.15
CA HIS A 119 0.17 9.69 -7.60
C HIS A 119 -1.35 9.67 -7.80
N LEU A 120 -2.09 9.40 -6.77
CA LEU A 120 -3.58 9.37 -6.91
C LEU A 120 -4.07 10.68 -7.53
N ASP A 121 -5.21 10.65 -8.18
CA ASP A 121 -5.73 11.90 -8.81
C ASP A 121 -6.00 12.97 -7.75
N TYR A 122 -5.99 12.59 -6.50
CA TYR A 122 -6.24 13.58 -5.42
C TYR A 122 -5.05 14.55 -5.29
N LEU A 123 -3.88 14.11 -5.66
CA LEU A 123 -2.69 15.00 -5.57
C LEU A 123 -2.21 15.42 -6.96
N GLN A 124 -2.35 14.55 -7.93
CA GLN A 124 -1.90 14.90 -9.31
C GLN A 124 -2.58 16.18 -9.78
N ASN A 125 -3.86 16.28 -9.57
CA ASN A 125 -4.59 17.51 -10.00
C ASN A 125 -4.19 18.70 -9.13
N ARG A 126 -3.42 18.46 -8.10
CA ARG A 126 -2.99 19.58 -7.21
C ARG A 126 -1.78 20.30 -7.80
N VAL A 127 -1.09 19.66 -8.70
CA VAL A 127 0.10 20.31 -9.32
C VAL A 127 -0.33 21.42 -10.27
N ILE A 128 0.54 22.36 -10.53
CA ILE A 128 0.17 23.48 -11.46
C ILE A 128 0.79 23.24 -12.84
N PRO A 1 1.13 -14.27 6.79
CA PRO A 1 0.90 -12.82 6.54
C PRO A 1 1.68 -12.37 5.30
N THR A 2 1.19 -12.70 4.14
CA THR A 2 1.89 -12.29 2.89
C THR A 2 1.16 -11.13 2.22
N VAL A 3 1.79 -10.00 2.09
CA VAL A 3 1.11 -8.84 1.44
C VAL A 3 1.65 -8.64 0.03
N GLU A 4 0.99 -7.84 -0.77
CA GLU A 4 1.45 -7.60 -2.16
C GLU A 4 1.41 -6.11 -2.49
N TYR A 5 2.55 -5.50 -2.71
CA TYR A 5 2.56 -4.04 -3.02
C TYR A 5 2.57 -3.83 -4.54
N LEU A 6 1.79 -2.89 -5.02
CA LEU A 6 1.75 -2.62 -6.49
C LEU A 6 1.83 -1.12 -6.74
N ASN A 7 2.86 -0.67 -7.43
CA ASN A 7 2.98 0.78 -7.73
C ASN A 7 1.73 1.27 -8.46
N TYR A 8 1.05 2.24 -7.92
CA TYR A 8 -0.18 2.75 -8.58
C TYR A 8 0.15 3.20 -10.01
N GLU A 9 1.41 3.43 -10.29
CA GLU A 9 1.79 3.86 -11.67
C GLU A 9 1.48 2.75 -12.67
N THR A 10 1.77 1.52 -12.32
CA THR A 10 1.49 0.40 -13.25
C THR A 10 0.00 0.38 -13.61
N LEU A 11 -0.84 0.77 -12.69
CA LEU A 11 -2.30 0.78 -12.96
C LEU A 11 -2.64 1.91 -13.94
N ASP A 12 -2.15 3.09 -13.70
CA ASP A 12 -2.43 4.23 -14.62
C ASP A 12 -1.54 4.12 -15.86
N ASP A 13 -0.26 4.05 -15.68
CA ASP A 13 0.66 3.94 -16.85
C ASP A 13 0.21 2.81 -17.77
N GLN A 14 -0.04 1.66 -17.22
CA GLN A 14 -0.49 0.50 -18.05
C GLN A 14 -1.99 0.62 -18.34
N GLY A 15 -2.72 1.30 -17.50
CA GLY A 15 -4.18 1.43 -17.72
C GLY A 15 -4.87 0.08 -17.51
N TRP A 16 -4.55 -0.60 -16.44
CA TRP A 16 -5.19 -1.92 -16.17
C TRP A 16 -6.32 -1.76 -15.17
N ASP A 17 -6.98 -2.83 -14.82
CA ASP A 17 -8.09 -2.74 -13.84
C ASP A 17 -7.64 -3.26 -12.47
N MET A 18 -8.52 -3.28 -11.51
CA MET A 18 -8.14 -3.77 -10.16
C MET A 18 -8.14 -5.31 -10.11
N ASP A 19 -9.20 -5.92 -10.54
CA ASP A 19 -9.26 -7.42 -10.51
C ASP A 19 -9.53 -7.97 -11.91
N ASP A 20 -9.99 -7.16 -12.81
CA ASP A 20 -10.27 -7.64 -14.19
C ASP A 20 -8.99 -8.19 -14.83
N ASP A 21 -8.07 -7.33 -15.18
CA ASP A 21 -6.80 -7.80 -15.79
C ASP A 21 -5.85 -8.34 -14.73
N ASP A 22 -6.29 -8.42 -13.51
CA ASP A 22 -5.41 -8.94 -12.42
C ASP A 22 -4.05 -8.25 -12.48
N LEU A 23 -4.04 -6.95 -12.52
CA LEU A 23 -2.74 -6.21 -12.57
C LEU A 23 -1.74 -6.84 -11.59
N PHE A 24 -2.13 -7.02 -10.37
CA PHE A 24 -1.21 -7.64 -9.37
C PHE A 24 -0.58 -8.89 -9.97
N GLU A 25 -1.24 -9.49 -10.93
CA GLU A 25 -0.69 -10.72 -11.56
C GLU A 25 0.04 -10.38 -12.85
N LYS A 26 -0.58 -9.61 -13.71
CA LYS A 26 0.10 -9.24 -14.99
C LYS A 26 1.43 -8.56 -14.71
N ALA A 27 1.62 -8.08 -13.52
CA ALA A 27 2.92 -7.41 -13.18
C ALA A 27 4.06 -8.42 -13.19
N ALA A 28 3.85 -9.58 -12.62
CA ALA A 28 4.93 -10.61 -12.61
C ALA A 28 5.30 -11.01 -14.04
N ASP A 29 4.41 -10.81 -14.97
CA ASP A 29 4.72 -11.16 -16.38
C ASP A 29 5.46 -10.02 -17.07
N ALA A 30 5.30 -8.81 -16.60
CA ALA A 30 5.99 -7.66 -17.23
C ALA A 30 7.45 -7.61 -16.77
N GLY A 31 7.69 -7.77 -15.50
CA GLY A 31 9.08 -7.74 -14.99
C GLY A 31 9.41 -6.33 -14.49
N LEU A 32 8.55 -5.75 -13.70
CA LEU A 32 8.82 -4.39 -13.18
C LEU A 32 9.81 -4.45 -12.02
N ASP A 33 10.37 -3.33 -11.65
CA ASP A 33 11.36 -3.33 -10.52
C ASP A 33 10.67 -3.80 -9.23
N GLY A 34 11.43 -4.30 -8.30
CA GLY A 34 10.84 -4.78 -7.01
C GLY A 34 10.28 -3.59 -6.24
N GLU A 35 10.79 -2.42 -6.48
CA GLU A 35 10.28 -1.22 -5.74
C GLU A 35 8.90 -0.82 -6.28
N ASP A 36 8.39 -1.54 -7.24
CA ASP A 36 7.05 -1.19 -7.80
C ASP A 36 6.05 -2.33 -7.55
N TYR A 37 6.39 -3.53 -7.91
CA TYR A 37 5.45 -4.67 -7.68
C TYR A 37 6.19 -5.86 -7.05
N GLY A 38 5.55 -6.55 -6.16
CA GLY A 38 6.20 -7.72 -5.50
C GLY A 38 5.41 -8.13 -4.27
N THR A 39 5.81 -9.20 -3.63
CA THR A 39 5.08 -9.65 -2.41
C THR A 39 5.74 -9.09 -1.15
N MET A 40 4.98 -8.47 -0.28
CA MET A 40 5.57 -7.90 0.96
C MET A 40 5.39 -8.86 2.13
N GLU A 41 6.17 -9.91 2.18
CA GLU A 41 6.03 -10.88 3.30
C GLU A 41 6.27 -10.19 4.64
N VAL A 42 5.23 -9.91 5.37
CA VAL A 42 5.41 -9.23 6.69
C VAL A 42 5.23 -10.22 7.84
N ALA A 43 6.15 -10.24 8.77
CA ALA A 43 6.02 -11.19 9.91
C ALA A 43 4.96 -10.69 10.90
N GLU A 44 4.06 -11.54 11.31
CA GLU A 44 3.01 -11.10 12.27
C GLU A 44 3.64 -10.39 13.46
N GLY A 45 3.34 -9.12 13.64
CA GLY A 45 3.92 -8.37 14.78
C GLY A 45 4.97 -7.39 14.26
N GLU A 46 5.10 -7.28 12.96
CA GLU A 46 6.11 -6.34 12.39
C GLU A 46 5.40 -5.24 11.58
N TYR A 47 5.48 -4.02 12.02
CA TYR A 47 4.82 -2.92 11.27
C TYR A 47 5.08 -3.05 9.77
N ILE A 48 4.16 -2.65 8.95
CA ILE A 48 4.36 -2.76 7.47
C ILE A 48 5.63 -1.99 7.06
N LEU A 49 5.69 -0.72 7.35
CA LEU A 49 6.89 0.07 6.97
C LEU A 49 8.16 -0.64 7.48
N GLU A 50 8.02 -1.50 8.45
CA GLU A 50 9.21 -2.22 8.98
C GLU A 50 9.57 -3.40 8.07
N ALA A 51 8.65 -4.29 7.83
CA ALA A 51 8.95 -5.46 6.97
C ALA A 51 9.29 -5.00 5.55
N ALA A 52 8.71 -3.91 5.11
CA ALA A 52 8.98 -3.41 3.74
C ALA A 52 10.32 -2.65 3.71
N GLU A 53 10.55 -1.84 4.70
CA GLU A 53 11.84 -1.07 4.73
C GLU A 53 13.02 -2.02 4.74
N ALA A 54 12.85 -3.17 5.33
CA ALA A 54 13.97 -4.16 5.38
C ALA A 54 14.08 -4.88 4.03
N GLN A 55 13.17 -4.64 3.13
CA GLN A 55 13.23 -5.30 1.80
C GLN A 55 13.70 -4.32 0.73
N GLY A 56 13.69 -3.04 1.04
CA GLY A 56 14.14 -2.03 0.04
C GLY A 56 12.93 -1.30 -0.54
N TYR A 57 11.84 -1.26 0.19
CA TYR A 57 10.64 -0.55 -0.33
C TYR A 57 10.60 0.89 0.20
N ASP A 58 9.98 1.78 -0.53
CA ASP A 58 9.89 3.20 -0.08
C ASP A 58 8.44 3.65 -0.11
N TRP A 59 8.00 4.34 0.92
CA TRP A 59 6.58 4.79 0.94
C TRP A 59 6.50 6.28 1.29
N PRO A 60 5.35 6.85 1.02
CA PRO A 60 5.11 8.28 1.31
C PRO A 60 4.92 8.50 2.81
N PHE A 61 5.97 8.38 3.58
CA PHE A 61 5.84 8.57 5.05
C PHE A 61 6.50 9.89 5.46
N SER A 62 6.77 10.06 6.74
CA SER A 62 7.41 11.33 7.20
C SER A 62 6.44 12.51 7.07
N CYS A 63 5.17 12.23 6.97
CA CYS A 63 4.18 13.34 6.84
C CYS A 63 4.08 14.10 8.17
N ARG A 64 5.13 14.74 8.59
CA ARG A 64 5.09 15.50 9.87
C ARG A 64 4.25 16.77 9.70
N ALA A 65 3.97 17.15 8.48
CA ALA A 65 3.17 18.38 8.24
C ALA A 65 2.54 18.34 6.85
N GLY A 66 1.80 19.36 6.49
CA GLY A 66 1.17 19.38 5.14
C GLY A 66 -0.26 18.85 5.24
N ALA A 67 -0.45 17.59 5.00
CA ALA A 67 -1.83 17.02 5.08
C ALA A 67 -1.81 15.53 4.69
N CYS A 68 -1.79 14.65 5.66
CA CYS A 68 -1.78 13.20 5.34
C CYS A 68 -2.80 12.47 6.21
N ALA A 69 -2.41 11.99 7.35
CA ALA A 69 -3.38 11.27 8.24
C ALA A 69 -4.00 10.08 7.51
N ASN A 70 -3.45 9.68 6.40
CA ASN A 70 -4.02 8.52 5.66
C ASN A 70 -2.94 7.84 4.81
N CYS A 71 -1.70 8.11 5.09
CA CYS A 71 -0.59 7.47 4.31
C CYS A 71 -0.94 7.50 2.81
N ALA A 72 -0.66 6.44 2.11
CA ALA A 72 -0.97 6.41 0.64
C ALA A 72 -0.85 4.99 0.08
N SER A 73 -1.77 4.13 0.41
CA SER A 73 -1.70 2.73 -0.10
C SER A 73 -3.13 2.19 -0.32
N ILE A 74 -3.51 1.97 -1.55
CA ILE A 74 -4.87 1.45 -1.81
C ILE A 74 -4.91 -0.07 -1.65
N VAL A 75 -5.29 -0.54 -0.48
CA VAL A 75 -5.33 -2.01 -0.25
C VAL A 75 -6.32 -2.67 -1.22
N LYS A 76 -5.84 -3.51 -2.10
CA LYS A 76 -6.75 -4.18 -3.06
C LYS A 76 -7.37 -5.44 -2.44
N GLU A 77 -6.88 -5.85 -1.29
CA GLU A 77 -7.45 -7.07 -0.65
C GLU A 77 -6.74 -7.35 0.68
N GLY A 78 -7.40 -7.99 1.60
CA GLY A 78 -6.76 -8.29 2.91
C GLY A 78 -7.25 -7.30 3.96
N GLU A 79 -6.67 -7.33 5.13
CA GLU A 79 -7.11 -6.39 6.20
C GLU A 79 -5.90 -5.83 6.94
N ILE A 80 -6.08 -4.83 7.75
CA ILE A 80 -4.93 -4.26 8.51
C ILE A 80 -5.32 -4.03 9.97
N ASP A 81 -4.43 -4.33 10.89
CA ASP A 81 -4.75 -4.12 12.33
C ASP A 81 -3.81 -3.08 12.93
N MET A 82 -4.34 -2.12 13.62
CA MET A 82 -3.47 -1.06 14.23
C MET A 82 -3.88 -0.83 15.69
N ASP A 83 -3.26 0.14 16.33
CA ASP A 83 -3.62 0.43 17.75
C ASP A 83 -4.19 1.85 17.85
N MET A 84 -4.60 2.25 19.04
CA MET A 84 -5.17 3.61 19.20
C MET A 84 -4.12 4.67 18.84
N GLN A 85 -4.29 5.34 17.74
CA GLN A 85 -3.30 6.38 17.33
C GLN A 85 -3.75 7.06 16.04
N GLN A 86 -3.74 8.36 16.00
CA GLN A 86 -4.15 9.08 14.77
C GLN A 86 -5.65 8.85 14.50
N ILE A 87 -6.04 8.87 13.25
CA ILE A 87 -7.48 8.65 12.92
C ILE A 87 -7.61 7.75 11.68
N LEU A 88 -8.45 6.75 11.75
CA LEU A 88 -8.62 5.84 10.58
C LEU A 88 -9.99 5.16 10.65
N SER A 89 -10.62 4.97 9.53
CA SER A 89 -11.97 4.32 9.54
C SER A 89 -12.01 3.19 8.51
N ASP A 90 -12.85 2.20 8.74
CA ASP A 90 -12.94 1.07 7.77
C ASP A 90 -13.47 1.56 6.43
N GLU A 91 -14.49 2.38 6.45
CA GLU A 91 -15.05 2.90 5.17
C GLU A 91 -13.91 3.48 4.32
N GLU A 92 -12.84 3.86 4.95
CA GLU A 92 -11.69 4.42 4.19
C GLU A 92 -10.93 3.28 3.50
N VAL A 93 -10.70 2.20 4.21
CA VAL A 93 -9.97 1.06 3.59
C VAL A 93 -10.91 0.23 2.71
N GLU A 94 -12.19 0.44 2.84
CA GLU A 94 -13.16 -0.32 1.99
C GLU A 94 -13.50 0.48 0.74
N GLU A 95 -13.69 1.77 0.87
CA GLU A 95 -14.02 2.59 -0.33
C GLU A 95 -12.74 3.16 -0.94
N LYS A 96 -11.81 3.60 -0.12
CA LYS A 96 -10.55 4.16 -0.67
C LYS A 96 -9.40 3.16 -0.48
N ASP A 97 -9.56 2.23 0.42
CA ASP A 97 -8.48 1.22 0.66
C ASP A 97 -7.16 1.90 1.01
N VAL A 98 -7.21 3.09 1.53
CA VAL A 98 -5.95 3.79 1.89
C VAL A 98 -5.53 3.47 3.32
N ARG A 99 -4.33 2.99 3.52
CA ARG A 99 -3.86 2.66 4.89
C ARG A 99 -2.52 1.93 4.83
N LEU A 100 -2.21 1.15 5.84
CA LEU A 100 -0.92 0.41 5.84
C LEU A 100 0.26 1.39 5.97
N THR A 101 1.40 1.02 5.47
CA THR A 101 2.59 1.93 5.57
C THR A 101 2.87 2.28 7.02
N CYS A 102 2.29 3.33 7.51
CA CYS A 102 2.52 3.73 8.94
C CYS A 102 2.48 2.51 9.85
N ILE A 103 2.91 2.67 11.08
CA ILE A 103 2.90 1.52 12.04
C ILE A 103 1.60 0.71 11.89
N GLY A 104 1.65 -0.56 12.20
CA GLY A 104 0.43 -1.39 12.08
C GLY A 104 0.79 -2.76 11.50
N SER A 105 0.03 -3.78 11.81
CA SER A 105 0.35 -5.13 11.27
C SER A 105 -0.80 -5.61 10.38
N PRO A 106 -0.49 -6.59 9.55
CA PRO A 106 -1.50 -7.16 8.63
C PRO A 106 -2.51 -8.00 9.40
N ALA A 107 -3.76 -7.95 9.01
CA ALA A 107 -4.80 -8.75 9.74
C ALA A 107 -5.15 -10.00 8.92
N ALA A 108 -4.94 -9.96 7.64
CA ALA A 108 -5.26 -11.15 6.79
C ALA A 108 -4.00 -11.69 6.13
N ASP A 109 -3.91 -12.98 5.97
CA ASP A 109 -2.70 -13.57 5.32
C ASP A 109 -2.38 -12.80 4.04
N GLU A 110 -3.13 -13.03 2.99
CA GLU A 110 -2.87 -12.32 1.71
C GLU A 110 -3.45 -10.91 1.76
N VAL A 111 -2.69 -9.92 1.39
CA VAL A 111 -3.22 -8.53 1.43
C VAL A 111 -2.70 -7.72 0.23
N LYS A 112 -3.53 -7.51 -0.76
CA LYS A 112 -3.09 -6.74 -1.95
C LYS A 112 -3.20 -5.23 -1.67
N ILE A 113 -2.28 -4.46 -2.18
CA ILE A 113 -2.34 -2.98 -1.93
C ILE A 113 -1.52 -2.23 -2.98
N VAL A 114 -1.81 -0.98 -3.20
CA VAL A 114 -1.03 -0.19 -4.21
C VAL A 114 -0.14 0.82 -3.47
N TYR A 115 1.15 0.68 -3.57
CA TYR A 115 2.06 1.63 -2.87
C TYR A 115 2.29 2.87 -3.76
N ASN A 116 2.67 3.97 -3.17
CA ASN A 116 2.89 5.21 -3.96
C ASN A 116 1.56 5.77 -4.44
N ALA A 117 0.55 5.74 -3.60
CA ALA A 117 -0.78 6.27 -4.01
C ALA A 117 -0.68 7.78 -4.24
N LYS A 118 0.40 8.39 -3.85
CA LYS A 118 0.55 9.85 -4.05
C LYS A 118 0.47 10.19 -5.54
N HIS A 119 0.56 9.20 -6.39
CA HIS A 119 0.49 9.47 -7.85
C HIS A 119 -0.96 9.75 -8.27
N LEU A 120 -1.91 9.22 -7.54
CA LEU A 120 -3.34 9.45 -7.88
C LEU A 120 -3.56 10.90 -8.31
N ASP A 121 -4.34 11.12 -9.33
CA ASP A 121 -4.58 12.51 -9.80
C ASP A 121 -4.98 13.40 -8.62
N TYR A 122 -5.97 12.99 -7.87
CA TYR A 122 -6.41 13.80 -6.70
C TYR A 122 -5.25 13.98 -5.72
N LEU A 123 -4.36 13.02 -5.66
CA LEU A 123 -3.20 13.13 -4.74
C LEU A 123 -2.07 13.93 -5.41
N GLN A 124 -1.91 13.78 -6.69
CA GLN A 124 -0.84 14.54 -7.40
C GLN A 124 -1.10 16.04 -7.31
N ASN A 125 -2.34 16.43 -7.11
CA ASN A 125 -2.65 17.87 -7.01
C ASN A 125 -1.65 18.58 -6.10
N ARG A 126 -1.05 17.87 -5.19
CA ARG A 126 -0.06 18.50 -4.27
C ARG A 126 1.24 17.68 -4.25
N VAL A 127 1.84 17.47 -5.40
CA VAL A 127 3.10 16.68 -5.43
C VAL A 127 4.05 17.13 -4.31
N ILE A 128 4.91 16.26 -3.87
CA ILE A 128 5.85 16.64 -2.78
C ILE A 128 7.21 17.05 -3.36
N PRO A 1 2.14 -14.39 7.04
CA PRO A 1 1.98 -12.91 6.95
C PRO A 1 2.60 -12.39 5.64
N THR A 2 2.03 -12.75 4.52
CA THR A 2 2.59 -12.28 3.22
C THR A 2 1.76 -11.12 2.67
N VAL A 3 2.40 -10.07 2.22
CA VAL A 3 1.64 -8.91 1.67
C VAL A 3 2.18 -8.56 0.28
N GLU A 4 1.35 -8.62 -0.73
CA GLU A 4 1.82 -8.29 -2.10
C GLU A 4 1.73 -6.79 -2.37
N TYR A 5 2.85 -6.13 -2.57
CA TYR A 5 2.79 -4.66 -2.84
C TYR A 5 2.83 -4.41 -4.35
N LEU A 6 1.97 -3.55 -4.83
CA LEU A 6 1.94 -3.25 -6.29
C LEU A 6 1.97 -1.73 -6.51
N ASN A 7 3.06 -1.21 -7.00
CA ASN A 7 3.17 0.25 -7.23
C ASN A 7 1.93 0.79 -7.95
N TYR A 8 1.23 1.70 -7.34
CA TYR A 8 0.03 2.28 -8.00
C TYR A 8 0.43 2.89 -9.34
N GLU A 9 1.69 3.23 -9.49
CA GLU A 9 2.15 3.83 -10.77
C GLU A 9 1.85 2.87 -11.91
N THR A 10 2.03 1.60 -11.69
CA THR A 10 1.74 0.60 -12.75
C THR A 10 0.24 0.61 -13.07
N LEU A 11 -0.57 0.98 -12.12
CA LEU A 11 -2.03 1.02 -12.36
C LEU A 11 -2.37 2.16 -13.33
N ASP A 12 -1.82 3.32 -13.10
CA ASP A 12 -2.09 4.46 -14.01
C ASP A 12 -1.26 4.32 -15.30
N ASP A 13 -0.04 3.92 -15.17
CA ASP A 13 0.82 3.76 -16.39
C ASP A 13 0.11 2.89 -17.42
N GLN A 14 -0.16 1.66 -17.09
CA GLN A 14 -0.86 0.76 -18.05
C GLN A 14 -2.31 1.22 -18.24
N GLY A 15 -2.87 1.86 -17.24
CA GLY A 15 -4.27 2.35 -17.36
C GLY A 15 -5.23 1.17 -17.13
N TRP A 16 -5.03 0.43 -16.08
CA TRP A 16 -5.93 -0.73 -15.81
C TRP A 16 -6.90 -0.39 -14.67
N ASP A 17 -7.78 -1.29 -14.35
CA ASP A 17 -8.76 -1.03 -13.25
C ASP A 17 -8.09 -1.18 -11.89
N MET A 18 -8.79 -0.84 -10.83
CA MET A 18 -8.20 -0.97 -9.47
C MET A 18 -8.09 -2.44 -9.08
N ASP A 19 -9.16 -3.18 -9.22
CA ASP A 19 -9.12 -4.62 -8.85
C ASP A 19 -9.73 -5.47 -9.98
N ASP A 20 -10.11 -4.85 -11.05
CA ASP A 20 -10.71 -5.62 -12.18
C ASP A 20 -9.63 -6.29 -13.02
N ASP A 21 -8.63 -5.54 -13.43
CA ASP A 21 -7.54 -6.14 -14.26
C ASP A 21 -6.58 -6.96 -13.38
N ASP A 22 -6.88 -7.08 -12.12
CA ASP A 22 -5.98 -7.86 -11.21
C ASP A 22 -4.52 -7.52 -11.51
N LEU A 23 -4.17 -6.26 -11.48
CA LEU A 23 -2.77 -5.86 -11.77
C LEU A 23 -1.78 -6.84 -11.09
N PHE A 24 -1.99 -7.13 -9.84
CA PHE A 24 -1.07 -8.08 -9.14
C PHE A 24 -0.82 -9.29 -10.03
N GLU A 25 -1.77 -9.62 -10.86
CA GLU A 25 -1.60 -10.78 -11.77
C GLU A 25 -0.84 -10.36 -13.03
N LYS A 26 -1.27 -9.30 -13.66
CA LYS A 26 -0.58 -8.84 -14.89
C LYS A 26 0.81 -8.29 -14.53
N ALA A 27 0.98 -7.81 -13.34
CA ALA A 27 2.31 -7.26 -12.92
C ALA A 27 3.28 -8.42 -12.64
N ALA A 28 2.80 -9.63 -12.70
CA ALA A 28 3.70 -10.79 -12.42
C ALA A 28 4.25 -11.36 -13.73
N ASP A 29 3.61 -11.08 -14.83
CA ASP A 29 4.10 -11.60 -16.14
C ASP A 29 4.87 -10.50 -16.88
N ALA A 30 4.66 -9.26 -16.52
CA ALA A 30 5.38 -8.16 -17.21
C ALA A 30 6.81 -8.06 -16.68
N GLY A 31 7.09 -8.68 -15.57
CA GLY A 31 8.47 -8.63 -15.01
C GLY A 31 8.80 -7.18 -14.64
N LEU A 32 7.83 -6.40 -14.28
CA LEU A 32 8.09 -4.98 -13.92
C LEU A 32 9.13 -4.91 -12.79
N ASP A 33 9.63 -3.75 -12.52
CA ASP A 33 10.65 -3.61 -11.44
C ASP A 33 10.14 -4.25 -10.15
N GLY A 34 11.01 -4.86 -9.38
CA GLY A 34 10.58 -5.50 -8.12
C GLY A 34 10.22 -4.41 -7.10
N GLU A 35 10.89 -3.30 -7.16
CA GLU A 35 10.60 -2.19 -6.21
C GLU A 35 9.17 -1.70 -6.40
N ASP A 36 8.55 -2.08 -7.49
CA ASP A 36 7.15 -1.65 -7.75
C ASP A 36 6.17 -2.77 -7.39
N TYR A 37 6.28 -3.90 -8.06
CA TYR A 37 5.37 -5.03 -7.75
C TYR A 37 6.16 -6.23 -7.22
N GLY A 38 5.73 -6.81 -6.14
CA GLY A 38 6.46 -7.98 -5.59
C GLY A 38 5.76 -8.45 -4.31
N THR A 39 5.91 -9.70 -3.96
CA THR A 39 5.25 -10.22 -2.74
C THR A 39 6.07 -9.84 -1.50
N MET A 40 5.50 -9.05 -0.62
CA MET A 40 6.24 -8.64 0.60
C MET A 40 6.07 -9.70 1.70
N GLU A 41 7.07 -9.88 2.53
CA GLU A 41 6.96 -10.88 3.61
C GLU A 41 7.32 -10.24 4.96
N VAL A 42 6.35 -10.01 5.79
CA VAL A 42 6.64 -9.39 7.12
C VAL A 42 6.23 -10.33 8.25
N ALA A 43 6.95 -10.30 9.34
CA ALA A 43 6.61 -11.21 10.49
C ALA A 43 5.25 -10.81 11.08
N GLU A 44 4.68 -11.68 11.87
CA GLU A 44 3.35 -11.36 12.49
C GLU A 44 3.48 -10.18 13.45
N GLY A 45 2.76 -9.12 13.22
CA GLY A 45 2.84 -7.95 14.13
C GLY A 45 4.01 -7.07 13.71
N GLU A 46 4.63 -7.35 12.61
CA GLU A 46 5.78 -6.52 12.15
C GLU A 46 5.27 -5.33 11.32
N TYR A 47 5.71 -4.15 11.65
CA TYR A 47 5.25 -2.94 10.88
C TYR A 47 5.58 -3.11 9.39
N ILE A 48 4.59 -3.06 8.55
CA ILE A 48 4.83 -3.22 7.08
C ILE A 48 5.96 -2.30 6.62
N LEU A 49 5.73 -1.01 6.59
CA LEU A 49 6.79 -0.06 6.15
C LEU A 49 8.15 -0.47 6.71
N GLU A 50 8.18 -1.00 7.89
CA GLU A 50 9.48 -1.43 8.49
C GLU A 50 10.02 -2.67 7.77
N ALA A 51 9.21 -3.69 7.65
CA ALA A 51 9.67 -4.93 6.97
C ALA A 51 10.16 -4.63 5.56
N ALA A 52 9.46 -3.79 4.85
CA ALA A 52 9.88 -3.44 3.47
C ALA A 52 11.00 -2.39 3.50
N GLU A 53 11.10 -1.64 4.55
CA GLU A 53 12.17 -0.60 4.64
C GLU A 53 13.54 -1.27 4.62
N ALA A 54 13.68 -2.36 5.33
CA ALA A 54 14.99 -3.08 5.37
C ALA A 54 15.26 -3.72 4.01
N GLN A 55 14.32 -3.68 3.11
CA GLN A 55 14.52 -4.29 1.76
C GLN A 55 14.86 -3.21 0.74
N GLY A 56 14.37 -2.02 0.92
CA GLY A 56 14.65 -0.93 -0.05
C GLY A 56 13.35 -0.36 -0.59
N TYR A 57 12.24 -0.78 -0.04
CA TYR A 57 10.93 -0.26 -0.54
C TYR A 57 10.67 1.14 0.02
N ASP A 58 10.93 2.16 -0.75
CA ASP A 58 10.70 3.55 -0.25
C ASP A 58 9.23 3.94 -0.43
N TRP A 59 8.61 4.41 0.62
CA TRP A 59 7.18 4.81 0.51
C TRP A 59 7.04 6.34 0.47
N PRO A 60 5.89 6.79 0.05
CA PRO A 60 5.63 8.25 -0.05
C PRO A 60 5.54 8.87 1.35
N PHE A 61 6.64 9.31 1.89
CA PHE A 61 6.62 9.93 3.24
C PHE A 61 5.84 11.24 3.22
N SER A 62 4.55 11.18 3.10
CA SER A 62 3.73 12.43 3.07
C SER A 62 3.54 12.96 4.50
N CYS A 63 4.07 12.27 5.47
CA CYS A 63 3.91 12.72 6.88
C CYS A 63 4.45 14.15 7.03
N ARG A 64 3.92 14.90 7.97
CA ARG A 64 4.40 16.30 8.17
C ARG A 64 5.00 16.45 9.57
N ALA A 65 4.32 16.00 10.58
CA ALA A 65 4.86 16.13 11.96
C ALA A 65 4.19 15.11 12.90
N GLY A 66 4.74 13.93 12.98
CA GLY A 66 4.14 12.89 13.87
C GLY A 66 2.74 12.52 13.36
N ALA A 67 2.57 11.31 12.90
CA ALA A 67 1.25 10.88 12.37
C ALA A 67 0.78 11.85 11.28
N CYS A 68 -0.21 11.45 10.52
CA CYS A 68 -0.72 12.35 9.44
C CYS A 68 -2.00 11.77 8.84
N ALA A 69 -2.81 11.12 9.64
CA ALA A 69 -4.07 10.55 9.11
C ALA A 69 -3.77 9.62 7.93
N ASN A 70 -3.67 8.34 8.17
CA ASN A 70 -3.36 7.39 7.06
C ASN A 70 -2.05 7.78 6.38
N CYS A 71 -1.43 6.88 5.68
CA CYS A 71 -0.14 7.20 5.01
C CYS A 71 -0.33 7.34 3.50
N ALA A 72 -0.42 6.24 2.79
CA ALA A 72 -0.61 6.33 1.32
C ALA A 72 -0.53 4.94 0.69
N SER A 73 -1.65 4.25 0.60
CA SER A 73 -1.64 2.89 0.01
C SER A 73 -3.08 2.48 -0.36
N ILE A 74 -3.25 1.38 -1.03
CA ILE A 74 -4.63 0.96 -1.40
C ILE A 74 -4.77 -0.56 -1.25
N VAL A 75 -5.07 -1.02 -0.06
CA VAL A 75 -5.22 -2.49 0.17
C VAL A 75 -6.21 -3.07 -0.84
N LYS A 76 -5.76 -3.96 -1.68
CA LYS A 76 -6.68 -4.57 -2.68
C LYS A 76 -7.25 -5.89 -2.15
N GLU A 77 -6.76 -6.36 -1.04
CA GLU A 77 -7.28 -7.65 -0.49
C GLU A 77 -6.62 -7.95 0.86
N GLY A 78 -7.23 -8.77 1.66
CA GLY A 78 -6.63 -9.10 2.99
C GLY A 78 -7.11 -8.10 4.03
N GLU A 79 -6.28 -7.77 4.99
CA GLU A 79 -6.68 -6.80 6.04
C GLU A 79 -5.45 -6.35 6.84
N ILE A 80 -5.53 -5.21 7.47
CA ILE A 80 -4.37 -4.72 8.28
C ILE A 80 -4.81 -4.40 9.71
N ASP A 81 -3.91 -4.55 10.65
CA ASP A 81 -4.28 -4.24 12.07
C ASP A 81 -3.51 -3.02 12.56
N MET A 82 -4.18 -2.14 13.27
CA MET A 82 -3.48 -0.92 13.79
C MET A 82 -3.92 -0.63 15.22
N ASP A 83 -3.11 0.07 15.97
CA ASP A 83 -3.49 0.38 17.38
C ASP A 83 -4.20 1.74 17.45
N MET A 84 -4.82 2.03 18.56
CA MET A 84 -5.53 3.34 18.69
C MET A 84 -4.67 4.47 18.12
N GLN A 85 -5.16 5.16 17.12
CA GLN A 85 -4.37 6.26 16.51
C GLN A 85 -5.31 7.29 15.87
N GLN A 86 -6.07 6.89 14.89
CA GLN A 86 -6.99 7.84 14.23
C GLN A 86 -8.24 7.11 13.74
N ILE A 87 -9.37 7.79 13.70
CA ILE A 87 -10.63 7.14 13.24
C ILE A 87 -10.57 6.88 11.73
N LEU A 88 -11.18 5.82 11.29
CA LEU A 88 -11.18 5.51 9.82
C LEU A 88 -12.60 5.15 9.38
N SER A 89 -12.96 5.51 8.17
CA SER A 89 -14.34 5.18 7.69
C SER A 89 -14.29 4.03 6.68
N ASP A 90 -15.09 3.02 6.88
CA ASP A 90 -15.09 1.87 5.93
C ASP A 90 -15.12 2.38 4.49
N GLU A 91 -15.92 3.38 4.23
CA GLU A 91 -15.99 3.91 2.84
C GLU A 91 -14.58 4.30 2.37
N GLU A 92 -13.69 4.56 3.29
CA GLU A 92 -12.31 4.93 2.90
C GLU A 92 -11.52 3.67 2.52
N VAL A 93 -11.71 2.60 3.23
CA VAL A 93 -10.98 1.34 2.91
C VAL A 93 -11.66 0.62 1.74
N GLU A 94 -12.81 1.07 1.33
CA GLU A 94 -13.51 0.41 0.20
C GLU A 94 -13.33 1.22 -1.09
N GLU A 95 -13.61 2.49 -1.04
CA GLU A 95 -13.44 3.33 -2.26
C GLU A 95 -11.98 3.77 -2.39
N LYS A 96 -11.29 3.89 -1.30
CA LYS A 96 -9.87 4.31 -1.35
C LYS A 96 -8.95 3.20 -0.84
N ASP A 97 -9.53 2.21 -0.20
CA ASP A 97 -8.69 1.08 0.33
C ASP A 97 -7.40 1.61 0.95
N VAL A 98 -7.43 2.79 1.48
CA VAL A 98 -6.20 3.36 2.10
C VAL A 98 -6.10 2.94 3.57
N ARG A 99 -4.94 3.03 4.15
CA ARG A 99 -4.78 2.63 5.58
C ARG A 99 -3.39 3.03 6.09
N LEU A 100 -3.19 2.95 7.38
CA LEU A 100 -1.86 3.33 7.96
C LEU A 100 -0.88 2.15 7.82
N THR A 101 0.24 2.38 7.18
CA THR A 101 1.23 1.27 7.01
C THR A 101 2.54 1.63 7.71
N CYS A 102 2.54 2.68 8.48
CA CYS A 102 3.79 3.09 9.20
C CYS A 102 4.10 2.09 10.32
N ILE A 103 3.33 2.14 11.37
CA ILE A 103 3.58 1.21 12.51
C ILE A 103 2.45 0.17 12.60
N GLY A 104 1.69 0.01 11.56
CA GLY A 104 0.57 -0.98 11.58
C GLY A 104 1.06 -2.34 11.11
N SER A 105 0.36 -3.38 11.42
CA SER A 105 0.80 -4.75 10.99
C SER A 105 -0.35 -5.45 10.25
N PRO A 106 0.03 -6.36 9.39
CA PRO A 106 -0.97 -7.12 8.60
C PRO A 106 -1.69 -8.15 9.49
N ALA A 107 -2.88 -8.52 9.12
CA ALA A 107 -3.64 -9.52 9.95
C ALA A 107 -4.01 -10.74 9.10
N ALA A 108 -4.35 -10.53 7.86
CA ALA A 108 -4.72 -11.67 6.98
C ALA A 108 -3.46 -12.29 6.35
N ASP A 109 -3.43 -13.58 6.20
CA ASP A 109 -2.23 -14.23 5.58
C ASP A 109 -1.77 -13.44 4.37
N GLU A 110 -2.36 -13.69 3.23
CA GLU A 110 -1.96 -12.95 1.99
C GLU A 110 -2.74 -11.64 1.90
N VAL A 111 -2.06 -10.52 2.01
CA VAL A 111 -2.77 -9.21 1.94
C VAL A 111 -2.32 -8.45 0.69
N LYS A 112 -3.25 -7.97 -0.09
CA LYS A 112 -2.88 -7.21 -1.32
C LYS A 112 -3.11 -5.72 -1.10
N ILE A 113 -2.18 -4.90 -1.54
CA ILE A 113 -2.33 -3.43 -1.36
C ILE A 113 -1.41 -2.69 -2.34
N VAL A 114 -1.81 -1.52 -2.78
CA VAL A 114 -0.95 -0.75 -3.73
C VAL A 114 0.07 0.09 -2.95
N TYR A 115 1.32 0.00 -3.29
CA TYR A 115 2.34 0.80 -2.57
C TYR A 115 2.59 2.13 -3.32
N ASN A 116 2.89 3.18 -2.60
CA ASN A 116 3.13 4.50 -3.25
C ASN A 116 1.80 5.09 -3.74
N ALA A 117 0.85 5.23 -2.85
CA ALA A 117 -0.47 5.79 -3.25
C ALA A 117 -0.33 7.27 -3.60
N LYS A 118 0.77 7.87 -3.24
CA LYS A 118 0.95 9.32 -3.56
C LYS A 118 0.75 9.57 -5.06
N HIS A 119 0.81 8.54 -5.86
CA HIS A 119 0.63 8.72 -7.32
C HIS A 119 -0.86 8.93 -7.66
N LEU A 120 -1.74 8.51 -6.80
CA LEU A 120 -3.19 8.69 -7.07
C LEU A 120 -3.48 10.13 -7.51
N ASP A 121 -4.05 10.30 -8.68
CA ASP A 121 -4.35 11.68 -9.16
C ASP A 121 -5.46 12.31 -8.33
N TYR A 122 -6.33 11.52 -7.77
CA TYR A 122 -7.43 12.08 -6.95
C TYR A 122 -6.87 12.79 -5.72
N LEU A 123 -5.61 12.59 -5.43
CA LEU A 123 -4.99 13.24 -4.25
C LEU A 123 -3.93 14.26 -4.69
N GLN A 124 -3.16 13.93 -5.68
CA GLN A 124 -2.12 14.88 -6.16
C GLN A 124 -2.77 16.14 -6.73
N ASN A 125 -4.06 16.10 -6.96
CA ASN A 125 -4.75 17.30 -7.52
C ASN A 125 -4.51 18.51 -6.62
N ARG A 126 -4.24 18.31 -5.37
CA ARG A 126 -3.99 19.45 -4.45
C ARG A 126 -2.50 19.65 -4.22
N VAL A 127 -1.70 19.35 -5.21
CA VAL A 127 -0.21 19.52 -5.05
C VAL A 127 0.10 20.88 -4.43
N ILE A 128 1.20 20.98 -3.75
CA ILE A 128 1.57 22.28 -3.11
C ILE A 128 3.06 22.57 -3.32
N PRO A 1 2.13 -14.78 6.75
CA PRO A 1 1.95 -13.32 6.91
C PRO A 1 2.65 -12.56 5.77
N THR A 2 2.15 -12.70 4.57
CA THR A 2 2.79 -11.99 3.42
C THR A 2 1.78 -11.07 2.74
N VAL A 3 2.20 -9.90 2.35
CA VAL A 3 1.27 -8.94 1.69
C VAL A 3 1.84 -8.51 0.34
N GLU A 4 1.08 -8.66 -0.71
CA GLU A 4 1.59 -8.26 -2.07
C GLU A 4 1.39 -6.77 -2.31
N TYR A 5 2.47 -6.03 -2.41
CA TYR A 5 2.34 -4.56 -2.67
C TYR A 5 2.41 -4.30 -4.18
N LEU A 6 1.60 -3.41 -4.69
CA LEU A 6 1.62 -3.14 -6.15
C LEU A 6 1.70 -1.62 -6.41
N ASN A 7 2.75 -1.19 -7.06
CA ASN A 7 2.89 0.27 -7.35
C ASN A 7 1.61 0.82 -7.98
N TYR A 8 0.94 1.71 -7.31
CA TYR A 8 -0.31 2.29 -7.88
C TYR A 8 0.01 3.04 -9.17
N GLU A 9 1.21 3.55 -9.29
CA GLU A 9 1.58 4.27 -10.53
C GLU A 9 1.53 3.32 -11.73
N THR A 10 1.90 2.09 -11.53
CA THR A 10 1.86 1.11 -12.65
C THR A 10 0.43 0.97 -13.17
N LEU A 11 -0.54 1.18 -12.31
CA LEU A 11 -1.96 1.08 -12.73
C LEU A 11 -2.28 2.19 -13.74
N ASP A 12 -1.91 3.40 -13.41
CA ASP A 12 -2.19 4.54 -14.34
C ASP A 12 -1.20 4.52 -15.51
N ASP A 13 0.05 4.30 -15.23
CA ASP A 13 1.06 4.26 -16.32
C ASP A 13 0.65 3.24 -17.39
N GLN A 14 0.55 2.00 -17.03
CA GLN A 14 0.15 0.96 -18.03
C GLN A 14 -1.30 1.21 -18.48
N GLY A 15 -1.99 2.08 -17.81
CA GLY A 15 -3.41 2.36 -18.19
C GLY A 15 -4.27 1.14 -17.92
N TRP A 16 -3.93 0.37 -16.91
CA TRP A 16 -4.75 -0.84 -16.58
C TRP A 16 -5.96 -0.45 -15.75
N ASP A 17 -6.80 -1.41 -15.43
CA ASP A 17 -8.02 -1.09 -14.62
C ASP A 17 -7.69 -1.17 -13.13
N MET A 18 -8.66 -0.98 -12.28
CA MET A 18 -8.39 -1.04 -10.82
C MET A 18 -8.29 -2.50 -10.36
N ASP A 19 -9.28 -3.30 -10.67
CA ASP A 19 -9.23 -4.73 -10.25
C ASP A 19 -9.47 -5.65 -11.44
N ASP A 20 -9.82 -5.10 -12.58
CA ASP A 20 -10.07 -5.95 -13.77
C ASP A 20 -8.75 -6.45 -14.37
N ASP A 21 -7.80 -5.57 -14.51
CA ASP A 21 -6.48 -5.99 -15.09
C ASP A 21 -5.72 -6.87 -14.09
N ASP A 22 -6.21 -6.98 -12.89
CA ASP A 22 -5.51 -7.83 -11.89
C ASP A 22 -4.00 -7.59 -11.95
N LEU A 23 -3.59 -6.35 -11.85
CA LEU A 23 -2.14 -6.04 -11.91
C LEU A 23 -1.36 -6.94 -10.94
N PHE A 24 -1.81 -7.04 -9.71
CA PHE A 24 -1.11 -7.91 -8.73
C PHE A 24 -0.75 -9.24 -9.40
N GLU A 25 -1.51 -9.64 -10.37
CA GLU A 25 -1.24 -10.93 -11.07
C GLU A 25 -0.46 -10.67 -12.36
N LYS A 26 -0.94 -9.79 -13.19
CA LYS A 26 -0.24 -9.51 -14.48
C LYS A 26 1.15 -8.93 -14.21
N ALA A 27 1.28 -8.11 -13.20
CA ALA A 27 2.60 -7.50 -12.89
C ALA A 27 3.61 -8.61 -12.54
N ALA A 28 3.13 -9.78 -12.26
CA ALA A 28 4.06 -10.90 -11.91
C ALA A 28 4.49 -11.65 -13.17
N ASP A 29 3.77 -11.47 -14.25
CA ASP A 29 4.14 -12.18 -15.51
C ASP A 29 4.94 -11.24 -16.42
N ALA A 30 4.72 -9.96 -16.31
CA ALA A 30 5.47 -9.00 -17.17
C ALA A 30 6.86 -8.75 -16.59
N GLY A 31 7.05 -9.02 -15.33
CA GLY A 31 8.37 -8.80 -14.70
C GLY A 31 8.47 -7.35 -14.20
N LEU A 32 7.49 -6.90 -13.47
CA LEU A 32 7.52 -5.51 -12.94
C LEU A 32 8.64 -5.36 -11.89
N ASP A 33 9.31 -4.24 -11.88
CA ASP A 33 10.40 -4.03 -10.89
C ASP A 33 9.91 -4.43 -9.49
N GLY A 34 10.75 -5.08 -8.72
CA GLY A 34 10.33 -5.49 -7.35
C GLY A 34 10.03 -4.25 -6.51
N GLU A 35 10.63 -3.14 -6.85
CA GLU A 35 10.38 -1.90 -6.05
C GLU A 35 8.93 -1.41 -6.25
N ASP A 36 8.26 -1.92 -7.26
CA ASP A 36 6.86 -1.49 -7.49
C ASP A 36 5.89 -2.60 -7.10
N TYR A 37 6.08 -3.78 -7.62
CA TYR A 37 5.16 -4.90 -7.28
C TYR A 37 5.96 -6.09 -6.72
N GLY A 38 5.38 -6.82 -5.81
CA GLY A 38 6.09 -7.99 -5.22
C GLY A 38 5.46 -8.35 -3.87
N THR A 39 5.74 -9.51 -3.37
CA THR A 39 5.16 -9.92 -2.05
C THR A 39 5.95 -9.29 -0.91
N MET A 40 5.28 -8.61 -0.02
CA MET A 40 6.01 -7.96 1.12
C MET A 40 5.94 -8.86 2.36
N GLU A 41 6.82 -9.81 2.47
CA GLU A 41 6.82 -10.71 3.65
C GLU A 41 7.02 -9.92 4.94
N VAL A 42 5.99 -9.79 5.73
CA VAL A 42 6.12 -9.01 7.00
C VAL A 42 5.94 -9.96 8.20
N ALA A 43 6.93 -10.04 9.05
CA ALA A 43 6.81 -10.94 10.24
C ALA A 43 5.57 -10.57 11.06
N GLU A 44 4.96 -11.53 11.69
CA GLU A 44 3.75 -11.23 12.51
C GLU A 44 4.14 -10.40 13.74
N GLY A 45 3.65 -9.20 13.83
CA GLY A 45 3.99 -8.34 14.99
C GLY A 45 5.06 -7.34 14.58
N GLU A 46 5.35 -7.24 13.31
CA GLU A 46 6.39 -6.28 12.84
C GLU A 46 5.76 -5.21 11.95
N TYR A 47 6.21 -3.99 12.07
CA TYR A 47 5.63 -2.90 11.23
C TYR A 47 5.86 -3.21 9.75
N ILE A 48 4.85 -3.02 8.94
CA ILE A 48 5.01 -3.30 7.48
C ILE A 48 6.11 -2.43 6.90
N LEU A 49 5.96 -1.13 6.95
CA LEU A 49 7.02 -0.24 6.40
C LEU A 49 8.40 -0.73 6.83
N GLU A 50 8.48 -1.42 7.94
CA GLU A 50 9.79 -1.93 8.41
C GLU A 50 10.23 -3.11 7.55
N ALA A 51 9.38 -4.09 7.37
CA ALA A 51 9.76 -5.26 6.54
C ALA A 51 9.91 -4.83 5.08
N ALA A 52 9.11 -3.90 4.65
CA ALA A 52 9.22 -3.43 3.23
C ALA A 52 10.48 -2.59 3.06
N GLU A 53 10.80 -1.78 4.03
CA GLU A 53 12.02 -0.95 3.93
C GLU A 53 13.25 -1.85 3.88
N ALA A 54 13.18 -3.00 4.50
CA ALA A 54 14.34 -3.94 4.49
C ALA A 54 14.55 -4.47 3.08
N GLN A 55 13.54 -4.43 2.26
CA GLN A 55 13.69 -4.93 0.87
C GLN A 55 14.05 -3.78 -0.08
N GLY A 56 13.91 -2.56 0.39
CA GLY A 56 14.25 -1.40 -0.48
C GLY A 56 12.96 -0.78 -1.02
N TYR A 57 11.87 -0.97 -0.34
CA TYR A 57 10.59 -0.39 -0.82
C TYR A 57 10.43 1.06 -0.34
N ASP A 58 10.12 1.96 -1.23
CA ASP A 58 9.96 3.38 -0.83
C ASP A 58 8.51 3.65 -0.40
N TRP A 59 8.26 4.76 0.22
CA TRP A 59 6.87 5.08 0.65
C TRP A 59 6.66 6.59 0.71
N PRO A 60 5.43 6.99 0.51
CA PRO A 60 5.08 8.44 0.52
C PRO A 60 5.11 8.98 1.95
N PHE A 61 5.57 10.18 2.13
CA PHE A 61 5.62 10.79 3.49
C PHE A 61 6.21 9.79 4.50
N SER A 62 7.51 9.68 4.53
CA SER A 62 8.14 8.73 5.50
C SER A 62 7.76 9.10 6.94
N CYS A 63 8.27 8.38 7.91
CA CYS A 63 7.93 8.69 9.32
C CYS A 63 9.20 8.94 10.13
N ARG A 64 10.16 9.63 9.56
CA ARG A 64 11.42 9.90 10.30
C ARG A 64 11.30 11.19 11.10
N ALA A 65 10.72 12.21 10.52
CA ALA A 65 10.58 13.50 11.25
C ALA A 65 9.73 14.48 10.43
N GLY A 66 8.45 14.49 10.63
CA GLY A 66 7.58 15.43 9.86
C GLY A 66 6.11 15.21 10.26
N ALA A 67 5.87 14.87 11.49
CA ALA A 67 4.46 14.65 11.93
C ALA A 67 3.70 13.85 10.88
N CYS A 68 4.34 12.90 10.25
CA CYS A 68 3.65 12.09 9.21
C CYS A 68 2.44 11.37 9.83
N ALA A 69 2.65 10.23 10.42
CA ALA A 69 1.51 9.49 11.03
C ALA A 69 0.36 9.37 10.02
N ASN A 70 0.68 9.20 8.77
CA ASN A 70 -0.39 9.08 7.73
C ASN A 70 0.22 8.72 6.38
N CYS A 71 0.01 7.52 5.92
CA CYS A 71 0.58 7.11 4.61
C CYS A 71 -0.53 7.05 3.55
N ALA A 72 -0.19 6.65 2.35
CA ALA A 72 -1.22 6.57 1.28
C ALA A 72 -1.14 5.21 0.57
N SER A 73 -2.13 4.38 0.75
CA SER A 73 -2.11 3.04 0.08
C SER A 73 -3.54 2.61 -0.26
N ILE A 74 -3.70 1.53 -0.97
CA ILE A 74 -5.06 1.06 -1.34
C ILE A 74 -5.14 -0.47 -1.19
N VAL A 75 -5.35 -0.95 0.00
CA VAL A 75 -5.43 -2.42 0.20
C VAL A 75 -6.39 -3.05 -0.81
N LYS A 76 -5.90 -3.92 -1.66
CA LYS A 76 -6.79 -4.55 -2.67
C LYS A 76 -7.40 -5.84 -2.11
N GLU A 77 -6.97 -6.25 -0.95
CA GLU A 77 -7.53 -7.50 -0.35
C GLU A 77 -6.86 -7.80 0.99
N GLY A 78 -7.17 -8.91 1.59
CA GLY A 78 -6.55 -9.26 2.90
C GLY A 78 -6.90 -8.18 3.93
N GLU A 79 -6.10 -8.05 4.96
CA GLU A 79 -6.39 -7.02 6.00
C GLU A 79 -5.13 -6.72 6.80
N ILE A 80 -4.86 -5.47 7.06
CA ILE A 80 -3.64 -5.10 7.84
C ILE A 80 -4.04 -4.63 9.24
N ASP A 81 -3.24 -4.96 10.22
CA ASP A 81 -3.56 -4.52 11.61
C ASP A 81 -2.97 -3.14 11.88
N MET A 82 -3.47 -2.44 12.85
CA MET A 82 -2.94 -1.08 13.15
C MET A 82 -3.23 -0.69 14.60
N ASP A 83 -2.54 0.30 15.11
CA ASP A 83 -2.77 0.72 16.52
C ASP A 83 -4.03 1.57 16.62
N MET A 84 -4.67 1.58 17.75
CA MET A 84 -5.91 2.39 17.91
C MET A 84 -5.64 3.86 17.57
N GLN A 85 -6.38 4.42 16.66
CA GLN A 85 -6.17 5.85 16.28
C GLN A 85 -7.38 6.39 15.53
N GLN A 86 -7.88 7.53 15.94
CA GLN A 86 -9.07 8.12 15.25
C GLN A 86 -8.63 9.07 14.14
N ILE A 87 -8.00 8.56 13.12
CA ILE A 87 -7.56 9.44 12.00
C ILE A 87 -7.88 8.79 10.65
N LEU A 88 -8.94 8.03 10.59
CA LEU A 88 -9.31 7.37 9.31
C LEU A 88 -10.82 7.13 9.27
N SER A 89 -11.33 6.68 8.14
CA SER A 89 -12.79 6.43 8.04
C SER A 89 -13.05 5.11 7.29
N ASP A 90 -13.95 4.30 7.79
CA ASP A 90 -14.25 3.01 7.10
C ASP A 90 -14.53 3.26 5.62
N GLU A 91 -15.29 4.29 5.32
CA GLU A 91 -15.60 4.59 3.90
C GLU A 91 -14.31 4.70 3.11
N GLU A 92 -13.25 5.11 3.76
CA GLU A 92 -11.94 5.23 3.05
C GLU A 92 -11.39 3.83 2.73
N VAL A 93 -11.55 2.91 3.63
CA VAL A 93 -11.05 1.53 3.39
C VAL A 93 -12.04 0.77 2.51
N GLU A 94 -13.27 1.23 2.46
CA GLU A 94 -14.28 0.53 1.61
C GLU A 94 -14.36 1.19 0.24
N GLU A 95 -14.21 2.49 0.18
CA GLU A 95 -14.27 3.19 -1.13
C GLU A 95 -12.87 3.58 -1.60
N LYS A 96 -11.94 3.72 -0.68
CA LYS A 96 -10.56 4.09 -1.07
C LYS A 96 -9.57 2.98 -0.68
N ASP A 97 -10.05 1.96 -0.02
CA ASP A 97 -9.14 0.85 0.41
C ASP A 97 -7.87 1.41 1.06
N VAL A 98 -7.96 2.55 1.67
CA VAL A 98 -6.76 3.14 2.32
C VAL A 98 -6.46 2.42 3.64
N ARG A 99 -5.21 2.29 3.98
CA ARG A 99 -4.86 1.59 5.26
C ARG A 99 -3.49 2.06 5.76
N LEU A 100 -3.20 1.83 7.00
CA LEU A 100 -1.88 2.26 7.55
C LEU A 100 -0.83 1.18 7.27
N THR A 101 0.30 1.57 6.74
CA THR A 101 1.36 0.57 6.43
C THR A 101 2.68 0.97 7.10
N CYS A 102 2.63 1.40 8.33
CA CYS A 102 3.88 1.80 9.03
C CYS A 102 3.79 1.46 10.53
N ILE A 103 2.73 1.88 11.17
CA ILE A 103 2.57 1.56 12.62
C ILE A 103 1.67 0.34 12.80
N GLY A 104 1.30 -0.29 11.72
CA GLY A 104 0.42 -1.49 11.83
C GLY A 104 1.15 -2.71 11.24
N SER A 105 0.57 -3.87 11.35
CA SER A 105 1.23 -5.08 10.80
C SER A 105 0.24 -5.90 9.96
N PRO A 106 0.73 -6.98 9.42
CA PRO A 106 -0.12 -7.87 8.59
C PRO A 106 -1.12 -8.63 9.47
N ALA A 107 -2.30 -8.87 8.96
CA ALA A 107 -3.31 -9.61 9.78
C ALA A 107 -3.93 -10.75 8.95
N ALA A 108 -3.39 -11.01 7.78
CA ALA A 108 -3.94 -12.10 6.94
C ALA A 108 -2.80 -12.81 6.20
N ASP A 109 -2.84 -14.12 6.15
CA ASP A 109 -1.76 -14.87 5.45
C ASP A 109 -1.40 -14.17 4.13
N GLU A 110 -2.39 -13.85 3.33
CA GLU A 110 -2.10 -13.16 2.04
C GLU A 110 -2.91 -11.88 1.92
N VAL A 111 -2.25 -10.76 1.81
CA VAL A 111 -2.99 -9.46 1.69
C VAL A 111 -2.50 -8.68 0.47
N LYS A 112 -3.32 -7.84 -0.08
CA LYS A 112 -2.90 -7.05 -1.28
C LYS A 112 -3.18 -5.57 -1.06
N ILE A 113 -2.29 -4.72 -1.49
CA ILE A 113 -2.50 -3.25 -1.33
C ILE A 113 -1.61 -2.48 -2.31
N VAL A 114 -2.04 -1.32 -2.72
CA VAL A 114 -1.22 -0.52 -3.67
C VAL A 114 -0.27 0.41 -2.90
N TYR A 115 1.00 0.35 -3.18
CA TYR A 115 1.97 1.21 -2.45
C TYR A 115 2.19 2.52 -3.24
N ASN A 116 2.66 3.54 -2.57
CA ASN A 116 2.90 4.84 -3.27
C ASN A 116 1.59 5.38 -3.85
N ALA A 117 0.50 5.22 -3.14
CA ALA A 117 -0.81 5.71 -3.64
C ALA A 117 -0.79 7.23 -3.78
N LYS A 118 0.21 7.88 -3.23
CA LYS A 118 0.28 9.37 -3.33
C LYS A 118 0.09 9.80 -4.79
N HIS A 119 0.34 8.91 -5.72
CA HIS A 119 0.18 9.27 -7.15
C HIS A 119 -1.30 9.45 -7.49
N LEU A 120 -2.17 8.89 -6.70
CA LEU A 120 -3.63 9.02 -6.99
C LEU A 120 -3.97 10.45 -7.43
N ASP A 121 -4.75 10.60 -8.46
CA ASP A 121 -5.11 11.97 -8.93
C ASP A 121 -5.98 12.68 -7.90
N TYR A 122 -6.44 11.97 -6.90
CA TYR A 122 -7.30 12.60 -5.87
C TYR A 122 -6.44 13.36 -4.85
N LEU A 123 -5.34 12.78 -4.45
CA LEU A 123 -4.46 13.46 -3.46
C LEU A 123 -3.50 14.42 -4.18
N GLN A 124 -3.31 14.23 -5.46
CA GLN A 124 -2.38 15.13 -6.21
C GLN A 124 -2.97 16.54 -6.29
N ASN A 125 -4.27 16.66 -6.29
CA ASN A 125 -4.91 18.00 -6.36
C ASN A 125 -4.39 18.88 -5.23
N ARG A 126 -3.84 18.29 -4.20
CA ARG A 126 -3.31 19.09 -3.06
C ARG A 126 -2.16 19.98 -3.54
N VAL A 127 -1.60 19.67 -4.68
CA VAL A 127 -0.46 20.50 -5.20
C VAL A 127 -0.79 21.99 -5.07
N ILE A 128 0.19 22.83 -5.26
CA ILE A 128 -0.08 24.30 -5.15
C ILE A 128 -0.50 24.87 -6.51
N PRO A 1 1.58 -15.05 6.46
CA PRO A 1 1.96 -13.63 6.70
C PRO A 1 2.64 -13.03 5.47
N THR A 2 1.92 -12.91 4.38
CA THR A 2 2.53 -12.34 3.15
C THR A 2 1.61 -11.30 2.53
N VAL A 3 2.17 -10.34 1.83
CA VAL A 3 1.34 -9.28 1.19
C VAL A 3 1.90 -8.96 -0.19
N GLU A 4 1.21 -8.15 -0.95
CA GLU A 4 1.72 -7.81 -2.32
C GLU A 4 1.52 -6.32 -2.60
N TYR A 5 2.60 -5.59 -2.78
CA TYR A 5 2.48 -4.14 -3.08
C TYR A 5 2.61 -3.89 -4.58
N LEU A 6 1.71 -3.13 -5.16
CA LEU A 6 1.79 -2.86 -6.62
C LEU A 6 1.84 -1.34 -6.87
N ASN A 7 2.93 -0.86 -7.41
CA ASN A 7 3.03 0.61 -7.67
C ASN A 7 1.77 1.12 -8.37
N TYR A 8 1.00 1.93 -7.70
CA TYR A 8 -0.24 2.45 -8.33
C TYR A 8 0.11 3.15 -9.65
N GLU A 9 1.31 3.63 -9.78
CA GLU A 9 1.71 4.31 -11.04
C GLU A 9 1.65 3.32 -12.21
N THR A 10 2.12 2.12 -12.00
CA THR A 10 2.09 1.11 -13.10
C THR A 10 0.64 0.89 -13.56
N LEU A 11 -0.29 0.97 -12.65
CA LEU A 11 -1.72 0.78 -13.03
C LEU A 11 -2.16 1.92 -13.97
N ASP A 12 -1.81 3.13 -13.65
CA ASP A 12 -2.21 4.27 -14.52
C ASP A 12 -1.28 4.37 -15.73
N ASP A 13 0.01 4.25 -15.50
CA ASP A 13 0.97 4.33 -16.64
C ASP A 13 0.52 3.40 -17.78
N GLN A 14 0.32 2.14 -17.49
CA GLN A 14 -0.11 1.19 -18.55
C GLN A 14 -1.60 1.36 -18.84
N GLY A 15 -2.28 2.17 -18.08
CA GLY A 15 -3.74 2.36 -18.30
C GLY A 15 -4.47 1.04 -18.08
N TRP A 16 -4.11 0.32 -17.04
CA TRP A 16 -4.78 -0.98 -16.77
C TRP A 16 -6.06 -0.77 -15.95
N ASP A 17 -6.72 -1.83 -15.60
CA ASP A 17 -7.97 -1.70 -14.81
C ASP A 17 -7.66 -1.79 -13.31
N MET A 18 -8.66 -1.70 -12.48
CA MET A 18 -8.42 -1.78 -11.01
C MET A 18 -8.25 -3.23 -10.58
N ASP A 19 -9.20 -4.08 -10.90
CA ASP A 19 -9.08 -5.51 -10.50
C ASP A 19 -9.39 -6.42 -11.70
N ASP A 20 -9.72 -5.85 -12.82
CA ASP A 20 -10.03 -6.68 -14.03
C ASP A 20 -8.75 -7.33 -14.56
N ASP A 21 -7.75 -6.54 -14.86
CA ASP A 21 -6.49 -7.12 -15.38
C ASP A 21 -5.71 -7.82 -14.26
N ASP A 22 -6.20 -7.75 -13.06
CA ASP A 22 -5.49 -8.41 -11.93
C ASP A 22 -3.98 -8.14 -12.02
N LEU A 23 -3.60 -6.91 -12.09
CA LEU A 23 -2.15 -6.56 -12.19
C LEU A 23 -1.33 -7.46 -11.26
N PHE A 24 -1.80 -7.68 -10.06
CA PHE A 24 -1.04 -8.55 -9.11
C PHE A 24 -0.74 -9.90 -9.77
N GLU A 25 -1.46 -10.25 -10.79
CA GLU A 25 -1.22 -11.56 -11.47
C GLU A 25 -0.50 -11.34 -12.80
N LYS A 26 -1.00 -10.46 -13.62
CA LYS A 26 -0.33 -10.20 -14.93
C LYS A 26 1.03 -9.53 -14.73
N ALA A 27 1.16 -8.76 -13.69
CA ALA A 27 2.45 -8.08 -13.43
C ALA A 27 3.57 -9.12 -13.23
N ALA A 28 3.25 -10.22 -12.63
CA ALA A 28 4.28 -11.28 -12.41
C ALA A 28 4.66 -11.93 -13.74
N ASP A 29 3.77 -11.89 -14.70
CA ASP A 29 4.08 -12.50 -16.02
C ASP A 29 4.96 -11.56 -16.84
N ALA A 30 5.00 -10.31 -16.49
CA ALA A 30 5.83 -9.33 -17.24
C ALA A 30 7.21 -9.20 -16.58
N GLY A 31 7.25 -8.73 -15.37
CA GLY A 31 8.54 -8.58 -14.66
C GLY A 31 8.84 -7.09 -14.45
N LEU A 32 8.16 -6.47 -13.53
CA LEU A 32 8.41 -5.02 -13.28
C LEU A 32 9.51 -4.84 -12.24
N ASP A 33 9.86 -3.62 -11.93
CA ASP A 33 10.93 -3.38 -10.93
C ASP A 33 10.47 -3.83 -9.55
N GLY A 34 11.29 -4.54 -8.83
CA GLY A 34 10.90 -5.02 -7.47
C GLY A 34 10.48 -3.81 -6.63
N GLU A 35 10.93 -2.64 -6.98
CA GLU A 35 10.57 -1.43 -6.19
C GLU A 35 9.16 -0.96 -6.55
N ASP A 36 8.55 -1.57 -7.54
CA ASP A 36 7.18 -1.16 -7.94
C ASP A 36 6.19 -2.31 -7.72
N TYR A 37 6.55 -3.49 -8.11
CA TYR A 37 5.63 -4.65 -7.92
C TYR A 37 6.39 -5.84 -7.33
N GLY A 38 6.01 -6.28 -6.16
CA GLY A 38 6.71 -7.42 -5.52
C GLY A 38 5.88 -7.94 -4.34
N THR A 39 6.14 -9.14 -3.90
CA THR A 39 5.36 -9.70 -2.76
C THR A 39 5.99 -9.25 -1.43
N MET A 40 5.24 -8.60 -0.60
CA MET A 40 5.80 -8.13 0.71
C MET A 40 5.69 -9.25 1.76
N GLU A 41 6.80 -9.85 2.11
CA GLU A 41 6.75 -10.94 3.12
C GLU A 41 6.96 -10.36 4.52
N VAL A 42 5.95 -10.41 5.35
CA VAL A 42 6.09 -9.85 6.73
C VAL A 42 5.27 -10.69 7.71
N ALA A 43 5.89 -11.14 8.77
CA ALA A 43 5.14 -11.95 9.77
C ALA A 43 3.94 -11.17 10.31
N GLU A 44 2.95 -11.84 10.81
CA GLU A 44 1.75 -11.13 11.34
C GLU A 44 2.10 -10.44 12.66
N GLY A 45 2.08 -9.15 12.69
CA GLY A 45 2.42 -8.41 13.94
C GLY A 45 3.66 -7.55 13.70
N GLU A 46 4.33 -7.77 12.60
CA GLU A 46 5.55 -6.97 12.29
C GLU A 46 5.17 -5.75 11.45
N TYR A 47 5.29 -4.57 12.00
CA TYR A 47 4.93 -3.35 11.23
C TYR A 47 5.45 -3.45 9.80
N ILE A 48 4.57 -3.34 8.84
CA ILE A 48 5.01 -3.44 7.41
C ILE A 48 6.04 -2.35 7.07
N LEU A 49 5.69 -1.10 7.25
CA LEU A 49 6.67 -0.01 6.94
C LEU A 49 8.07 -0.40 7.43
N GLU A 50 8.14 -1.21 8.45
CA GLU A 50 9.47 -1.62 8.98
C GLU A 50 10.07 -2.74 8.12
N ALA A 51 9.29 -3.75 7.82
CA ALA A 51 9.83 -4.87 6.99
C ALA A 51 10.21 -4.37 5.60
N ALA A 52 9.35 -3.59 5.00
CA ALA A 52 9.66 -3.08 3.63
C ALA A 52 10.80 -2.05 3.71
N GLU A 53 10.79 -1.22 4.70
CA GLU A 53 11.88 -0.20 4.84
C GLU A 53 13.22 -0.90 4.96
N ALA A 54 13.26 -2.02 5.62
CA ALA A 54 14.54 -2.76 5.78
C ALA A 54 14.85 -3.56 4.51
N GLN A 55 14.00 -3.46 3.53
CA GLN A 55 14.24 -4.21 2.26
C GLN A 55 14.67 -3.25 1.15
N GLY A 56 14.20 -2.04 1.19
CA GLY A 56 14.58 -1.05 0.14
C GLY A 56 13.34 -0.47 -0.51
N TYR A 57 12.22 -0.50 0.17
CA TYR A 57 10.98 0.06 -0.44
C TYR A 57 10.76 1.51 0.04
N ASP A 58 10.62 2.43 -0.87
CA ASP A 58 10.41 3.84 -0.46
C ASP A 58 8.90 4.15 -0.44
N TRP A 59 8.50 5.13 0.31
CA TRP A 59 7.04 5.46 0.37
C TRP A 59 6.84 6.98 0.32
N PRO A 60 5.63 7.35 0.00
CA PRO A 60 5.27 8.78 -0.11
C PRO A 60 5.18 9.43 1.29
N PHE A 61 4.95 10.72 1.34
CA PHE A 61 4.84 11.41 2.65
C PHE A 61 6.20 11.43 3.36
N SER A 62 6.35 12.24 4.36
CA SER A 62 7.65 12.29 5.09
C SER A 62 7.81 11.07 5.98
N CYS A 63 7.70 9.89 5.41
CA CYS A 63 7.85 8.65 6.24
C CYS A 63 9.22 8.62 6.91
N ARG A 64 9.60 7.50 7.46
CA ARG A 64 10.93 7.40 8.13
C ARG A 64 11.03 8.41 9.28
N ALA A 65 11.77 8.08 10.31
CA ALA A 65 11.91 9.01 11.47
C ALA A 65 10.54 9.58 11.86
N GLY A 66 9.84 8.92 12.74
CA GLY A 66 8.50 9.42 13.15
C GLY A 66 7.41 8.52 12.58
N ALA A 67 6.21 9.03 12.47
CA ALA A 67 5.10 8.21 11.91
C ALA A 67 4.38 8.97 10.80
N CYS A 68 3.61 8.29 10.00
CA CYS A 68 2.88 8.97 8.89
C CYS A 68 1.50 9.43 9.36
N ALA A 69 1.17 10.67 9.16
CA ALA A 69 -0.16 11.18 9.60
C ALA A 69 -1.22 10.79 8.56
N ASN A 70 -0.81 10.43 7.38
CA ASN A 70 -1.78 10.04 6.33
C ASN A 70 -1.08 9.24 5.23
N CYS A 71 -0.56 8.10 5.55
CA CYS A 71 0.14 7.26 4.53
C CYS A 71 -0.68 7.22 3.23
N ALA A 72 -0.08 6.79 2.16
CA ALA A 72 -0.83 6.71 0.87
C ALA A 72 -0.78 5.30 0.28
N SER A 73 -1.72 4.47 0.63
CA SER A 73 -1.75 3.09 0.09
C SER A 73 -3.19 2.67 -0.19
N ILE A 74 -3.39 1.53 -0.83
CA ILE A 74 -4.80 1.10 -1.11
C ILE A 74 -4.90 -0.43 -1.05
N VAL A 75 -5.15 -0.96 0.11
CA VAL A 75 -5.28 -2.45 0.22
C VAL A 75 -6.30 -2.96 -0.80
N LYS A 76 -5.89 -3.78 -1.72
CA LYS A 76 -6.84 -4.29 -2.74
C LYS A 76 -7.52 -5.57 -2.25
N GLU A 77 -7.04 -6.14 -1.18
CA GLU A 77 -7.67 -7.39 -0.66
C GLU A 77 -6.94 -7.84 0.61
N GLY A 78 -7.66 -8.41 1.53
CA GLY A 78 -7.02 -8.87 2.79
C GLY A 78 -7.44 -7.95 3.94
N GLU A 79 -7.18 -8.34 5.16
CA GLU A 79 -7.57 -7.49 6.31
C GLU A 79 -6.32 -6.95 7.01
N ILE A 80 -6.24 -5.66 7.20
CA ILE A 80 -5.04 -5.08 7.88
C ILE A 80 -5.39 -4.67 9.31
N ASP A 81 -4.40 -4.51 10.15
CA ASP A 81 -4.68 -4.11 11.56
C ASP A 81 -3.78 -2.93 11.96
N MET A 82 -4.34 -1.95 12.61
CA MET A 82 -3.52 -0.78 13.02
C MET A 82 -3.99 -0.26 14.39
N ASP A 83 -3.07 0.16 15.22
CA ASP A 83 -3.47 0.67 16.56
C ASP A 83 -4.37 1.91 16.41
N MET A 84 -5.03 2.30 17.47
CA MET A 84 -5.91 3.50 17.38
C MET A 84 -5.06 4.76 17.17
N GLN A 85 -5.56 5.70 16.42
CA GLN A 85 -4.79 6.96 16.18
C GLN A 85 -5.63 7.95 15.38
N GLN A 86 -5.54 9.22 15.70
CA GLN A 86 -6.32 10.24 14.96
C GLN A 86 -7.76 9.75 14.75
N ILE A 87 -8.51 10.42 13.92
CA ILE A 87 -9.92 10.00 13.67
C ILE A 87 -9.95 8.69 12.90
N LEU A 88 -9.83 8.74 11.60
CA LEU A 88 -9.85 7.48 10.80
C LEU A 88 -11.22 6.81 10.91
N SER A 89 -11.49 5.85 10.07
CA SER A 89 -12.80 5.14 10.12
C SER A 89 -12.78 3.90 9.22
N ASP A 90 -13.46 2.86 9.61
CA ASP A 90 -13.48 1.63 8.77
C ASP A 90 -13.89 1.98 7.34
N GLU A 91 -14.84 2.84 7.18
CA GLU A 91 -15.29 3.22 5.81
C GLU A 91 -14.09 3.71 5.00
N GLU A 92 -13.05 4.13 5.66
CA GLU A 92 -11.84 4.62 4.93
C GLU A 92 -11.10 3.44 4.30
N VAL A 93 -10.92 2.38 5.04
CA VAL A 93 -10.21 1.20 4.48
C VAL A 93 -11.15 0.40 3.57
N GLU A 94 -12.43 0.58 3.75
CA GLU A 94 -13.41 -0.17 2.91
C GLU A 94 -13.67 0.59 1.61
N GLU A 95 -13.76 1.89 1.68
CA GLU A 95 -14.01 2.69 0.45
C GLU A 95 -12.70 3.21 -0.15
N LYS A 96 -11.77 3.61 0.69
CA LYS A 96 -10.48 4.13 0.18
C LYS A 96 -9.41 3.03 0.21
N ASP A 97 -9.58 2.05 1.06
CA ASP A 97 -8.57 0.94 1.13
C ASP A 97 -7.22 1.50 1.59
N VAL A 98 -7.21 2.69 2.13
CA VAL A 98 -5.92 3.27 2.60
C VAL A 98 -5.59 2.83 4.02
N ARG A 99 -4.35 2.92 4.41
CA ARG A 99 -3.97 2.50 5.79
C ARG A 99 -2.84 3.39 6.31
N LEU A 100 -2.31 3.08 7.46
CA LEU A 100 -1.20 3.91 8.02
C LEU A 100 0.07 3.06 8.15
N THR A 101 1.18 3.67 8.48
CA THR A 101 2.45 2.89 8.61
C THR A 101 2.57 1.90 7.45
N CYS A 102 2.04 2.26 6.31
CA CYS A 102 2.11 1.34 5.13
C CYS A 102 1.64 -0.05 5.56
N ILE A 103 0.37 -0.18 5.86
CA ILE A 103 -0.16 -1.50 6.31
C ILE A 103 0.46 -1.87 7.66
N GLY A 104 0.07 -1.18 8.70
CA GLY A 104 0.63 -1.46 10.06
C GLY A 104 0.89 -2.96 10.24
N SER A 105 -0.06 -3.69 10.78
CA SER A 105 0.15 -5.14 10.97
C SER A 105 -0.87 -5.94 10.15
N PRO A 106 -0.37 -6.90 9.42
CA PRO A 106 -1.24 -7.76 8.57
C PRO A 106 -2.00 -8.77 9.44
N ALA A 107 -3.30 -8.78 9.35
CA ALA A 107 -4.09 -9.74 10.17
C ALA A 107 -4.37 -11.02 9.36
N ALA A 108 -4.61 -10.88 8.09
CA ALA A 108 -4.88 -12.07 7.24
C ALA A 108 -3.58 -12.61 6.66
N ASP A 109 -3.54 -13.87 6.31
CA ASP A 109 -2.30 -14.45 5.74
C ASP A 109 -1.87 -13.66 4.50
N GLU A 110 -2.60 -13.77 3.43
CA GLU A 110 -2.23 -13.03 2.18
C GLU A 110 -3.03 -11.74 2.08
N VAL A 111 -2.40 -10.66 1.70
CA VAL A 111 -3.14 -9.37 1.57
C VAL A 111 -2.60 -8.56 0.39
N LYS A 112 -3.46 -7.89 -0.32
CA LYS A 112 -3.00 -7.08 -1.49
C LYS A 112 -3.21 -5.59 -1.23
N ILE A 113 -2.32 -4.77 -1.72
CA ILE A 113 -2.44 -3.30 -1.50
C ILE A 113 -1.62 -2.54 -2.55
N VAL A 114 -2.00 -1.33 -2.84
CA VAL A 114 -1.26 -0.54 -3.85
C VAL A 114 -0.24 0.38 -3.15
N TYR A 115 1.00 0.35 -3.58
CA TYR A 115 2.03 1.21 -2.95
C TYR A 115 2.28 2.45 -3.84
N ASN A 116 2.68 3.55 -3.24
CA ASN A 116 2.92 4.79 -4.05
C ASN A 116 1.58 5.41 -4.48
N ALA A 117 0.67 5.54 -3.56
CA ALA A 117 -0.66 6.12 -3.92
C ALA A 117 -0.51 7.62 -4.19
N LYS A 118 0.61 8.19 -3.84
CA LYS A 118 0.81 9.65 -4.10
C LYS A 118 0.61 9.97 -5.57
N HIS A 119 0.69 8.98 -6.43
CA HIS A 119 0.51 9.23 -7.88
C HIS A 119 -0.95 9.56 -8.18
N LEU A 120 -1.86 9.03 -7.41
CA LEU A 120 -3.30 9.33 -7.65
C LEU A 120 -3.52 10.82 -7.86
N ASP A 121 -4.03 11.20 -8.99
CA ASP A 121 -4.26 12.66 -9.26
C ASP A 121 -5.31 13.22 -8.30
N TYR A 122 -6.11 12.37 -7.72
CA TYR A 122 -7.15 12.86 -6.77
C TYR A 122 -6.53 13.15 -5.40
N LEU A 123 -5.33 12.72 -5.18
CA LEU A 123 -4.67 12.97 -3.87
C LEU A 123 -3.34 13.71 -4.07
N GLN A 124 -2.66 13.45 -5.15
CA GLN A 124 -1.36 14.15 -5.40
C GLN A 124 -1.54 15.67 -5.24
N ASN A 125 -2.73 16.16 -5.44
CA ASN A 125 -2.97 17.62 -5.29
C ASN A 125 -2.83 18.05 -3.83
N ARG A 126 -3.10 17.15 -2.92
CA ARG A 126 -2.99 17.51 -1.47
C ARG A 126 -1.55 17.91 -1.15
N VAL A 127 -0.61 17.54 -1.96
CA VAL A 127 0.80 17.92 -1.70
C VAL A 127 1.00 19.42 -1.88
N ILE A 128 0.37 19.99 -2.87
CA ILE A 128 0.53 21.46 -3.09
C ILE A 128 2.01 21.83 -3.21
N PRO A 1 0.76 -14.58 6.54
CA PRO A 1 0.90 -13.10 6.60
C PRO A 1 1.67 -12.58 5.38
N THR A 2 1.12 -12.74 4.20
CA THR A 2 1.83 -12.26 2.98
C THR A 2 1.10 -11.04 2.39
N VAL A 3 1.84 -10.08 1.92
CA VAL A 3 1.19 -8.87 1.33
C VAL A 3 1.66 -8.67 -0.11
N GLU A 4 0.99 -7.83 -0.86
CA GLU A 4 1.40 -7.60 -2.27
C GLU A 4 1.32 -6.10 -2.61
N TYR A 5 2.45 -5.45 -2.73
CA TYR A 5 2.42 -4.00 -3.04
C TYR A 5 2.51 -3.79 -4.56
N LEU A 6 1.72 -2.89 -5.09
CA LEU A 6 1.75 -2.64 -6.56
C LEU A 6 1.84 -1.15 -6.86
N ASN A 7 2.93 -0.71 -7.42
CA ASN A 7 3.07 0.74 -7.74
C ASN A 7 1.84 1.21 -8.54
N TYR A 8 1.04 2.06 -7.97
CA TYR A 8 -0.18 2.54 -8.70
C TYR A 8 0.22 3.17 -10.04
N GLU A 9 1.46 3.57 -10.18
CA GLU A 9 1.89 4.18 -11.47
C GLU A 9 1.69 3.17 -12.61
N THR A 10 2.07 1.95 -12.39
CA THR A 10 1.91 0.91 -13.45
C THR A 10 0.41 0.72 -13.73
N LEU A 11 -0.41 0.83 -12.72
CA LEU A 11 -1.87 0.66 -12.93
C LEU A 11 -2.39 1.75 -13.87
N ASP A 12 -1.96 2.97 -13.66
CA ASP A 12 -2.41 4.09 -14.54
C ASP A 12 -1.61 4.09 -15.85
N ASP A 13 -0.30 4.02 -15.76
CA ASP A 13 0.53 4.01 -16.99
C ASP A 13 0.00 2.97 -17.98
N GLN A 14 -0.29 1.79 -17.50
CA GLN A 14 -0.82 0.73 -18.41
C GLN A 14 -2.34 0.81 -18.49
N GLY A 15 -2.96 1.53 -17.58
CA GLY A 15 -4.44 1.64 -17.61
C GLY A 15 -5.07 0.28 -17.32
N TRP A 16 -4.50 -0.47 -16.42
CA TRP A 16 -5.06 -1.82 -16.10
C TRP A 16 -6.18 -1.69 -15.06
N ASP A 17 -6.64 -2.78 -14.53
CA ASP A 17 -7.73 -2.72 -13.52
C ASP A 17 -7.18 -2.92 -12.11
N MET A 18 -8.03 -2.89 -11.12
CA MET A 18 -7.54 -3.06 -9.72
C MET A 18 -7.32 -4.55 -9.41
N ASP A 19 -8.32 -5.37 -9.63
CA ASP A 19 -8.16 -6.82 -9.34
C ASP A 19 -8.64 -7.66 -10.52
N ASP A 20 -9.14 -7.04 -11.55
CA ASP A 20 -9.61 -7.82 -12.74
C ASP A 20 -8.42 -8.32 -13.56
N ASP A 21 -7.54 -7.43 -13.91
CA ASP A 21 -6.35 -7.84 -14.72
C ASP A 21 -5.37 -8.64 -13.84
N ASP A 22 -5.68 -8.80 -12.59
CA ASP A 22 -4.76 -9.55 -11.69
C ASP A 22 -3.33 -9.04 -11.83
N LEU A 23 -3.14 -7.76 -11.74
CA LEU A 23 -1.77 -7.20 -11.86
C LEU A 23 -0.83 -7.92 -10.90
N PHE A 24 -1.30 -8.22 -9.71
CA PHE A 24 -0.44 -8.92 -8.72
C PHE A 24 0.03 -10.27 -9.29
N GLU A 25 -0.60 -10.73 -10.34
CA GLU A 25 -0.18 -12.03 -10.94
C GLU A 25 0.41 -11.80 -12.33
N LYS A 26 -0.16 -10.88 -13.08
CA LYS A 26 0.37 -10.62 -14.45
C LYS A 26 1.67 -9.83 -14.35
N ALA A 27 1.82 -9.03 -13.32
CA ALA A 27 3.08 -8.23 -13.18
C ALA A 27 4.28 -9.16 -12.98
N ALA A 28 4.03 -10.42 -12.74
CA ALA A 28 5.15 -11.38 -12.54
C ALA A 28 5.67 -11.87 -13.90
N ASP A 29 4.89 -11.71 -14.93
CA ASP A 29 5.34 -12.16 -16.28
C ASP A 29 6.05 -11.02 -17.01
N ALA A 30 5.95 -9.82 -16.49
CA ALA A 30 6.62 -8.67 -17.16
C ALA A 30 8.02 -8.44 -16.58
N GLY A 31 8.18 -8.68 -15.31
CA GLY A 31 9.51 -8.48 -14.68
C GLY A 31 9.69 -7.00 -14.34
N LEU A 32 8.82 -6.43 -13.57
CA LEU A 32 8.95 -4.99 -13.22
C LEU A 32 9.95 -4.82 -12.07
N ASP A 33 10.23 -3.61 -11.68
CA ASP A 33 11.20 -3.38 -10.57
C ASP A 33 10.54 -3.70 -9.23
N GLY A 34 11.21 -4.44 -8.39
CA GLY A 34 10.63 -4.79 -7.06
C GLY A 34 10.21 -3.52 -6.33
N GLU A 35 10.80 -2.41 -6.66
CA GLU A 35 10.44 -1.13 -5.98
C GLU A 35 9.02 -0.71 -6.37
N ASP A 36 8.41 -1.39 -7.31
CA ASP A 36 7.04 -1.01 -7.74
C ASP A 36 6.06 -2.16 -7.48
N TYR A 37 6.45 -3.37 -7.81
CA TYR A 37 5.52 -4.53 -7.59
C TYR A 37 6.26 -5.69 -6.94
N GLY A 38 5.62 -6.39 -6.04
CA GLY A 38 6.30 -7.55 -5.37
C GLY A 38 5.45 -8.00 -4.18
N THR A 39 5.66 -9.20 -3.71
CA THR A 39 4.88 -9.70 -2.56
C THR A 39 5.55 -9.31 -1.24
N MET A 40 4.90 -8.50 -0.45
CA MET A 40 5.52 -8.09 0.85
C MET A 40 5.31 -9.18 1.90
N GLU A 41 6.01 -10.27 1.78
CA GLU A 41 5.86 -11.37 2.78
C GLU A 41 6.51 -10.98 4.11
N VAL A 42 5.72 -10.85 5.14
CA VAL A 42 6.29 -10.48 6.47
C VAL A 42 5.72 -11.39 7.56
N ALA A 43 6.38 -11.47 8.69
CA ALA A 43 5.86 -12.33 9.78
C ALA A 43 4.74 -11.63 10.53
N GLU A 44 3.66 -12.32 10.81
CA GLU A 44 2.53 -11.68 11.53
C GLU A 44 3.05 -10.83 12.69
N GLY A 45 2.88 -9.54 12.63
CA GLY A 45 3.38 -8.66 13.71
C GLY A 45 4.52 -7.79 13.17
N GLU A 46 4.76 -7.84 11.90
CA GLU A 46 5.85 -7.01 11.31
C GLU A 46 5.29 -5.71 10.76
N TYR A 47 5.89 -4.60 11.09
CA TYR A 47 5.39 -3.29 10.59
C TYR A 47 5.54 -3.22 9.06
N ILE A 48 4.44 -3.09 8.37
CA ILE A 48 4.52 -3.02 6.88
C ILE A 48 5.69 -2.14 6.43
N LEU A 49 5.53 -0.85 6.49
CA LEU A 49 6.64 0.06 6.06
C LEU A 49 7.98 -0.48 6.58
N GLU A 50 8.00 -1.06 7.73
CA GLU A 50 9.28 -1.60 8.28
C GLU A 50 9.73 -2.81 7.44
N ALA A 51 8.85 -3.75 7.21
CA ALA A 51 9.22 -4.93 6.41
C ALA A 51 9.40 -4.53 4.94
N ALA A 52 8.62 -3.59 4.49
CA ALA A 52 8.73 -3.13 3.07
C ALA A 52 9.94 -2.20 2.93
N GLU A 53 10.30 -1.52 3.97
CA GLU A 53 11.48 -0.60 3.90
C GLU A 53 12.76 -1.42 3.80
N ALA A 54 12.79 -2.54 4.45
CA ALA A 54 14.02 -3.41 4.39
C ALA A 54 14.13 -4.05 3.00
N GLN A 55 13.11 -3.93 2.20
CA GLN A 55 13.15 -4.54 0.84
C GLN A 55 13.48 -3.47 -0.20
N GLY A 56 13.08 -2.25 0.04
CA GLY A 56 13.36 -1.16 -0.94
C GLY A 56 12.04 -0.54 -1.40
N TYR A 57 11.03 -0.56 -0.57
CA TYR A 57 9.73 0.04 -0.97
C TYR A 57 9.56 1.43 -0.34
N ASP A 58 9.77 2.46 -1.12
CA ASP A 58 9.63 3.84 -0.57
C ASP A 58 8.16 4.27 -0.57
N TRP A 59 7.81 5.21 0.26
CA TRP A 59 6.39 5.68 0.31
C TRP A 59 6.34 7.20 0.42
N PRO A 60 5.27 7.76 -0.05
CA PRO A 60 5.08 9.23 -0.03
C PRO A 60 4.63 9.70 1.35
N PHE A 61 4.58 10.99 1.55
CA PHE A 61 4.15 11.53 2.88
C PHE A 61 4.85 10.78 4.00
N SER A 62 6.15 10.97 4.15
CA SER A 62 6.89 10.27 5.22
C SER A 62 6.54 10.86 6.59
N CYS A 63 5.93 12.03 6.59
CA CYS A 63 5.53 12.69 7.87
C CYS A 63 6.54 12.38 8.99
N ARG A 64 6.09 12.30 10.21
CA ARG A 64 7.02 12.00 11.33
C ARG A 64 6.24 11.63 12.59
N ALA A 65 5.34 10.68 12.48
CA ALA A 65 4.55 10.28 13.67
C ALA A 65 3.86 11.50 14.29
N GLY A 66 3.14 12.24 13.48
CA GLY A 66 2.43 13.45 14.02
C GLY A 66 1.14 13.67 13.24
N ALA A 67 0.99 14.81 12.63
CA ALA A 67 -0.26 15.09 11.86
C ALA A 67 -0.38 14.10 10.69
N CYS A 68 -0.88 12.93 10.95
CA CYS A 68 -1.02 11.93 9.85
C CYS A 68 -2.18 10.98 10.12
N ALA A 69 -3.22 11.07 9.33
CA ALA A 69 -4.39 10.17 9.54
C ALA A 69 -4.37 9.06 8.48
N ASN A 70 -3.70 9.29 7.38
CA ASN A 70 -3.62 8.26 6.31
C ASN A 70 -2.22 8.25 5.69
N CYS A 71 -1.62 7.09 5.58
CA CYS A 71 -0.25 7.02 4.99
C CYS A 71 -0.32 7.21 3.48
N ALA A 72 -0.33 6.14 2.72
CA ALA A 72 -0.39 6.29 1.24
C ALA A 72 -0.43 4.91 0.57
N SER A 73 -1.08 3.96 1.17
CA SER A 73 -1.16 2.61 0.56
C SER A 73 -2.61 2.27 0.20
N ILE A 74 -2.87 1.94 -1.03
CA ILE A 74 -4.26 1.60 -1.44
C ILE A 74 -4.50 0.10 -1.29
N VAL A 75 -4.98 -0.32 -0.14
CA VAL A 75 -5.23 -1.77 0.08
C VAL A 75 -6.19 -2.32 -0.98
N LYS A 76 -5.78 -3.31 -1.72
CA LYS A 76 -6.68 -3.90 -2.76
C LYS A 76 -7.48 -5.07 -2.17
N GLU A 77 -7.11 -5.50 -0.99
CA GLU A 77 -7.85 -6.64 -0.35
C GLU A 77 -7.19 -7.00 0.98
N GLY A 78 -7.90 -7.66 1.85
CA GLY A 78 -7.31 -8.04 3.17
C GLY A 78 -7.47 -6.87 4.15
N GLU A 79 -6.74 -6.89 5.23
CA GLU A 79 -6.84 -5.79 6.22
C GLU A 79 -5.61 -5.77 7.14
N ILE A 80 -5.28 -4.63 7.67
CA ILE A 80 -4.09 -4.54 8.58
C ILE A 80 -4.54 -4.09 9.97
N ASP A 81 -4.10 -4.76 10.99
CA ASP A 81 -4.51 -4.36 12.38
C ASP A 81 -3.64 -3.20 12.87
N MET A 82 -4.21 -2.31 13.63
CA MET A 82 -3.43 -1.15 14.14
C MET A 82 -3.36 -1.20 15.68
N ASP A 83 -2.86 -0.15 16.28
CA ASP A 83 -2.77 -0.13 17.77
C ASP A 83 -4.04 0.47 18.37
N MET A 84 -4.09 0.60 19.66
CA MET A 84 -5.30 1.18 20.31
C MET A 84 -5.45 2.65 19.91
N GLN A 85 -6.19 2.93 18.88
CA GLN A 85 -6.37 4.35 18.44
C GLN A 85 -7.61 4.48 17.56
N GLN A 86 -7.91 5.67 17.13
CA GLN A 86 -9.12 5.87 16.27
C GLN A 86 -8.98 7.18 15.48
N ILE A 87 -8.49 7.12 14.27
CA ILE A 87 -8.33 8.36 13.47
C ILE A 87 -8.96 8.19 12.09
N LEU A 88 -8.37 7.37 11.26
CA LEU A 88 -8.93 7.14 9.89
C LEU A 88 -10.35 6.59 9.97
N SER A 89 -11.14 6.80 8.95
CA SER A 89 -12.54 6.28 8.97
C SER A 89 -12.66 5.09 8.02
N ASP A 90 -13.41 4.08 8.41
CA ASP A 90 -13.56 2.89 7.53
C ASP A 90 -13.87 3.30 6.09
N GLU A 91 -14.58 4.39 5.92
CA GLU A 91 -14.90 4.85 4.54
C GLU A 91 -13.62 5.09 3.75
N GLU A 92 -12.60 5.57 4.39
CA GLU A 92 -11.32 5.82 3.67
C GLU A 92 -10.65 4.50 3.28
N VAL A 93 -10.82 3.50 4.09
CA VAL A 93 -10.19 2.18 3.76
C VAL A 93 -11.04 1.42 2.74
N GLU A 94 -12.32 1.68 2.71
CA GLU A 94 -13.21 0.98 1.73
C GLU A 94 -13.34 1.80 0.44
N GLU A 95 -13.40 3.10 0.56
CA GLU A 95 -13.53 3.95 -0.65
C GLU A 95 -12.15 4.39 -1.15
N LYS A 96 -11.31 4.85 -0.27
CA LYS A 96 -9.95 5.29 -0.69
C LYS A 96 -8.96 4.14 -0.59
N ASP A 97 -9.34 3.07 0.05
CA ASP A 97 -8.43 1.90 0.18
C ASP A 97 -7.12 2.30 0.88
N VAL A 98 -7.12 3.41 1.56
CA VAL A 98 -5.87 3.84 2.25
C VAL A 98 -5.69 3.05 3.55
N ARG A 99 -4.47 2.89 4.01
CA ARG A 99 -4.25 2.12 5.26
C ARG A 99 -2.94 2.54 5.94
N LEU A 100 -2.79 2.21 7.19
CA LEU A 100 -1.53 2.58 7.91
C LEU A 100 -0.44 1.55 7.61
N THR A 101 0.71 2.01 7.19
CA THR A 101 1.82 1.05 6.89
C THR A 101 3.06 1.40 7.70
N CYS A 102 3.13 2.60 8.20
CA CYS A 102 4.33 2.99 9.01
C CYS A 102 4.36 2.22 10.33
N ILE A 103 3.24 2.08 10.96
CA ILE A 103 3.19 1.33 12.25
C ILE A 103 1.99 0.39 12.29
N GLY A 104 1.61 -0.14 11.16
CA GLY A 104 0.44 -1.06 11.13
C GLY A 104 0.92 -2.49 10.83
N SER A 105 0.06 -3.46 10.96
CA SER A 105 0.47 -4.86 10.68
C SER A 105 -0.66 -5.62 9.96
N PRO A 106 -0.28 -6.46 9.05
CA PRO A 106 -1.26 -7.25 8.28
C PRO A 106 -1.87 -8.35 9.16
N ALA A 107 -3.16 -8.51 9.14
CA ALA A 107 -3.80 -9.55 9.98
C ALA A 107 -4.30 -10.70 9.08
N ALA A 108 -4.80 -10.38 7.93
CA ALA A 108 -5.31 -11.45 7.02
C ALA A 108 -4.14 -12.15 6.32
N ASP A 109 -4.24 -13.44 6.12
CA ASP A 109 -3.13 -14.18 5.44
C ASP A 109 -2.70 -13.45 4.17
N GLU A 110 -3.62 -13.19 3.28
CA GLU A 110 -3.27 -12.49 2.02
C GLU A 110 -3.77 -11.04 2.05
N VAL A 111 -2.87 -10.09 1.96
CA VAL A 111 -3.29 -8.66 1.98
C VAL A 111 -2.73 -7.93 0.76
N LYS A 112 -3.58 -7.46 -0.11
CA LYS A 112 -3.08 -6.74 -1.31
C LYS A 112 -3.23 -5.23 -1.13
N ILE A 113 -2.29 -4.47 -1.61
CA ILE A 113 -2.37 -2.98 -1.46
C ILE A 113 -1.46 -2.30 -2.49
N VAL A 114 -1.78 -1.09 -2.87
CA VAL A 114 -0.92 -0.38 -3.86
C VAL A 114 -0.10 0.69 -3.13
N TYR A 115 1.02 1.08 -3.68
CA TYR A 115 1.85 2.12 -3.00
C TYR A 115 1.97 3.36 -3.89
N ASN A 116 2.68 4.37 -3.43
CA ASN A 116 2.83 5.62 -4.23
C ASN A 116 1.50 6.39 -4.26
N ALA A 117 0.67 6.18 -3.28
CA ALA A 117 -0.65 6.89 -3.25
C ALA A 117 -0.49 8.36 -3.69
N LYS A 118 0.69 8.91 -3.51
CA LYS A 118 0.90 10.33 -3.93
C LYS A 118 0.26 10.59 -5.29
N HIS A 119 0.10 9.58 -6.10
CA HIS A 119 -0.52 9.78 -7.43
C HIS A 119 -1.97 10.25 -7.28
N LEU A 120 -2.58 9.94 -6.16
CA LEU A 120 -4.00 10.35 -5.95
C LEU A 120 -4.12 11.88 -6.01
N ASP A 121 -4.93 12.39 -6.89
CA ASP A 121 -5.08 13.87 -7.00
C ASP A 121 -5.31 14.47 -5.61
N TYR A 122 -5.85 13.71 -4.70
CA TYR A 122 -6.09 14.24 -3.33
C TYR A 122 -4.76 14.47 -2.61
N LEU A 123 -3.81 13.60 -2.81
CA LEU A 123 -2.48 13.76 -2.14
C LEU A 123 -1.63 14.77 -2.91
N GLN A 124 -1.73 14.77 -4.22
CA GLN A 124 -0.92 15.73 -5.03
C GLN A 124 -1.30 17.17 -4.66
N ASN A 125 -2.51 17.38 -4.23
CA ASN A 125 -2.94 18.76 -3.86
C ASN A 125 -2.02 19.34 -2.79
N ARG A 126 -1.28 18.50 -2.11
CA ARG A 126 -0.35 19.02 -1.05
C ARG A 126 1.08 19.08 -1.59
N VAL A 127 1.40 18.25 -2.54
CA VAL A 127 2.78 18.26 -3.10
C VAL A 127 3.05 19.62 -3.77
N ILE A 128 4.26 20.10 -3.66
CA ILE A 128 4.59 21.41 -4.29
C ILE A 128 4.76 21.26 -5.81
N PRO A 1 2.87 -13.81 8.00
CA PRO A 1 1.87 -13.36 7.00
C PRO A 1 2.57 -12.79 5.76
N THR A 2 1.98 -12.96 4.60
CA THR A 2 2.61 -12.42 3.37
C THR A 2 1.71 -11.37 2.73
N VAL A 3 2.28 -10.27 2.31
CA VAL A 3 1.45 -9.20 1.68
C VAL A 3 1.90 -8.96 0.23
N GLU A 4 1.18 -8.17 -0.50
CA GLU A 4 1.57 -7.92 -1.92
C GLU A 4 1.52 -6.42 -2.21
N TYR A 5 2.63 -5.83 -2.58
CA TYR A 5 2.63 -4.37 -2.89
C TYR A 5 2.64 -4.15 -4.40
N LEU A 6 1.87 -3.21 -4.88
CA LEU A 6 1.83 -2.96 -6.35
C LEU A 6 1.94 -1.45 -6.62
N ASN A 7 2.96 -1.04 -7.35
CA ASN A 7 3.13 0.41 -7.65
C ASN A 7 1.89 0.95 -8.36
N TYR A 8 1.17 1.83 -7.72
CA TYR A 8 -0.04 2.39 -8.39
C TYR A 8 0.37 3.10 -9.68
N GLU A 9 1.53 3.70 -9.70
CA GLU A 9 1.99 4.41 -10.93
C GLU A 9 2.13 3.42 -12.08
N THR A 10 2.58 2.21 -11.80
CA THR A 10 2.72 1.21 -12.89
C THR A 10 1.36 0.90 -13.51
N LEU A 11 0.31 0.99 -12.74
CA LEU A 11 -1.05 0.71 -13.29
C LEU A 11 -1.42 1.81 -14.28
N ASP A 12 -1.26 3.05 -13.90
CA ASP A 12 -1.61 4.16 -14.84
C ASP A 12 -0.61 4.18 -16.00
N ASP A 13 0.64 3.92 -15.71
CA ASP A 13 1.66 3.92 -16.80
C ASP A 13 1.39 2.76 -17.76
N GLN A 14 1.14 1.59 -17.25
CA GLN A 14 0.87 0.42 -18.13
C GLN A 14 -0.46 0.63 -18.87
N GLY A 15 -1.39 1.32 -18.24
CA GLY A 15 -2.70 1.55 -18.91
C GLY A 15 -3.68 0.43 -18.54
N TRP A 16 -3.52 -0.15 -17.38
CA TRP A 16 -4.45 -1.25 -16.98
C TRP A 16 -5.53 -0.72 -16.03
N ASP A 17 -6.48 -1.54 -15.70
CA ASP A 17 -7.57 -1.08 -14.78
C ASP A 17 -7.23 -1.41 -13.33
N MET A 18 -8.15 -1.21 -12.43
CA MET A 18 -7.87 -1.51 -10.99
C MET A 18 -7.98 -3.02 -10.75
N ASP A 19 -9.08 -3.61 -11.12
CA ASP A 19 -9.23 -5.08 -10.90
C ASP A 19 -9.45 -5.80 -12.23
N ASP A 20 -9.65 -5.06 -13.29
CA ASP A 20 -9.86 -5.69 -14.62
C ASP A 20 -8.56 -6.35 -15.12
N ASP A 21 -7.48 -5.63 -15.08
CA ASP A 21 -6.19 -6.20 -15.56
C ASP A 21 -5.58 -7.12 -14.50
N ASP A 22 -6.15 -7.15 -13.33
CA ASP A 22 -5.60 -8.02 -12.26
C ASP A 22 -4.08 -7.80 -12.13
N LEU A 23 -3.68 -6.58 -11.99
CA LEU A 23 -2.21 -6.28 -11.87
C LEU A 23 -1.56 -7.19 -10.82
N PHE A 24 -2.13 -7.30 -9.66
CA PHE A 24 -1.55 -8.17 -8.61
C PHE A 24 -1.33 -9.58 -9.15
N GLU A 25 -2.02 -9.92 -10.20
CA GLU A 25 -1.85 -11.29 -10.79
C GLU A 25 -1.08 -11.22 -12.11
N LYS A 26 -1.52 -10.41 -13.02
CA LYS A 26 -0.80 -10.30 -14.33
C LYS A 26 0.61 -9.75 -14.13
N ALA A 27 0.77 -8.85 -13.19
CA ALA A 27 2.12 -8.27 -12.94
C ALA A 27 3.10 -9.39 -12.54
N ALA A 28 2.63 -10.38 -11.84
CA ALA A 28 3.53 -11.49 -11.43
C ALA A 28 4.00 -12.27 -12.65
N ASP A 29 3.21 -12.27 -13.70
CA ASP A 29 3.60 -13.02 -14.93
C ASP A 29 4.10 -12.04 -16.00
N ALA A 30 4.36 -10.82 -15.64
CA ALA A 30 4.85 -9.83 -16.63
C ALA A 30 6.31 -9.47 -16.38
N GLY A 31 6.72 -9.46 -15.14
CA GLY A 31 8.13 -9.12 -14.83
C GLY A 31 8.23 -7.64 -14.45
N LEU A 32 7.67 -7.27 -13.34
CA LEU A 32 7.74 -5.84 -12.91
C LEU A 32 8.89 -5.63 -11.93
N ASP A 33 9.20 -4.40 -11.61
CA ASP A 33 10.31 -4.13 -10.67
C ASP A 33 9.91 -4.54 -9.25
N GLY A 34 10.87 -4.67 -8.36
CA GLY A 34 10.55 -5.06 -6.97
C GLY A 34 10.17 -3.82 -6.16
N GLU A 35 10.75 -2.70 -6.47
CA GLU A 35 10.42 -1.44 -5.72
C GLU A 35 9.01 -0.98 -6.09
N ASP A 36 8.38 -1.64 -7.03
CA ASP A 36 7.01 -1.23 -7.44
C ASP A 36 6.02 -2.36 -7.19
N TYR A 37 6.31 -3.54 -7.66
CA TYR A 37 5.37 -4.69 -7.44
C TYR A 37 6.13 -5.91 -6.95
N GLY A 38 5.47 -6.76 -6.21
CA GLY A 38 6.15 -7.99 -5.70
C GLY A 38 5.50 -8.41 -4.38
N THR A 39 5.75 -9.61 -3.94
CA THR A 39 5.14 -10.09 -2.66
C THR A 39 5.93 -9.53 -1.47
N MET A 40 5.25 -8.96 -0.51
CA MET A 40 5.98 -8.41 0.66
C MET A 40 5.92 -9.38 1.84
N GLU A 41 7.03 -9.97 2.20
CA GLU A 41 7.04 -10.94 3.33
C GLU A 41 7.12 -10.18 4.65
N VAL A 42 6.09 -10.24 5.46
CA VAL A 42 6.12 -9.52 6.77
C VAL A 42 5.93 -10.51 7.92
N ALA A 43 6.99 -10.81 8.63
CA ALA A 43 6.87 -11.76 9.76
C ALA A 43 5.94 -11.18 10.84
N GLU A 44 5.19 -12.02 11.51
CA GLU A 44 4.27 -11.52 12.56
C GLU A 44 5.04 -10.68 13.59
N GLY A 45 4.70 -9.42 13.71
CA GLY A 45 5.41 -8.55 14.68
C GLY A 45 6.22 -7.50 13.93
N GLU A 46 6.21 -7.55 12.62
CA GLU A 46 6.98 -6.54 11.83
C GLU A 46 6.03 -5.58 11.12
N TYR A 47 6.27 -4.30 11.23
CA TYR A 47 5.37 -3.32 10.56
C TYR A 47 5.58 -3.38 9.05
N ILE A 48 4.52 -3.29 8.28
CA ILE A 48 4.66 -3.35 6.80
C ILE A 48 5.82 -2.46 6.34
N LEU A 49 5.71 -1.17 6.50
CA LEU A 49 6.82 -0.28 6.07
C LEU A 49 8.17 -0.82 6.56
N GLU A 50 8.16 -1.60 7.61
CA GLU A 50 9.43 -2.16 8.12
C GLU A 50 9.93 -3.27 7.18
N ALA A 51 9.10 -4.24 6.90
CA ALA A 51 9.52 -5.33 5.98
C ALA A 51 9.65 -4.80 4.56
N ALA A 52 8.89 -3.79 4.22
CA ALA A 52 8.97 -3.22 2.84
C ALA A 52 10.17 -2.29 2.74
N GLU A 53 10.41 -1.50 3.75
CA GLU A 53 11.57 -0.56 3.72
C GLU A 53 12.86 -1.33 3.52
N ALA A 54 13.02 -2.42 4.22
CA ALA A 54 14.25 -3.24 4.09
C ALA A 54 14.39 -3.72 2.64
N GLN A 55 13.32 -3.75 1.91
CA GLN A 55 13.37 -4.20 0.49
C GLN A 55 13.70 -3.02 -0.42
N GLY A 56 13.46 -1.83 0.03
CA GLY A 56 13.75 -0.63 -0.81
C GLY A 56 12.43 0.04 -1.21
N TYR A 57 11.32 -0.49 -0.77
CA TYR A 57 10.01 0.12 -1.12
C TYR A 57 9.90 1.53 -0.55
N ASP A 58 9.97 2.53 -1.39
CA ASP A 58 9.88 3.94 -0.89
C ASP A 58 8.42 4.31 -0.63
N TRP A 59 8.14 4.91 0.49
CA TRP A 59 6.75 5.31 0.80
C TRP A 59 6.65 6.83 0.96
N PRO A 60 5.75 7.41 0.20
CA PRO A 60 5.56 8.89 0.26
C PRO A 60 4.88 9.31 1.56
N PHE A 61 4.87 10.58 1.84
CA PHE A 61 4.23 11.07 3.09
C PHE A 61 4.98 10.56 4.32
N SER A 62 5.99 11.27 4.74
CA SER A 62 6.76 10.82 5.93
C SER A 62 6.05 11.30 7.21
N CYS A 63 6.49 10.82 8.35
CA CYS A 63 5.83 11.24 9.62
C CYS A 63 6.55 12.48 10.18
N ARG A 64 6.17 13.65 9.72
CA ARG A 64 6.83 14.89 10.22
C ARG A 64 6.13 15.39 11.49
N ALA A 65 4.84 15.27 11.57
CA ALA A 65 4.12 15.74 12.78
C ALA A 65 4.22 14.70 13.90
N GLY A 66 4.17 15.13 15.13
CA GLY A 66 4.26 14.17 16.26
C GLY A 66 3.15 13.12 16.12
N ALA A 67 2.01 13.51 15.60
CA ALA A 67 0.90 12.54 15.44
C ALA A 67 0.65 12.28 13.95
N CYS A 68 1.47 11.48 13.33
CA CYS A 68 1.28 11.19 11.88
C CYS A 68 0.15 10.18 11.68
N ALA A 69 0.43 8.92 11.85
CA ALA A 69 -0.63 7.89 11.67
C ALA A 69 -1.34 8.11 10.33
N ASN A 70 -0.68 8.72 9.39
CA ASN A 70 -1.31 8.96 8.07
C ASN A 70 -0.96 7.84 7.09
N CYS A 71 0.28 7.74 6.69
CA CYS A 71 0.68 6.67 5.75
C CYS A 71 0.03 6.91 4.38
N ALA A 72 0.39 6.15 3.38
CA ALA A 72 -0.22 6.38 2.04
C ALA A 72 -0.26 5.08 1.22
N SER A 73 -1.10 4.16 1.62
CA SER A 73 -1.20 2.88 0.86
C SER A 73 -2.66 2.62 0.47
N ILE A 74 -2.89 1.67 -0.39
CA ILE A 74 -4.30 1.38 -0.81
C ILE A 74 -4.54 -0.14 -0.80
N VAL A 75 -4.81 -0.69 0.35
CA VAL A 75 -5.04 -2.17 0.45
C VAL A 75 -6.01 -2.64 -0.65
N LYS A 76 -5.59 -3.52 -1.51
CA LYS A 76 -6.51 -4.02 -2.57
C LYS A 76 -7.29 -5.23 -2.08
N GLU A 77 -6.92 -5.76 -0.94
CA GLU A 77 -7.65 -6.95 -0.40
C GLU A 77 -6.91 -7.48 0.83
N GLY A 78 -7.63 -7.72 1.91
CA GLY A 78 -6.98 -8.26 3.13
C GLY A 78 -7.34 -7.36 4.32
N GLU A 79 -6.62 -7.48 5.41
CA GLU A 79 -6.92 -6.65 6.60
C GLU A 79 -5.66 -6.47 7.45
N ILE A 80 -5.44 -5.30 7.97
CA ILE A 80 -4.23 -5.07 8.82
C ILE A 80 -4.63 -4.75 10.25
N ASP A 81 -3.84 -5.16 11.21
CA ASP A 81 -4.17 -4.86 12.64
C ASP A 81 -3.34 -3.67 13.13
N MET A 82 -3.97 -2.73 13.78
CA MET A 82 -3.22 -1.54 14.28
C MET A 82 -3.79 -1.07 15.62
N ASP A 83 -3.22 -0.07 16.21
CA ASP A 83 -3.73 0.45 17.52
C ASP A 83 -4.99 1.27 17.29
N MET A 84 -5.88 1.29 18.24
CA MET A 84 -7.13 2.09 18.08
C MET A 84 -6.81 3.58 18.07
N GLN A 85 -7.30 4.29 17.08
CA GLN A 85 -7.02 5.76 17.01
C GLN A 85 -8.05 6.45 16.11
N GLN A 86 -8.19 7.74 16.22
CA GLN A 86 -9.18 8.46 15.37
C GLN A 86 -8.71 8.46 13.90
N ILE A 87 -9.28 9.33 13.11
CA ILE A 87 -8.89 9.38 11.67
C ILE A 87 -9.14 8.04 10.99
N LEU A 88 -9.07 8.00 9.68
CA LEU A 88 -9.31 6.71 8.96
C LEU A 88 -10.74 6.23 9.22
N SER A 89 -11.60 6.34 8.25
CA SER A 89 -13.01 5.88 8.44
C SER A 89 -13.27 4.61 7.61
N ASP A 90 -14.21 3.82 8.02
CA ASP A 90 -14.52 2.56 7.25
C ASP A 90 -14.66 2.88 5.76
N GLU A 91 -15.45 3.85 5.43
CA GLU A 91 -15.63 4.20 3.99
C GLU A 91 -14.29 4.52 3.36
N GLU A 92 -13.31 4.87 4.15
CA GLU A 92 -11.96 5.18 3.60
C GLU A 92 -11.24 3.90 3.19
N VAL A 93 -11.35 2.87 3.98
CA VAL A 93 -10.67 1.58 3.64
C VAL A 93 -11.47 0.85 2.55
N GLU A 94 -12.72 1.17 2.40
CA GLU A 94 -13.55 0.49 1.37
C GLU A 94 -13.58 1.34 0.09
N GLU A 95 -13.60 2.64 0.24
CA GLU A 95 -13.63 3.53 -0.96
C GLU A 95 -12.22 3.98 -1.32
N LYS A 96 -11.37 4.15 -0.33
CA LYS A 96 -9.98 4.59 -0.61
C LYS A 96 -9.00 3.43 -0.36
N ASP A 97 -9.39 2.50 0.47
CA ASP A 97 -8.48 1.34 0.76
C ASP A 97 -7.23 1.81 1.50
N VAL A 98 -7.28 2.98 2.05
CA VAL A 98 -6.10 3.50 2.79
C VAL A 98 -6.09 2.96 4.23
N ARG A 99 -4.98 3.06 4.91
CA ARG A 99 -4.92 2.55 6.31
C ARG A 99 -3.49 2.68 6.86
N LEU A 100 -3.35 2.66 8.15
CA LEU A 100 -2.00 2.77 8.77
C LEU A 100 -1.08 1.66 8.24
N THR A 101 -0.01 2.03 7.56
CA THR A 101 0.92 1.01 7.03
C THR A 101 2.15 0.91 7.93
N CYS A 102 2.32 1.83 8.83
CA CYS A 102 3.51 1.79 9.74
C CYS A 102 3.11 1.21 11.10
N ILE A 103 4.04 0.70 11.84
CA ILE A 103 3.70 0.12 13.17
C ILE A 103 2.43 -0.73 13.07
N GLY A 104 2.16 -1.26 11.91
CA GLY A 104 0.94 -2.10 11.75
C GLY A 104 1.33 -3.46 11.15
N SER A 105 0.61 -4.49 11.48
CA SER A 105 0.94 -5.84 10.93
C SER A 105 -0.26 -6.43 10.21
N PRO A 106 0.02 -7.19 9.18
CA PRO A 106 -1.05 -7.83 8.38
C PRO A 106 -1.70 -8.98 9.18
N ALA A 107 -2.96 -8.89 9.48
CA ALA A 107 -3.63 -9.97 10.25
C ALA A 107 -4.07 -11.09 9.30
N ALA A 108 -4.12 -10.81 8.03
CA ALA A 108 -4.55 -11.86 7.06
C ALA A 108 -3.33 -12.51 6.40
N ASP A 109 -3.45 -13.73 5.95
CA ASP A 109 -2.29 -14.40 5.29
C ASP A 109 -1.82 -13.58 4.09
N GLU A 110 -2.45 -13.75 2.96
CA GLU A 110 -2.04 -12.98 1.76
C GLU A 110 -2.86 -11.68 1.66
N VAL A 111 -2.23 -10.55 1.82
CA VAL A 111 -2.98 -9.27 1.75
C VAL A 111 -2.49 -8.44 0.54
N LYS A 112 -3.41 -7.83 -0.17
CA LYS A 112 -3.01 -7.02 -1.35
C LYS A 112 -3.07 -5.52 -1.02
N ILE A 113 -2.12 -4.76 -1.48
CA ILE A 113 -2.12 -3.30 -1.18
C ILE A 113 -1.25 -2.56 -2.19
N VAL A 114 -1.68 -1.40 -2.62
CA VAL A 114 -0.87 -0.63 -3.62
C VAL A 114 -0.03 0.42 -2.88
N TYR A 115 1.13 0.73 -3.36
CA TYR A 115 1.97 1.75 -2.68
C TYR A 115 2.09 3.02 -3.53
N ASN A 116 2.69 4.05 -2.99
CA ASN A 116 2.83 5.35 -3.72
C ASN A 116 1.51 6.13 -3.71
N ALA A 117 0.65 5.85 -2.76
CA ALA A 117 -0.65 6.57 -2.69
C ALA A 117 -0.49 8.06 -3.05
N LYS A 118 0.68 8.61 -2.85
CA LYS A 118 0.89 10.05 -3.19
C LYS A 118 0.23 10.39 -4.53
N HIS A 119 0.06 9.42 -5.39
CA HIS A 119 -0.58 9.67 -6.71
C HIS A 119 -2.06 10.01 -6.51
N LEU A 120 -2.62 9.62 -5.40
CA LEU A 120 -4.06 9.91 -5.14
C LEU A 120 -4.43 11.31 -5.61
N ASP A 121 -5.47 11.42 -6.40
CA ASP A 121 -5.89 12.77 -6.90
C ASP A 121 -6.35 13.63 -5.71
N TYR A 122 -6.50 13.04 -4.56
CA TYR A 122 -6.96 13.83 -3.37
C TYR A 122 -5.79 14.62 -2.79
N LEU A 123 -4.59 14.18 -3.02
CA LEU A 123 -3.41 14.91 -2.48
C LEU A 123 -2.68 15.65 -3.61
N GLN A 124 -2.86 15.21 -4.83
CA GLN A 124 -2.18 15.89 -5.97
C GLN A 124 -2.51 17.38 -6.00
N ASN A 125 -3.62 17.75 -5.42
CA ASN A 125 -4.01 19.20 -5.41
C ASN A 125 -3.00 20.01 -4.59
N ARG A 126 -2.22 19.37 -3.78
CA ARG A 126 -1.22 20.11 -2.95
C ARG A 126 0.07 20.32 -3.74
N VAL A 127 0.03 20.12 -5.04
CA VAL A 127 1.26 20.31 -5.86
C VAL A 127 1.53 21.80 -6.06
N ILE A 128 0.51 22.61 -6.00
CA ILE A 128 0.71 24.08 -6.20
C ILE A 128 0.63 24.81 -4.85
N PRO A 1 1.36 -14.02 6.54
CA PRO A 1 1.55 -12.54 6.43
C PRO A 1 2.18 -12.18 5.08
N THR A 2 1.49 -12.44 4.01
CA THR A 2 2.04 -12.11 2.67
C THR A 2 1.32 -10.90 2.08
N VAL A 3 1.88 -9.73 2.23
CA VAL A 3 1.23 -8.50 1.68
C VAL A 3 1.82 -8.16 0.31
N GLU A 4 1.03 -8.20 -0.72
CA GLU A 4 1.56 -7.88 -2.08
C GLU A 4 1.48 -6.38 -2.36
N TYR A 5 2.59 -5.74 -2.56
CA TYR A 5 2.56 -4.27 -2.85
C TYR A 5 2.57 -4.03 -4.36
N LEU A 6 1.72 -3.16 -4.83
CA LEU A 6 1.67 -2.89 -6.30
C LEU A 6 1.70 -1.38 -6.56
N ASN A 7 2.68 -0.92 -7.32
CA ASN A 7 2.78 0.54 -7.61
C ASN A 7 1.52 1.04 -8.30
N TYR A 8 0.81 1.95 -7.68
CA TYR A 8 -0.43 2.47 -8.32
C TYR A 8 -0.08 3.09 -9.68
N GLU A 9 1.15 3.52 -9.85
CA GLU A 9 1.55 4.13 -11.15
C GLU A 9 1.52 3.07 -12.26
N THR A 10 1.99 1.89 -11.97
CA THR A 10 1.98 0.82 -13.00
C THR A 10 0.56 0.60 -13.52
N LEU A 11 -0.42 0.86 -12.69
CA LEU A 11 -1.83 0.67 -13.13
C LEU A 11 -2.18 1.70 -14.21
N ASP A 12 -1.78 2.92 -14.02
CA ASP A 12 -2.09 3.97 -15.03
C ASP A 12 -1.12 3.88 -16.21
N ASP A 13 0.16 3.78 -15.93
CA ASP A 13 1.15 3.69 -17.03
C ASP A 13 0.78 2.56 -18.00
N GLN A 14 0.47 1.41 -17.49
CA GLN A 14 0.09 0.27 -18.37
C GLN A 14 -1.36 0.41 -18.83
N GLY A 15 -2.11 1.28 -18.21
CA GLY A 15 -3.54 1.45 -18.62
C GLY A 15 -4.33 0.20 -18.21
N TRP A 16 -3.94 -0.43 -17.15
CA TRP A 16 -4.65 -1.66 -16.71
C TRP A 16 -5.71 -1.30 -15.65
N ASP A 17 -6.23 -2.28 -14.96
CA ASP A 17 -7.25 -2.00 -13.92
C ASP A 17 -6.96 -2.85 -12.67
N MET A 18 -7.43 -2.41 -11.53
CA MET A 18 -7.17 -3.18 -10.28
C MET A 18 -8.09 -4.41 -10.22
N ASP A 19 -9.10 -4.44 -11.05
CA ASP A 19 -10.03 -5.62 -11.03
C ASP A 19 -10.01 -6.32 -12.39
N ASP A 20 -9.88 -5.58 -13.45
CA ASP A 20 -9.86 -6.22 -14.81
C ASP A 20 -8.49 -6.84 -15.09
N ASP A 21 -7.51 -6.03 -15.35
CA ASP A 21 -6.15 -6.58 -15.64
C ASP A 21 -5.54 -7.23 -14.40
N ASP A 22 -6.12 -7.00 -13.25
CA ASP A 22 -5.57 -7.61 -12.01
C ASP A 22 -4.06 -7.40 -11.95
N LEU A 23 -3.63 -6.17 -12.06
CA LEU A 23 -2.16 -5.88 -12.01
C LEU A 23 -1.46 -6.77 -10.97
N PHE A 24 -1.99 -6.83 -9.78
CA PHE A 24 -1.36 -7.68 -8.73
C PHE A 24 -1.08 -9.07 -9.29
N GLU A 25 -1.89 -9.51 -10.22
CA GLU A 25 -1.69 -10.86 -10.81
C GLU A 25 -0.96 -10.76 -12.16
N LYS A 26 -1.42 -9.89 -13.03
CA LYS A 26 -0.76 -9.76 -14.36
C LYS A 26 0.69 -9.30 -14.19
N ALA A 27 1.00 -8.60 -13.13
CA ALA A 27 2.39 -8.13 -12.92
C ALA A 27 3.30 -9.32 -12.57
N ALA A 28 2.71 -10.43 -12.20
CA ALA A 28 3.54 -11.62 -11.85
C ALA A 28 4.04 -12.30 -13.12
N ASP A 29 3.39 -12.08 -14.23
CA ASP A 29 3.83 -12.72 -15.50
C ASP A 29 4.58 -11.71 -16.37
N ALA A 30 4.91 -10.56 -15.83
CA ALA A 30 5.64 -9.54 -16.64
C ALA A 30 7.05 -9.34 -16.09
N GLY A 31 7.21 -9.38 -14.79
CA GLY A 31 8.56 -9.19 -14.19
C GLY A 31 8.80 -7.69 -13.95
N LEU A 32 7.77 -6.97 -13.60
CA LEU A 32 7.93 -5.50 -13.35
C LEU A 32 9.06 -5.26 -12.34
N ASP A 33 9.30 -4.02 -11.99
CA ASP A 33 10.37 -3.72 -11.00
C ASP A 33 9.92 -4.13 -9.59
N GLY A 34 10.83 -4.54 -8.76
CA GLY A 34 10.45 -4.96 -7.39
C GLY A 34 10.05 -3.72 -6.57
N GLU A 35 10.51 -2.56 -6.95
CA GLU A 35 10.15 -1.33 -6.20
C GLU A 35 8.71 -0.90 -6.53
N ASP A 36 8.03 -1.65 -7.35
CA ASP A 36 6.64 -1.28 -7.71
C ASP A 36 5.69 -2.46 -7.43
N TYR A 37 6.02 -3.63 -7.89
CA TYR A 37 5.14 -4.80 -7.65
C TYR A 37 5.97 -5.96 -7.09
N GLY A 38 5.45 -6.64 -6.10
CA GLY A 38 6.20 -7.79 -5.51
C GLY A 38 5.52 -8.22 -4.22
N THR A 39 6.00 -9.27 -3.60
CA THR A 39 5.37 -9.74 -2.34
C THR A 39 6.04 -9.07 -1.13
N MET A 40 5.25 -8.60 -0.20
CA MET A 40 5.83 -7.93 1.00
C MET A 40 5.65 -8.81 2.23
N GLU A 41 6.50 -9.79 2.40
CA GLU A 41 6.37 -10.70 3.59
C GLU A 41 6.73 -9.95 4.87
N VAL A 42 5.79 -9.79 5.76
CA VAL A 42 6.10 -9.08 7.04
C VAL A 42 5.96 -10.05 8.22
N ALA A 43 7.05 -10.45 8.80
CA ALA A 43 6.98 -11.39 9.96
C ALA A 43 5.86 -10.98 10.92
N GLU A 44 5.29 -11.91 11.63
CA GLU A 44 4.19 -11.57 12.58
C GLU A 44 4.73 -10.69 13.71
N GLY A 45 4.19 -9.51 13.86
CA GLY A 45 4.67 -8.60 14.94
C GLY A 45 5.69 -7.62 14.35
N GLU A 46 6.06 -7.80 13.12
CA GLU A 46 7.06 -6.89 12.50
C GLU A 46 6.34 -5.76 11.74
N TYR A 47 6.80 -4.55 11.88
CA TYR A 47 6.15 -3.41 11.17
C TYR A 47 6.29 -3.59 9.65
N ILE A 48 5.26 -3.28 8.92
CA ILE A 48 5.32 -3.42 7.43
C ILE A 48 6.53 -2.66 6.87
N LEU A 49 6.54 -1.35 7.00
CA LEU A 49 7.69 -0.57 6.47
C LEU A 49 9.01 -1.25 6.81
N GLU A 50 9.07 -1.94 7.91
CA GLU A 50 10.34 -2.64 8.29
C GLU A 50 10.62 -3.75 7.28
N ALA A 51 9.65 -4.59 7.01
CA ALA A 51 9.86 -5.69 6.03
C ALA A 51 10.00 -5.11 4.63
N ALA A 52 9.30 -4.05 4.36
CA ALA A 52 9.39 -3.42 3.00
C ALA A 52 10.69 -2.63 2.88
N GLU A 53 11.03 -1.89 3.90
CA GLU A 53 12.29 -1.09 3.85
C GLU A 53 13.48 -2.04 3.70
N ALA A 54 13.34 -3.25 4.16
CA ALA A 54 14.46 -4.24 4.03
C ALA A 54 14.48 -4.82 2.62
N GLN A 55 13.51 -4.48 1.81
CA GLN A 55 13.47 -5.02 0.42
C GLN A 55 13.78 -3.89 -0.58
N GLY A 56 13.29 -2.71 -0.32
CA GLY A 56 13.55 -1.58 -1.26
C GLY A 56 12.23 -0.90 -1.63
N TYR A 57 11.27 -0.92 -0.75
CA TYR A 57 9.96 -0.27 -1.07
C TYR A 57 9.89 1.12 -0.43
N ASP A 58 10.11 2.16 -1.20
CA ASP A 58 10.06 3.53 -0.63
C ASP A 58 8.60 4.02 -0.59
N TRP A 59 8.20 4.61 0.50
CA TRP A 59 6.79 5.10 0.60
C TRP A 59 6.76 6.62 0.78
N PRO A 60 5.75 7.21 0.22
CA PRO A 60 5.58 8.69 0.31
C PRO A 60 5.20 9.11 1.74
N PHE A 61 5.88 10.08 2.27
CA PHE A 61 5.57 10.54 3.66
C PHE A 61 4.52 11.65 3.62
N SER A 62 3.41 11.46 4.28
CA SER A 62 2.34 12.51 4.27
C SER A 62 1.39 12.29 5.45
N CYS A 63 1.77 12.73 6.62
CA CYS A 63 0.87 12.56 7.79
C CYS A 63 0.80 13.85 8.60
N ARG A 64 0.65 14.97 7.94
CA ARG A 64 0.58 16.27 8.67
C ARG A 64 1.70 16.35 9.71
N ALA A 65 1.42 16.02 10.94
CA ALA A 65 2.49 16.08 11.99
C ALA A 65 1.93 15.59 13.33
N GLY A 66 2.78 15.10 14.19
CA GLY A 66 2.29 14.60 15.51
C GLY A 66 1.99 13.11 15.42
N ALA A 67 0.75 12.75 15.34
CA ALA A 67 0.39 11.30 15.25
C ALA A 67 0.46 10.84 13.79
N CYS A 68 0.44 9.55 13.56
CA CYS A 68 0.51 9.04 12.16
C CYS A 68 -0.68 8.11 11.87
N ALA A 69 -1.87 8.59 12.08
CA ALA A 69 -3.07 7.73 11.81
C ALA A 69 -3.53 7.91 10.36
N ASN A 70 -2.62 8.03 9.44
CA ASN A 70 -3.00 8.21 8.02
C ASN A 70 -1.77 8.10 7.12
N CYS A 71 -1.51 6.93 6.59
CA CYS A 71 -0.32 6.76 5.71
C CYS A 71 -0.68 7.12 4.26
N ALA A 72 -0.11 6.44 3.30
CA ALA A 72 -0.43 6.76 1.89
C ALA A 72 -0.43 5.49 1.03
N SER A 73 -1.39 4.63 1.25
CA SER A 73 -1.45 3.37 0.44
C SER A 73 -2.91 3.10 0.02
N ILE A 74 -3.14 2.00 -0.64
CA ILE A 74 -4.53 1.68 -1.08
C ILE A 74 -4.77 0.17 -0.96
N VAL A 75 -4.77 -0.34 0.25
CA VAL A 75 -4.98 -1.80 0.45
C VAL A 75 -6.05 -2.34 -0.51
N LYS A 76 -5.67 -3.22 -1.39
CA LYS A 76 -6.66 -3.79 -2.35
C LYS A 76 -7.30 -5.05 -1.77
N GLU A 77 -6.78 -5.54 -0.67
CA GLU A 77 -7.35 -6.77 -0.05
C GLU A 77 -6.59 -7.13 1.22
N GLY A 78 -7.25 -7.71 2.18
CA GLY A 78 -6.56 -8.09 3.44
C GLY A 78 -6.90 -7.07 4.54
N GLU A 79 -5.98 -6.84 5.44
CA GLU A 79 -6.23 -5.86 6.53
C GLU A 79 -4.97 -5.71 7.39
N ILE A 80 -4.77 -4.55 7.96
CA ILE A 80 -3.56 -4.34 8.80
C ILE A 80 -3.97 -4.06 10.26
N ASP A 81 -3.13 -4.42 11.19
CA ASP A 81 -3.47 -4.17 12.62
C ASP A 81 -2.79 -2.89 13.11
N MET A 82 -3.42 -2.19 14.01
CA MET A 82 -2.81 -0.93 14.52
C MET A 82 -3.42 -0.57 15.88
N ASP A 83 -2.60 -0.15 16.81
CA ASP A 83 -3.13 0.21 18.16
C ASP A 83 -4.36 1.11 18.01
N MET A 84 -5.34 0.95 18.88
CA MET A 84 -6.56 1.80 18.78
C MET A 84 -6.18 3.28 18.73
N GLN A 85 -6.91 4.07 18.00
CA GLN A 85 -6.58 5.52 17.91
C GLN A 85 -7.74 6.30 17.27
N GLN A 86 -7.78 6.33 15.97
CA GLN A 86 -8.89 7.07 15.28
C GLN A 86 -9.94 6.09 14.76
N ILE A 87 -11.18 6.52 14.68
CA ILE A 87 -12.24 5.62 14.18
C ILE A 87 -12.40 5.78 12.66
N LEU A 88 -11.62 5.06 11.89
CA LEU A 88 -11.72 5.18 10.42
C LEU A 88 -13.08 4.67 9.94
N SER A 89 -13.40 4.88 8.70
CA SER A 89 -14.71 4.41 8.17
C SER A 89 -14.49 3.42 7.02
N ASP A 90 -15.29 2.39 6.95
CA ASP A 90 -15.12 1.39 5.86
C ASP A 90 -15.15 2.09 4.50
N GLU A 91 -15.97 3.09 4.35
CA GLU A 91 -16.04 3.82 3.05
C GLU A 91 -14.65 4.32 2.66
N GLU A 92 -13.83 4.63 3.63
CA GLU A 92 -12.46 5.12 3.32
C GLU A 92 -11.61 3.96 2.78
N VAL A 93 -11.75 2.80 3.35
CA VAL A 93 -10.94 1.64 2.86
C VAL A 93 -11.58 1.06 1.60
N GLU A 94 -12.74 1.55 1.23
CA GLU A 94 -13.42 1.03 0.00
C GLU A 94 -13.27 2.06 -1.12
N GLU A 95 -13.48 3.31 -0.82
CA GLU A 95 -13.33 4.38 -1.85
C GLU A 95 -11.87 4.81 -1.97
N LYS A 96 -11.13 4.69 -0.89
CA LYS A 96 -9.70 5.08 -0.92
C LYS A 96 -8.82 3.88 -0.54
N ASP A 97 -9.39 2.91 0.11
CA ASP A 97 -8.60 1.70 0.51
C ASP A 97 -7.29 2.13 1.18
N VAL A 98 -7.27 3.27 1.81
CA VAL A 98 -6.03 3.72 2.47
C VAL A 98 -5.79 2.95 3.77
N ARG A 99 -4.58 2.91 4.25
CA ARG A 99 -4.29 2.17 5.52
C ARG A 99 -2.93 2.59 6.08
N LEU A 100 -2.27 1.72 6.78
CA LEU A 100 -0.94 2.08 7.36
C LEU A 100 0.12 1.05 6.96
N THR A 101 1.09 1.46 6.19
CA THR A 101 2.16 0.51 5.78
C THR A 101 3.41 0.71 6.65
N CYS A 102 3.32 1.58 7.62
CA CYS A 102 4.48 1.83 8.52
C CYS A 102 4.25 1.18 9.89
N ILE A 103 4.34 1.92 10.95
CA ILE A 103 4.12 1.32 12.30
C ILE A 103 2.79 0.56 12.32
N GLY A 104 2.81 -0.71 11.99
CA GLY A 104 1.55 -1.50 12.00
C GLY A 104 1.87 -2.96 11.61
N SER A 105 1.07 -3.88 12.07
CA SER A 105 1.34 -5.31 11.74
C SER A 105 0.19 -5.87 10.89
N PRO A 106 0.53 -6.85 10.08
CA PRO A 106 -0.48 -7.49 9.21
C PRO A 106 -1.41 -8.39 10.02
N ALA A 107 -2.68 -8.42 9.68
CA ALA A 107 -3.63 -9.27 10.44
C ALA A 107 -4.23 -10.34 9.52
N ALA A 108 -4.08 -10.19 8.24
CA ALA A 108 -4.65 -11.19 7.30
C ALA A 108 -3.53 -11.88 6.52
N ASP A 109 -3.75 -13.09 6.07
CA ASP A 109 -2.71 -13.81 5.30
C ASP A 109 -2.33 -13.04 4.04
N GLU A 110 -3.10 -13.19 2.99
CA GLU A 110 -2.78 -12.45 1.73
C GLU A 110 -3.40 -11.06 1.75
N VAL A 111 -2.59 -10.04 1.93
CA VAL A 111 -3.14 -8.65 1.95
C VAL A 111 -2.60 -7.85 0.77
N LYS A 112 -3.45 -7.36 -0.08
CA LYS A 112 -2.97 -6.58 -1.25
C LYS A 112 -3.07 -5.08 -0.98
N ILE A 113 -2.15 -4.32 -1.50
CA ILE A 113 -2.19 -2.84 -1.27
C ILE A 113 -1.35 -2.11 -2.32
N VAL A 114 -1.86 -1.02 -2.83
CA VAL A 114 -1.08 -0.26 -3.86
C VAL A 114 -0.26 0.83 -3.17
N TYR A 115 1.03 0.84 -3.39
CA TYR A 115 1.87 1.87 -2.72
C TYR A 115 1.98 3.14 -3.58
N ASN A 116 2.73 4.10 -3.12
CA ASN A 116 2.89 5.39 -3.86
C ASN A 116 1.59 6.19 -3.88
N ALA A 117 0.79 6.09 -2.86
CA ALA A 117 -0.49 6.87 -2.83
C ALA A 117 -0.24 8.32 -3.24
N LYS A 118 0.98 8.79 -3.10
CA LYS A 118 1.26 10.20 -3.48
C LYS A 118 0.61 10.53 -4.83
N HIS A 119 0.37 9.52 -5.65
CA HIS A 119 -0.27 9.79 -6.96
C HIS A 119 -1.65 10.40 -6.76
N LEU A 120 -2.28 10.13 -5.65
CA LEU A 120 -3.63 10.69 -5.39
C LEU A 120 -3.65 12.18 -5.73
N ASP A 121 -4.80 12.80 -5.70
CA ASP A 121 -4.87 14.25 -6.02
C ASP A 121 -4.34 15.08 -4.85
N TYR A 122 -4.19 14.48 -3.71
CA TYR A 122 -3.67 15.23 -2.52
C TYR A 122 -2.22 15.68 -2.77
N LEU A 123 -1.53 15.01 -3.66
CA LEU A 123 -0.11 15.40 -3.94
C LEU A 123 0.05 15.77 -5.41
N GLN A 124 -0.84 15.30 -6.25
CA GLN A 124 -0.73 15.62 -7.70
C GLN A 124 -0.84 17.12 -7.93
N ASN A 125 -1.29 17.85 -6.95
CA ASN A 125 -1.43 19.33 -7.11
C ASN A 125 -0.13 19.92 -7.67
N ARG A 126 0.97 19.25 -7.48
CA ARG A 126 2.27 19.78 -7.99
C ARG A 126 2.81 18.87 -9.09
N VAL A 127 2.01 18.54 -10.06
CA VAL A 127 2.50 17.65 -11.16
C VAL A 127 3.86 18.13 -11.67
N ILE A 128 4.48 17.38 -12.54
CA ILE A 128 5.81 17.79 -13.06
C ILE A 128 5.64 18.71 -14.29
N PRO A 1 1.96 -14.49 7.38
CA PRO A 1 1.64 -13.06 7.09
C PRO A 1 2.28 -12.64 5.77
N THR A 2 1.56 -12.79 4.68
CA THR A 2 2.14 -12.39 3.36
C THR A 2 1.38 -11.20 2.79
N VAL A 3 2.07 -10.25 2.24
CA VAL A 3 1.39 -9.05 1.66
C VAL A 3 1.80 -8.87 0.19
N GLU A 4 1.11 -8.05 -0.54
CA GLU A 4 1.47 -7.84 -1.97
C GLU A 4 1.42 -6.36 -2.31
N TYR A 5 2.55 -5.75 -2.56
CA TYR A 5 2.56 -4.30 -2.91
C TYR A 5 2.64 -4.12 -4.43
N LEU A 6 1.79 -3.29 -4.98
CA LEU A 6 1.80 -3.07 -6.45
C LEU A 6 2.01 -1.59 -6.76
N ASN A 7 3.06 -1.25 -7.44
CA ASN A 7 3.34 0.17 -7.78
C ASN A 7 2.08 0.87 -8.29
N TYR A 8 1.53 1.77 -7.51
CA TYR A 8 0.30 2.48 -7.97
C TYR A 8 0.57 3.18 -9.30
N GLU A 9 1.78 3.61 -9.51
CA GLU A 9 2.11 4.29 -10.80
C GLU A 9 1.86 3.33 -11.97
N THR A 10 2.26 2.10 -11.83
CA THR A 10 2.04 1.13 -12.93
C THR A 10 0.54 0.96 -13.17
N LEU A 11 -0.25 1.21 -12.16
CA LEU A 11 -1.73 1.09 -12.32
C LEU A 11 -2.24 2.17 -13.28
N ASP A 12 -1.83 3.39 -13.07
CA ASP A 12 -2.28 4.49 -13.97
C ASP A 12 -1.49 4.47 -15.27
N ASP A 13 -0.18 4.39 -15.18
CA ASP A 13 0.65 4.36 -16.41
C ASP A 13 0.15 3.26 -17.36
N GLN A 14 -0.14 2.10 -16.83
CA GLN A 14 -0.64 0.99 -17.68
C GLN A 14 -2.11 1.19 -18.00
N GLY A 15 -2.84 1.83 -17.12
CA GLY A 15 -4.29 2.06 -17.38
C GLY A 15 -5.08 0.81 -16.96
N TRP A 16 -4.82 0.30 -15.79
CA TRP A 16 -5.54 -0.92 -15.33
C TRP A 16 -6.64 -0.54 -14.34
N ASP A 17 -7.74 -1.25 -14.35
CA ASP A 17 -8.85 -0.94 -13.41
C ASP A 17 -8.67 -1.73 -12.10
N MET A 18 -9.38 -1.36 -11.08
CA MET A 18 -9.24 -2.10 -9.78
C MET A 18 -9.49 -3.59 -10.00
N ASP A 19 -10.13 -3.94 -11.08
CA ASP A 19 -10.41 -5.38 -11.35
C ASP A 19 -10.46 -5.65 -12.85
N ASP A 20 -9.61 -5.02 -13.62
CA ASP A 20 -9.62 -5.23 -15.09
C ASP A 20 -8.90 -6.53 -15.43
N ASP A 21 -7.64 -6.47 -15.81
CA ASP A 21 -6.90 -7.71 -16.15
C ASP A 21 -6.42 -8.41 -14.88
N ASP A 22 -5.16 -8.34 -14.57
CA ASP A 22 -4.65 -9.01 -13.35
C ASP A 22 -3.37 -8.31 -12.90
N LEU A 23 -3.40 -7.01 -12.91
CA LEU A 23 -2.20 -6.21 -12.49
C LEU A 23 -1.41 -6.92 -11.38
N PHE A 24 -1.97 -7.04 -10.21
CA PHE A 24 -1.25 -7.71 -9.09
C PHE A 24 -0.72 -9.07 -9.53
N GLU A 25 -1.32 -9.65 -10.53
CA GLU A 25 -0.86 -10.99 -11.01
C GLU A 25 0.05 -10.82 -12.25
N LYS A 26 -0.39 -10.08 -13.23
CA LYS A 26 0.43 -9.89 -14.46
C LYS A 26 1.77 -9.25 -14.10
N ALA A 27 1.81 -8.47 -13.05
CA ALA A 27 3.08 -7.81 -12.67
C ALA A 27 4.16 -8.87 -12.40
N ALA A 28 3.76 -10.06 -12.08
CA ALA A 28 4.77 -11.14 -11.82
C ALA A 28 5.16 -11.82 -13.13
N ASP A 29 4.56 -11.44 -14.22
CA ASP A 29 4.90 -12.07 -15.53
C ASP A 29 5.09 -10.98 -16.60
N ALA A 30 5.09 -9.75 -16.20
CA ALA A 30 5.27 -8.65 -17.20
C ALA A 30 6.74 -8.18 -17.23
N GLY A 31 7.45 -8.40 -16.16
CA GLY A 31 8.87 -7.98 -16.13
C GLY A 31 8.99 -6.61 -15.45
N LEU A 32 8.17 -6.36 -14.46
CA LEU A 32 8.23 -5.04 -13.76
C LEU A 32 9.32 -5.07 -12.68
N ASP A 33 9.74 -3.92 -12.24
CA ASP A 33 10.80 -3.87 -11.19
C ASP A 33 10.25 -4.40 -9.86
N GLY A 34 11.02 -5.20 -9.16
CA GLY A 34 10.54 -5.74 -7.86
C GLY A 34 10.20 -4.59 -6.92
N GLU A 35 10.90 -3.49 -7.02
CA GLU A 35 10.61 -2.34 -6.13
C GLU A 35 9.20 -1.82 -6.38
N ASP A 36 8.60 -2.23 -7.47
CA ASP A 36 7.21 -1.77 -7.77
C ASP A 36 6.21 -2.86 -7.41
N TYR A 37 6.34 -4.01 -8.00
CA TYR A 37 5.39 -5.12 -7.67
C TYR A 37 6.14 -6.27 -6.99
N GLY A 38 5.54 -6.89 -6.02
CA GLY A 38 6.22 -8.01 -5.31
C GLY A 38 5.43 -8.38 -4.05
N THR A 39 5.71 -9.52 -3.48
CA THR A 39 4.99 -9.94 -2.26
C THR A 39 5.72 -9.40 -1.01
N MET A 40 5.03 -8.65 -0.19
CA MET A 40 5.69 -8.10 1.03
C MET A 40 5.55 -9.07 2.19
N GLU A 41 6.65 -9.58 2.69
CA GLU A 41 6.59 -10.54 3.83
C GLU A 41 6.66 -9.78 5.15
N VAL A 42 5.64 -9.89 5.97
CA VAL A 42 5.65 -9.16 7.27
C VAL A 42 5.55 -10.15 8.44
N ALA A 43 6.66 -10.55 8.98
CA ALA A 43 6.63 -11.51 10.13
C ALA A 43 5.81 -10.93 11.28
N GLU A 44 4.92 -11.70 11.84
CA GLU A 44 4.09 -11.19 12.97
C GLU A 44 4.95 -10.38 13.93
N GLY A 45 4.67 -9.12 14.07
CA GLY A 45 5.47 -8.27 15.00
C GLY A 45 6.31 -7.26 14.19
N GLU A 46 6.09 -7.20 12.90
CA GLU A 46 6.87 -6.24 12.07
C GLU A 46 5.94 -5.27 11.36
N TYR A 47 5.95 -4.02 11.74
CA TYR A 47 5.05 -3.03 11.08
C TYR A 47 5.21 -3.12 9.56
N ILE A 48 4.22 -2.73 8.82
CA ILE A 48 4.31 -2.80 7.34
C ILE A 48 5.55 -2.03 6.83
N LEU A 49 5.55 -0.73 6.96
CA LEU A 49 6.72 0.06 6.49
C LEU A 49 8.01 -0.53 7.06
N GLU A 50 7.92 -1.27 8.13
CA GLU A 50 9.14 -1.88 8.73
C GLU A 50 9.59 -3.09 7.90
N ALA A 51 8.69 -3.99 7.62
CA ALA A 51 9.06 -5.19 6.81
C ALA A 51 9.33 -4.77 5.36
N ALA A 52 8.67 -3.75 4.91
CA ALA A 52 8.89 -3.29 3.51
C ALA A 52 10.20 -2.50 3.42
N GLU A 53 10.45 -1.67 4.39
CA GLU A 53 11.71 -0.88 4.37
C GLU A 53 12.92 -1.81 4.39
N ALA A 54 12.81 -2.90 5.09
CA ALA A 54 13.95 -3.87 5.14
C ALA A 54 14.17 -4.50 3.76
N GLN A 55 13.18 -4.45 2.91
CA GLN A 55 13.34 -5.04 1.56
C GLN A 55 13.78 -3.96 0.56
N GLY A 56 13.48 -2.72 0.84
CA GLY A 56 13.89 -1.63 -0.08
C GLY A 56 12.64 -0.96 -0.67
N TYR A 57 11.53 -1.05 0.01
CA TYR A 57 10.29 -0.42 -0.52
C TYR A 57 10.16 1.01 0.00
N ASP A 58 10.36 1.98 -0.85
CA ASP A 58 10.25 3.41 -0.40
C ASP A 58 8.81 3.89 -0.58
N TRP A 59 8.30 4.62 0.37
CA TRP A 59 6.90 5.13 0.25
C TRP A 59 6.88 6.66 0.28
N PRO A 60 5.87 7.21 -0.34
CA PRO A 60 5.72 8.69 -0.41
C PRO A 60 5.32 9.25 0.95
N PHE A 61 5.28 10.55 1.09
CA PHE A 61 4.92 11.15 2.39
C PHE A 61 3.40 11.41 2.45
N SER A 62 2.81 11.15 3.59
CA SER A 62 1.34 11.37 3.72
C SER A 62 0.97 11.48 5.20
N CYS A 63 1.35 12.55 5.85
CA CYS A 63 1.03 12.70 7.29
C CYS A 63 1.39 14.12 7.75
N ARG A 64 2.65 14.39 7.93
CA ARG A 64 3.08 15.75 8.38
C ARG A 64 4.33 16.19 7.59
N ALA A 65 5.13 17.04 8.18
CA ALA A 65 6.35 17.52 7.48
C ALA A 65 7.57 17.42 8.40
N GLY A 66 7.49 16.63 9.42
CA GLY A 66 8.65 16.49 10.36
C GLY A 66 8.71 15.06 10.89
N ALA A 67 7.58 14.48 11.17
CA ALA A 67 7.58 13.07 11.70
C ALA A 67 6.45 12.27 11.05
N CYS A 68 6.58 10.97 11.03
CA CYS A 68 5.52 10.12 10.41
C CYS A 68 5.49 10.32 8.90
N ALA A 69 6.33 9.63 8.18
CA ALA A 69 6.36 9.76 6.70
C ALA A 69 6.21 8.39 6.04
N ASN A 70 6.42 8.32 4.75
CA ASN A 70 6.29 7.01 4.06
C ASN A 70 4.91 6.40 4.32
N CYS A 71 3.94 6.73 3.51
CA CYS A 71 2.58 6.17 3.71
C CYS A 71 1.74 6.31 2.44
N ALA A 72 0.45 6.43 2.57
CA ALA A 72 -0.42 6.57 1.38
C ALA A 72 -0.42 5.26 0.57
N SER A 73 -1.42 4.45 0.73
CA SER A 73 -1.49 3.17 -0.02
C SER A 73 -2.95 2.79 -0.30
N ILE A 74 -3.17 1.80 -1.11
CA ILE A 74 -4.57 1.40 -1.43
C ILE A 74 -4.71 -0.13 -1.33
N VAL A 75 -4.91 -0.63 -0.14
CA VAL A 75 -5.06 -2.11 0.03
C VAL A 75 -6.01 -2.66 -1.03
N LYS A 76 -5.54 -3.55 -1.88
CA LYS A 76 -6.42 -4.12 -2.92
C LYS A 76 -7.16 -5.35 -2.37
N GLU A 77 -6.81 -5.79 -1.20
CA GLU A 77 -7.48 -6.97 -0.60
C GLU A 77 -6.81 -7.37 0.72
N GLY A 78 -7.58 -7.75 1.70
CA GLY A 78 -6.97 -8.14 3.00
C GLY A 78 -7.32 -7.11 4.07
N GLU A 79 -6.61 -7.09 5.16
CA GLU A 79 -6.90 -6.11 6.23
C GLU A 79 -5.72 -6.03 7.21
N ILE A 80 -5.50 -4.89 7.79
CA ILE A 80 -4.37 -4.76 8.75
C ILE A 80 -4.89 -4.37 10.14
N ASP A 81 -4.10 -4.57 11.16
CA ASP A 81 -4.55 -4.21 12.54
C ASP A 81 -3.55 -3.25 13.18
N MET A 82 -4.01 -2.13 13.66
CA MET A 82 -3.09 -1.15 14.30
C MET A 82 -3.44 -0.97 15.78
N ASP A 83 -2.72 -0.13 16.47
CA ASP A 83 -3.01 0.08 17.93
C ASP A 83 -3.78 1.40 18.12
N MET A 84 -3.99 1.79 19.34
CA MET A 84 -4.73 3.06 19.59
C MET A 84 -4.01 4.23 18.92
N GLN A 85 -4.30 4.47 17.67
CA GLN A 85 -3.63 5.60 16.96
C GLN A 85 -4.52 6.11 15.82
N GLN A 86 -4.93 7.34 15.89
CA GLN A 86 -5.80 7.90 14.81
C GLN A 86 -7.04 7.02 14.61
N ILE A 87 -7.91 7.42 13.73
CA ILE A 87 -9.15 6.62 13.48
C ILE A 87 -9.36 6.45 11.98
N LEU A 88 -10.13 5.47 11.57
CA LEU A 88 -10.36 5.25 10.12
C LEU A 88 -11.83 4.89 9.87
N SER A 89 -12.38 5.34 8.77
CA SER A 89 -13.80 5.02 8.47
C SER A 89 -13.88 3.82 7.53
N ASP A 90 -14.91 3.01 7.67
CA ASP A 90 -15.06 1.82 6.79
C ASP A 90 -15.18 2.24 5.33
N GLU A 91 -16.05 3.18 5.05
CA GLU A 91 -16.22 3.63 3.64
C GLU A 91 -14.87 4.08 3.08
N GLU A 92 -13.96 4.45 3.93
CA GLU A 92 -12.62 4.89 3.45
C GLU A 92 -11.81 3.68 2.98
N VAL A 93 -11.85 2.62 3.73
CA VAL A 93 -11.09 1.39 3.34
C VAL A 93 -11.81 0.67 2.19
N GLU A 94 -13.07 0.94 2.01
CA GLU A 94 -13.83 0.28 0.91
C GLU A 94 -13.91 1.20 -0.30
N GLU A 95 -13.94 2.50 -0.09
CA GLU A 95 -14.01 3.43 -1.24
C GLU A 95 -12.61 3.91 -1.63
N LYS A 96 -11.70 3.93 -0.70
CA LYS A 96 -10.31 4.40 -1.01
C LYS A 96 -9.30 3.27 -0.77
N ASP A 97 -9.69 2.25 -0.06
CA ASP A 97 -8.73 1.14 0.21
C ASP A 97 -7.48 1.67 0.89
N VAL A 98 -7.59 2.80 1.54
CA VAL A 98 -6.40 3.38 2.23
C VAL A 98 -6.25 2.77 3.64
N ARG A 99 -5.09 2.89 4.21
CA ARG A 99 -4.88 2.33 5.58
C ARG A 99 -3.47 2.66 6.09
N LEU A 100 -3.38 3.31 7.22
CA LEU A 100 -2.04 3.66 7.77
C LEU A 100 -1.13 2.43 7.77
N THR A 101 0.00 2.51 7.11
CA THR A 101 0.93 1.35 7.08
C THR A 101 2.08 1.56 8.07
N CYS A 102 1.84 2.28 9.13
CA CYS A 102 2.93 2.53 10.13
C CYS A 102 2.56 1.91 11.47
N ILE A 103 3.54 1.48 12.23
CA ILE A 103 3.25 0.87 13.56
C ILE A 103 2.00 0.01 13.50
N GLY A 104 1.74 -0.61 12.38
CA GLY A 104 0.53 -1.46 12.25
C GLY A 104 0.93 -2.82 11.66
N SER A 105 0.25 -3.87 12.05
CA SER A 105 0.59 -5.22 11.51
C SER A 105 -0.60 -5.78 10.73
N PRO A 106 -0.27 -6.49 9.67
CA PRO A 106 -1.31 -7.11 8.81
C PRO A 106 -1.94 -8.31 9.53
N ALA A 107 -3.18 -8.61 9.23
CA ALA A 107 -3.86 -9.76 9.88
C ALA A 107 -4.17 -10.85 8.85
N ALA A 108 -4.93 -10.52 7.85
CA ALA A 108 -5.27 -11.53 6.81
C ALA A 108 -4.01 -12.20 6.27
N ASP A 109 -4.02 -13.50 6.15
CA ASP A 109 -2.82 -14.21 5.63
C ASP A 109 -2.25 -13.46 4.42
N GLU A 110 -2.96 -13.46 3.32
CA GLU A 110 -2.47 -12.75 2.12
C GLU A 110 -3.18 -11.39 1.99
N VAL A 111 -2.43 -10.34 1.82
CA VAL A 111 -3.06 -8.98 1.69
C VAL A 111 -2.49 -8.23 0.49
N LYS A 112 -3.33 -7.61 -0.28
CA LYS A 112 -2.83 -6.85 -1.46
C LYS A 112 -2.93 -5.34 -1.21
N ILE A 113 -2.00 -4.58 -1.69
CA ILE A 113 -2.05 -3.11 -1.48
C ILE A 113 -1.18 -2.38 -2.51
N VAL A 114 -1.57 -1.21 -2.91
CA VAL A 114 -0.76 -0.45 -3.90
C VAL A 114 0.17 0.51 -3.17
N TYR A 115 1.45 0.47 -3.49
CA TYR A 115 2.41 1.37 -2.79
C TYR A 115 2.62 2.65 -3.61
N ASN A 116 3.01 3.73 -2.97
CA ASN A 116 3.23 5.01 -3.70
C ASN A 116 1.89 5.59 -4.16
N ALA A 117 0.96 5.72 -3.27
CA ALA A 117 -0.37 6.29 -3.65
C ALA A 117 -0.20 7.74 -4.13
N LYS A 118 0.88 8.37 -3.75
CA LYS A 118 1.09 9.78 -4.20
C LYS A 118 0.76 9.91 -5.69
N HIS A 119 0.86 8.83 -6.43
CA HIS A 119 0.54 8.90 -7.87
C HIS A 119 -0.95 9.20 -8.07
N LEU A 120 -1.75 9.00 -7.06
CA LEU A 120 -3.21 9.28 -7.18
C LEU A 120 -3.44 10.56 -7.98
N ASP A 121 -4.16 10.48 -9.06
CA ASP A 121 -4.43 11.70 -9.88
C ASP A 121 -4.92 12.83 -9.00
N TYR A 122 -5.57 12.51 -7.91
CA TYR A 122 -6.08 13.57 -7.00
C TYR A 122 -4.90 14.33 -6.36
N LEU A 123 -3.81 13.64 -6.14
CA LEU A 123 -2.63 14.31 -5.53
C LEU A 123 -1.57 14.60 -6.59
N GLN A 124 -1.61 13.88 -7.69
CA GLN A 124 -0.61 14.12 -8.77
C GLN A 124 -0.51 15.62 -9.08
N ASN A 125 -1.59 16.33 -8.95
CA ASN A 125 -1.57 17.80 -9.23
C ASN A 125 -0.51 18.48 -8.36
N ARG A 126 -0.23 17.94 -7.21
CA ARG A 126 0.78 18.56 -6.32
C ARG A 126 2.09 18.81 -7.08
N VAL A 127 2.51 17.87 -7.88
CA VAL A 127 3.76 18.05 -8.66
C VAL A 127 3.75 19.41 -9.37
N ILE A 128 4.89 19.85 -9.84
CA ILE A 128 4.95 21.17 -10.54
C ILE A 128 5.64 21.00 -11.90
N PRO A 1 1.64 -14.06 7.03
CA PRO A 1 1.61 -12.57 7.04
C PRO A 1 2.27 -12.01 5.78
N THR A 2 1.80 -12.40 4.63
CA THR A 2 2.41 -11.89 3.37
C THR A 2 1.46 -10.89 2.70
N VAL A 3 1.99 -9.80 2.22
CA VAL A 3 1.14 -8.77 1.56
C VAL A 3 1.72 -8.41 0.19
N GLU A 4 0.91 -8.38 -0.83
CA GLU A 4 1.44 -8.05 -2.19
C GLU A 4 1.34 -6.53 -2.44
N TYR A 5 2.45 -5.92 -2.78
CA TYR A 5 2.41 -4.45 -3.04
C TYR A 5 2.46 -4.17 -4.55
N LEU A 6 1.74 -3.19 -5.01
CA LEU A 6 1.74 -2.87 -6.47
C LEU A 6 1.82 -1.35 -6.67
N ASN A 7 2.79 -0.89 -7.42
CA ASN A 7 2.91 0.58 -7.65
C ASN A 7 1.64 1.12 -8.32
N TYR A 8 0.96 2.03 -7.68
CA TYR A 8 -0.27 2.59 -8.29
C TYR A 8 0.05 3.23 -9.65
N GLU A 9 1.27 3.68 -9.82
CA GLU A 9 1.65 4.31 -11.12
C GLU A 9 1.66 3.27 -12.23
N THR A 10 2.13 2.09 -11.95
CA THR A 10 2.16 1.02 -12.99
C THR A 10 0.74 0.74 -13.50
N LEU A 11 -0.23 0.86 -12.63
CA LEU A 11 -1.64 0.60 -13.06
C LEU A 11 -2.09 1.69 -14.04
N ASP A 12 -1.78 2.92 -13.74
CA ASP A 12 -2.18 4.05 -14.65
C ASP A 12 -1.30 4.06 -15.90
N ASP A 13 -0.01 4.06 -15.73
CA ASP A 13 0.90 4.07 -16.91
C ASP A 13 0.44 3.02 -17.94
N GLN A 14 0.44 1.77 -17.56
CA GLN A 14 0.01 0.71 -18.52
C GLN A 14 -1.48 0.87 -18.84
N GLY A 15 -2.19 1.65 -18.08
CA GLY A 15 -3.64 1.84 -18.34
C GLY A 15 -4.39 0.53 -18.09
N TRP A 16 -4.12 -0.10 -16.98
CA TRP A 16 -4.81 -1.39 -16.67
C TRP A 16 -6.09 -1.11 -15.87
N ASP A 17 -6.78 -2.14 -15.48
CA ASP A 17 -8.03 -1.94 -14.69
C ASP A 17 -7.74 -2.04 -13.19
N MET A 18 -8.73 -1.83 -12.37
CA MET A 18 -8.52 -1.90 -10.90
C MET A 18 -8.26 -3.35 -10.47
N ASP A 19 -9.06 -4.27 -10.94
CA ASP A 19 -8.85 -5.69 -10.56
C ASP A 19 -9.28 -6.61 -11.71
N ASP A 20 -9.47 -6.06 -12.88
CA ASP A 20 -9.89 -6.91 -14.03
C ASP A 20 -8.71 -7.74 -14.53
N ASP A 21 -7.61 -7.10 -14.82
CA ASP A 21 -6.42 -7.86 -15.32
C ASP A 21 -5.67 -8.51 -14.15
N ASP A 22 -6.24 -8.47 -12.98
CA ASP A 22 -5.55 -9.10 -11.81
C ASP A 22 -4.06 -8.73 -11.83
N LEU A 23 -3.76 -7.47 -11.86
CA LEU A 23 -2.33 -7.03 -11.89
C LEU A 23 -1.45 -7.93 -11.00
N PHE A 24 -1.78 -8.04 -9.74
CA PHE A 24 -0.96 -8.89 -8.83
C PHE A 24 -0.70 -10.23 -9.50
N GLU A 25 -1.57 -10.63 -10.39
CA GLU A 25 -1.38 -11.94 -11.09
C GLU A 25 -0.73 -11.72 -12.45
N LYS A 26 -1.31 -10.87 -13.27
CA LYS A 26 -0.72 -10.62 -14.62
C LYS A 26 0.63 -9.91 -14.48
N ALA A 27 0.81 -9.16 -13.43
CA ALA A 27 2.10 -8.44 -13.23
C ALA A 27 3.26 -9.45 -13.22
N ALA A 28 2.99 -10.67 -12.81
CA ALA A 28 4.07 -11.68 -12.77
C ALA A 28 4.46 -12.10 -14.19
N ASP A 29 3.57 -11.95 -15.13
CA ASP A 29 3.88 -12.33 -16.53
C ASP A 29 4.67 -11.21 -17.21
N ALA A 30 4.56 -10.00 -16.73
CA ALA A 30 5.30 -8.87 -17.35
C ALA A 30 6.72 -8.81 -16.78
N GLY A 31 6.84 -8.79 -15.49
CA GLY A 31 8.20 -8.72 -14.87
C GLY A 31 8.51 -7.28 -14.46
N LEU A 32 7.70 -6.72 -13.59
CA LEU A 32 7.94 -5.31 -13.15
C LEU A 32 9.02 -5.28 -12.07
N ASP A 33 9.47 -4.11 -11.70
CA ASP A 33 10.52 -4.00 -10.65
C ASP A 33 9.92 -4.30 -9.27
N GLY A 34 10.70 -4.81 -8.36
CA GLY A 34 10.17 -5.11 -7.01
C GLY A 34 9.79 -3.81 -6.29
N GLU A 35 10.45 -2.73 -6.62
CA GLU A 35 10.13 -1.43 -5.95
C GLU A 35 8.70 -1.00 -6.31
N ASP A 36 8.08 -1.66 -7.25
CA ASP A 36 6.69 -1.28 -7.64
C ASP A 36 5.76 -2.48 -7.47
N TYR A 37 6.11 -3.61 -8.02
CA TYR A 37 5.25 -4.81 -7.90
C TYR A 37 6.04 -5.98 -7.29
N GLY A 38 5.45 -6.71 -6.40
CA GLY A 38 6.17 -7.86 -5.78
C GLY A 38 5.46 -8.29 -4.50
N THR A 39 5.74 -9.48 -4.03
CA THR A 39 5.08 -9.97 -2.79
C THR A 39 5.81 -9.43 -1.56
N MET A 40 5.11 -8.75 -0.69
CA MET A 40 5.77 -8.21 0.53
C MET A 40 5.61 -9.19 1.70
N GLU A 41 6.69 -9.55 2.35
CA GLU A 41 6.60 -10.51 3.48
C GLU A 41 6.93 -9.79 4.79
N VAL A 42 5.96 -9.61 5.65
CA VAL A 42 6.23 -8.93 6.95
C VAL A 42 5.92 -9.87 8.11
N ALA A 43 6.92 -10.26 8.85
CA ALA A 43 6.68 -11.19 10.00
C ALA A 43 5.55 -10.65 10.88
N GLU A 44 4.84 -11.52 11.55
CA GLU A 44 3.72 -11.06 12.42
C GLU A 44 4.29 -10.33 13.64
N GLY A 45 4.00 -9.06 13.76
CA GLY A 45 4.52 -8.29 14.93
C GLY A 45 5.52 -7.24 14.43
N GLU A 46 5.85 -7.27 13.17
CA GLU A 46 6.82 -6.28 12.63
C GLU A 46 6.08 -5.24 11.78
N TYR A 47 6.19 -3.99 12.11
CA TYR A 47 5.50 -2.94 11.31
C TYR A 47 5.73 -3.16 9.82
N ILE A 48 4.68 -3.27 9.06
CA ILE A 48 4.83 -3.50 7.59
C ILE A 48 5.87 -2.54 7.00
N LEU A 49 5.55 -1.27 6.95
CA LEU A 49 6.52 -0.28 6.36
C LEU A 49 7.94 -0.58 6.85
N GLU A 50 8.10 -0.98 8.08
CA GLU A 50 9.46 -1.27 8.60
C GLU A 50 10.05 -2.48 7.87
N ALA A 51 9.29 -3.53 7.74
CA ALA A 51 9.80 -4.74 7.04
C ALA A 51 9.95 -4.45 5.54
N ALA A 52 9.08 -3.65 5.01
CA ALA A 52 9.16 -3.32 3.56
C ALA A 52 10.25 -2.29 3.31
N GLU A 53 10.28 -1.24 4.09
CA GLU A 53 11.33 -0.21 3.91
C GLU A 53 12.71 -0.83 4.10
N ALA A 54 12.80 -1.85 4.91
CA ALA A 54 14.11 -2.51 5.14
C ALA A 54 14.57 -3.23 3.88
N GLN A 55 13.65 -3.51 2.99
CA GLN A 55 14.03 -4.21 1.73
C GLN A 55 14.25 -3.20 0.60
N GLY A 56 13.52 -2.11 0.62
CA GLY A 56 13.71 -1.09 -0.45
C GLY A 56 12.35 -0.46 -0.80
N TYR A 57 11.27 -1.03 -0.31
CA TYR A 57 9.93 -0.45 -0.62
C TYR A 57 9.78 0.92 0.04
N ASP A 58 9.73 1.97 -0.74
CA ASP A 58 9.59 3.33 -0.16
C ASP A 58 8.11 3.71 -0.06
N TRP A 59 7.74 4.47 0.94
CA TRP A 59 6.31 4.88 1.08
C TRP A 59 6.21 6.36 1.47
N PRO A 60 5.33 7.06 0.79
CA PRO A 60 5.15 8.49 1.07
C PRO A 60 4.37 8.69 2.37
N PHE A 61 5.04 8.65 3.48
CA PHE A 61 4.33 8.85 4.78
C PHE A 61 4.91 10.04 5.54
N SER A 62 4.12 10.72 6.32
CA SER A 62 4.63 11.89 7.08
C SER A 62 4.28 11.74 8.56
N CYS A 63 3.93 10.55 8.98
CA CYS A 63 3.59 10.33 10.40
C CYS A 63 4.72 10.83 11.31
N ARG A 64 4.48 11.87 12.08
CA ARG A 64 5.54 12.39 12.97
C ARG A 64 4.97 12.66 14.37
N ALA A 65 3.75 13.10 14.45
CA ALA A 65 3.13 13.37 15.79
C ALA A 65 1.63 13.58 15.64
N GLY A 66 1.20 14.18 14.57
CA GLY A 66 -0.26 14.41 14.37
C GLY A 66 -0.95 13.07 14.10
N ALA A 67 -2.22 12.97 14.40
CA ALA A 67 -2.95 11.69 14.15
C ALA A 67 -2.92 11.34 12.65
N CYS A 68 -3.17 10.12 12.32
CA CYS A 68 -3.14 9.72 10.88
C CYS A 68 -4.52 9.21 10.45
N ALA A 69 -5.14 9.87 9.51
CA ALA A 69 -6.48 9.41 9.04
C ALA A 69 -6.32 8.61 7.74
N ASN A 70 -5.25 8.85 7.03
CA ASN A 70 -5.02 8.10 5.75
C ASN A 70 -3.52 8.02 5.47
N CYS A 71 -2.93 6.87 5.64
CA CYS A 71 -1.47 6.73 5.38
C CYS A 71 -1.16 6.91 3.88
N ALA A 72 -0.92 5.85 3.16
CA ALA A 72 -0.62 6.01 1.71
C ALA A 72 -0.62 4.66 0.99
N SER A 73 -1.32 3.68 1.52
CA SER A 73 -1.35 2.34 0.87
C SER A 73 -2.79 2.00 0.44
N ILE A 74 -3.00 1.73 -0.82
CA ILE A 74 -4.37 1.40 -1.30
C ILE A 74 -4.62 -0.11 -1.17
N VAL A 75 -4.93 -0.57 0.01
CA VAL A 75 -5.19 -2.03 0.20
C VAL A 75 -6.20 -2.52 -0.85
N LYS A 76 -5.82 -3.45 -1.68
CA LYS A 76 -6.76 -3.95 -2.71
C LYS A 76 -7.56 -5.15 -2.17
N GLU A 77 -7.23 -5.62 -1.00
CA GLU A 77 -7.96 -6.77 -0.41
C GLU A 77 -7.25 -7.28 0.84
N GLY A 78 -7.96 -7.95 1.71
CA GLY A 78 -7.32 -8.47 2.95
C GLY A 78 -7.61 -7.50 4.11
N GLU A 79 -6.70 -7.36 5.02
CA GLU A 79 -6.93 -6.44 6.17
C GLU A 79 -5.65 -6.26 7.00
N ILE A 80 -5.30 -5.05 7.32
CA ILE A 80 -4.08 -4.80 8.13
C ILE A 80 -4.47 -4.37 9.54
N ASP A 81 -3.65 -4.68 10.51
CA ASP A 81 -3.98 -4.28 11.91
C ASP A 81 -3.09 -3.12 12.36
N MET A 82 -3.37 -2.55 13.50
CA MET A 82 -2.54 -1.41 13.99
C MET A 82 -2.83 -1.17 15.47
N ASP A 83 -2.35 -0.07 16.00
CA ASP A 83 -2.59 0.23 17.44
C ASP A 83 -3.91 0.99 17.61
N MET A 84 -4.77 0.51 18.47
CA MET A 84 -6.08 1.20 18.69
C MET A 84 -5.83 2.61 19.26
N GLN A 85 -5.61 3.57 18.41
CA GLN A 85 -5.36 4.96 18.90
C GLN A 85 -5.44 5.95 17.74
N GLN A 86 -6.30 5.72 16.80
CA GLN A 86 -6.41 6.65 15.64
C GLN A 86 -7.83 6.63 15.06
N ILE A 87 -8.13 7.53 14.16
CA ILE A 87 -9.50 7.56 13.56
C ILE A 87 -9.47 6.93 12.16
N LEU A 88 -10.40 6.06 11.87
CA LEU A 88 -10.42 5.41 10.53
C LEU A 88 -11.85 5.41 9.97
N SER A 89 -12.02 5.67 8.70
CA SER A 89 -13.38 5.67 8.11
C SER A 89 -13.49 4.57 7.05
N ASP A 90 -14.49 3.73 7.15
CA ASP A 90 -14.65 2.64 6.15
C ASP A 90 -14.65 3.23 4.74
N GLU A 91 -15.35 4.30 4.54
CA GLU A 91 -15.39 4.93 3.19
C GLU A 91 -13.95 5.20 2.72
N GLU A 92 -13.05 5.39 3.65
CA GLU A 92 -11.64 5.65 3.26
C GLU A 92 -11.00 4.36 2.75
N VAL A 93 -11.24 3.26 3.42
CA VAL A 93 -10.65 1.97 2.98
C VAL A 93 -11.46 1.38 1.81
N GLU A 94 -12.57 1.99 1.49
CA GLU A 94 -13.41 1.46 0.36
C GLU A 94 -13.23 2.35 -0.88
N GLU A 95 -13.33 3.63 -0.73
CA GLU A 95 -13.17 4.55 -1.90
C GLU A 95 -11.68 4.80 -2.17
N LYS A 96 -10.90 4.91 -1.14
CA LYS A 96 -9.44 5.14 -1.34
C LYS A 96 -8.65 3.88 -0.98
N ASP A 97 -9.23 3.02 -0.19
CA ASP A 97 -8.52 1.77 0.21
C ASP A 97 -7.24 2.10 0.97
N VAL A 98 -7.17 3.26 1.57
CA VAL A 98 -5.95 3.62 2.33
C VAL A 98 -5.84 2.79 3.61
N ARG A 99 -4.67 2.66 4.15
CA ARG A 99 -4.52 1.86 5.41
C ARG A 99 -3.19 2.19 6.10
N LEU A 100 -3.15 2.07 7.39
CA LEU A 100 -1.89 2.38 8.12
C LEU A 100 -0.81 1.33 7.80
N THR A 101 0.33 1.77 7.33
CA THR A 101 1.41 0.80 7.00
C THR A 101 2.70 1.16 7.72
N CYS A 102 2.75 2.32 8.33
CA CYS A 102 4.00 2.73 9.05
C CYS A 102 4.10 1.98 10.38
N ILE A 103 3.11 2.09 11.22
CA ILE A 103 3.17 1.38 12.53
C ILE A 103 2.00 0.39 12.65
N GLY A 104 1.91 -0.55 11.76
CA GLY A 104 0.80 -1.53 11.81
C GLY A 104 1.28 -2.89 11.30
N SER A 105 0.59 -3.93 11.63
CA SER A 105 1.01 -5.30 11.16
C SER A 105 -0.11 -5.94 10.34
N PRO A 106 0.28 -6.88 9.51
CA PRO A 106 -0.70 -7.59 8.66
C PRO A 106 -1.54 -8.56 9.51
N ALA A 107 -2.80 -8.72 9.18
CA ALA A 107 -3.65 -9.64 9.98
C ALA A 107 -4.09 -10.83 9.13
N ALA A 108 -4.19 -10.66 7.85
CA ALA A 108 -4.61 -11.79 6.97
C ALA A 108 -3.39 -12.43 6.29
N ASP A 109 -3.46 -13.70 6.02
CA ASP A 109 -2.30 -14.38 5.35
C ASP A 109 -1.82 -13.55 4.16
N GLU A 110 -2.51 -13.65 3.05
CA GLU A 110 -2.10 -12.86 1.85
C GLU A 110 -2.94 -11.59 1.74
N VAL A 111 -2.31 -10.44 1.74
CA VAL A 111 -3.07 -9.17 1.63
C VAL A 111 -2.64 -8.40 0.38
N LYS A 112 -3.56 -7.70 -0.23
CA LYS A 112 -3.19 -6.92 -1.47
C LYS A 112 -3.30 -5.43 -1.19
N ILE A 113 -2.33 -4.67 -1.64
CA ILE A 113 -2.37 -3.20 -1.41
C ILE A 113 -1.45 -2.49 -2.42
N VAL A 114 -1.74 -1.25 -2.73
CA VAL A 114 -0.88 -0.52 -3.69
C VAL A 114 -0.09 0.57 -2.94
N TYR A 115 1.11 0.84 -3.36
CA TYR A 115 1.92 1.87 -2.65
C TYR A 115 2.04 3.14 -3.51
N ASN A 116 2.72 4.14 -3.01
CA ASN A 116 2.89 5.43 -3.77
C ASN A 116 1.61 6.27 -3.70
N ALA A 117 0.77 6.01 -2.72
CA ALA A 117 -0.50 6.80 -2.59
C ALA A 117 -0.26 8.26 -2.95
N LYS A 118 0.93 8.75 -2.77
CA LYS A 118 1.22 10.18 -3.09
C LYS A 118 0.59 10.54 -4.45
N HIS A 119 0.37 9.58 -5.30
CA HIS A 119 -0.23 9.88 -6.63
C HIS A 119 -1.65 10.44 -6.44
N LEU A 120 -2.29 10.10 -5.35
CA LEU A 120 -3.68 10.60 -5.12
C LEU A 120 -3.75 12.11 -5.40
N ASP A 121 -4.23 12.49 -6.55
CA ASP A 121 -4.33 13.94 -6.87
C ASP A 121 -5.21 14.64 -5.84
N TYR A 122 -5.96 13.90 -5.08
CA TYR A 122 -6.85 14.53 -4.05
C TYR A 122 -6.03 14.93 -2.82
N LEU A 123 -4.82 14.44 -2.72
CA LEU A 123 -3.98 14.79 -1.54
C LEU A 123 -2.63 15.36 -1.99
N GLN A 124 -2.32 15.25 -3.27
CA GLN A 124 -1.02 15.79 -3.76
C GLN A 124 -0.79 17.20 -3.20
N ASN A 125 -1.84 17.93 -2.97
CA ASN A 125 -1.67 19.30 -2.42
C ASN A 125 -0.66 19.29 -1.27
N ARG A 126 -0.51 18.18 -0.62
CA ARG A 126 0.46 18.10 0.52
C ARG A 126 1.88 18.29 0.01
N VAL A 127 2.13 17.98 -1.25
CA VAL A 127 3.50 18.15 -1.80
C VAL A 127 3.76 19.62 -2.16
N ILE A 128 4.63 20.27 -1.44
CA ILE A 128 4.92 21.70 -1.74
C ILE A 128 6.43 21.93 -1.82
N PRO A 1 1.35 -14.24 6.98
CA PRO A 1 1.99 -12.90 7.05
C PRO A 1 2.66 -12.55 5.72
N THR A 2 1.92 -12.60 4.64
CA THR A 2 2.52 -12.27 3.32
C THR A 2 1.71 -11.17 2.63
N VAL A 3 2.37 -10.21 2.05
CA VAL A 3 1.64 -9.10 1.36
C VAL A 3 2.23 -8.87 -0.03
N GLU A 4 1.61 -8.02 -0.81
CA GLU A 4 2.14 -7.74 -2.18
C GLU A 4 1.98 -6.25 -2.51
N TYR A 5 3.06 -5.57 -2.78
CA TYR A 5 2.96 -4.11 -3.10
C TYR A 5 2.84 -3.89 -4.61
N LEU A 6 1.97 -3.01 -5.02
CA LEU A 6 1.80 -2.73 -6.48
C LEU A 6 1.94 -1.24 -6.75
N ASN A 7 2.76 -0.87 -7.69
CA ASN A 7 2.94 0.58 -8.00
C ASN A 7 1.64 1.19 -8.53
N TYR A 8 1.16 2.21 -7.87
CA TYR A 8 -0.11 2.86 -8.34
C TYR A 8 0.12 3.50 -9.71
N GLU A 9 1.30 4.05 -9.93
CA GLU A 9 1.59 4.68 -11.25
C GLU A 9 1.51 3.63 -12.36
N THR A 10 1.79 2.39 -12.04
CA THR A 10 1.72 1.32 -13.06
C THR A 10 0.26 1.05 -13.44
N LEU A 11 -0.61 1.08 -12.48
CA LEU A 11 -2.05 0.84 -12.78
C LEU A 11 -2.59 1.96 -13.66
N ASP A 12 -2.22 3.18 -13.37
CA ASP A 12 -2.70 4.33 -14.19
C ASP A 12 -1.89 4.41 -15.49
N ASP A 13 -0.60 4.40 -15.39
CA ASP A 13 0.24 4.48 -16.62
C ASP A 13 -0.25 3.48 -17.66
N GLN A 14 -0.41 2.24 -17.27
CA GLN A 14 -0.91 1.21 -18.23
C GLN A 14 -2.40 1.41 -18.49
N GLY A 15 -3.07 2.15 -17.65
CA GLY A 15 -4.52 2.38 -17.84
C GLY A 15 -5.28 1.07 -17.63
N TRP A 16 -4.89 0.30 -16.66
CA TRP A 16 -5.59 -0.99 -16.40
C TRP A 16 -6.77 -0.76 -15.44
N ASP A 17 -7.38 -1.82 -14.98
CA ASP A 17 -8.52 -1.66 -14.05
C ASP A 17 -8.07 -1.87 -12.60
N MET A 18 -8.99 -1.91 -11.67
CA MET A 18 -8.61 -2.11 -10.25
C MET A 18 -8.13 -3.55 -10.03
N ASP A 19 -8.89 -4.51 -10.48
CA ASP A 19 -8.47 -5.93 -10.30
C ASP A 19 -9.02 -6.80 -11.42
N ASP A 20 -9.48 -6.19 -12.48
CA ASP A 20 -10.02 -6.99 -13.62
C ASP A 20 -8.87 -7.59 -14.44
N ASP A 21 -7.87 -6.80 -14.73
CA ASP A 21 -6.71 -7.31 -15.51
C ASP A 21 -5.82 -8.17 -14.63
N ASP A 22 -6.19 -8.35 -13.39
CA ASP A 22 -5.35 -9.18 -12.47
C ASP A 22 -3.93 -8.62 -12.40
N LEU A 23 -3.82 -7.33 -12.20
CA LEU A 23 -2.47 -6.71 -12.11
C LEU A 23 -1.58 -7.49 -11.13
N PHE A 24 -2.03 -7.65 -9.92
CA PHE A 24 -1.20 -8.42 -8.92
C PHE A 24 -0.85 -9.79 -9.48
N GLU A 25 -1.59 -10.24 -10.46
CA GLU A 25 -1.30 -11.58 -11.06
C GLU A 25 -0.53 -11.42 -12.38
N LYS A 26 -1.10 -10.69 -13.31
CA LYS A 26 -0.41 -10.50 -14.62
C LYS A 26 0.90 -9.75 -14.42
N ALA A 27 1.01 -8.98 -13.37
CA ALA A 27 2.27 -8.22 -13.12
C ALA A 27 3.45 -9.18 -13.00
N ALA A 28 3.19 -10.44 -12.74
CA ALA A 28 4.30 -11.42 -12.61
C ALA A 28 4.81 -11.82 -13.99
N ASP A 29 3.98 -11.71 -14.99
CA ASP A 29 4.43 -12.09 -16.37
C ASP A 29 4.96 -10.85 -17.11
N ALA A 30 4.85 -9.70 -16.50
CA ALA A 30 5.36 -8.46 -17.18
C ALA A 30 6.81 -8.19 -16.77
N GLY A 31 7.27 -8.85 -15.74
CA GLY A 31 8.68 -8.63 -15.29
C GLY A 31 8.86 -7.16 -14.91
N LEU A 32 7.85 -6.55 -14.33
CA LEU A 32 7.97 -5.12 -13.93
C LEU A 32 9.04 -4.95 -12.85
N ASP A 33 9.40 -3.74 -12.55
CA ASP A 33 10.43 -3.51 -11.51
C ASP A 33 10.02 -4.17 -10.19
N GLY A 34 10.96 -4.51 -9.36
CA GLY A 34 10.62 -5.17 -8.06
C GLY A 34 10.11 -4.12 -7.07
N GLU A 35 10.47 -2.88 -7.26
CA GLU A 35 10.01 -1.82 -6.32
C GLU A 35 8.56 -1.42 -6.66
N ASP A 36 8.07 -1.82 -7.80
CA ASP A 36 6.67 -1.47 -8.18
C ASP A 36 5.74 -2.64 -7.87
N TYR A 37 6.11 -3.83 -8.24
CA TYR A 37 5.24 -5.00 -7.95
C TYR A 37 6.06 -6.15 -7.36
N GLY A 38 5.62 -6.71 -6.27
CA GLY A 38 6.38 -7.83 -5.64
C GLY A 38 5.64 -8.30 -4.39
N THR A 39 6.19 -9.25 -3.68
CA THR A 39 5.52 -9.75 -2.45
C THR A 39 6.20 -9.17 -1.21
N MET A 40 5.46 -8.49 -0.38
CA MET A 40 6.05 -7.90 0.85
C MET A 40 5.82 -8.83 2.05
N GLU A 41 6.86 -9.42 2.58
CA GLU A 41 6.69 -10.33 3.75
C GLU A 41 6.53 -9.50 5.02
N VAL A 42 5.38 -9.56 5.64
CA VAL A 42 5.16 -8.78 6.88
C VAL A 42 4.71 -9.70 8.02
N ALA A 43 5.53 -9.86 9.02
CA ALA A 43 5.14 -10.75 10.16
C ALA A 43 4.01 -10.10 10.97
N GLU A 44 3.15 -10.88 11.54
CA GLU A 44 2.03 -10.31 12.34
C GLU A 44 2.58 -9.49 13.51
N GLY A 45 2.31 -8.21 13.53
CA GLY A 45 2.83 -7.36 14.64
C GLY A 45 3.98 -6.50 14.12
N GLU A 46 4.25 -6.55 12.84
CA GLU A 46 5.35 -5.73 12.27
C GLU A 46 4.80 -4.70 11.28
N TYR A 47 4.77 -3.45 11.66
CA TYR A 47 4.24 -2.41 10.75
C TYR A 47 4.72 -2.65 9.31
N ILE A 48 3.81 -2.73 8.37
CA ILE A 48 4.22 -2.97 6.96
C ILE A 48 5.41 -2.09 6.58
N LEU A 49 5.24 -0.79 6.62
CA LEU A 49 6.38 0.11 6.26
C LEU A 49 7.68 -0.39 6.86
N GLU A 50 7.62 -1.01 8.01
CA GLU A 50 8.86 -1.53 8.65
C GLU A 50 9.41 -2.72 7.85
N ALA A 51 8.57 -3.64 7.48
CA ALA A 51 9.04 -4.82 6.71
C ALA A 51 9.57 -4.38 5.34
N ALA A 52 9.05 -3.31 4.81
CA ALA A 52 9.52 -2.83 3.48
C ALA A 52 10.90 -2.18 3.61
N GLU A 53 11.10 -1.41 4.63
CA GLU A 53 12.42 -0.75 4.82
C GLU A 53 13.50 -1.81 5.12
N ALA A 54 13.11 -2.86 5.77
CA ALA A 54 14.10 -3.94 6.09
C ALA A 54 14.38 -4.77 4.84
N GLN A 55 13.57 -4.63 3.82
CA GLN A 55 13.79 -5.41 2.58
C GLN A 55 14.54 -4.55 1.56
N GLY A 56 14.27 -3.28 1.53
CA GLY A 56 14.98 -2.39 0.56
C GLY A 56 13.96 -1.55 -0.23
N TYR A 57 12.76 -1.40 0.26
CA TYR A 57 11.76 -0.58 -0.49
C TYR A 57 11.83 0.87 -0.03
N ASP A 58 12.58 1.69 -0.72
CA ASP A 58 12.68 3.13 -0.32
C ASP A 58 11.46 3.88 -0.85
N TRP A 59 10.29 3.54 -0.36
CA TRP A 59 9.05 4.22 -0.83
C TRP A 59 9.19 5.74 -0.76
N PRO A 60 8.28 6.39 -1.42
CA PRO A 60 8.27 7.88 -1.45
C PRO A 60 7.85 8.43 -0.08
N PHE A 61 8.68 9.23 0.53
CA PHE A 61 8.32 9.80 1.87
C PHE A 61 7.15 10.76 1.72
N SER A 62 6.41 10.97 2.79
CA SER A 62 5.25 11.89 2.73
C SER A 62 4.70 12.15 4.13
N CYS A 63 5.50 12.68 5.00
CA CYS A 63 5.03 12.94 6.39
C CYS A 63 5.93 13.97 7.07
N ARG A 64 5.59 14.37 8.27
CA ARG A 64 6.43 15.37 8.98
C ARG A 64 7.66 14.68 9.60
N ALA A 65 8.52 15.44 10.23
CA ALA A 65 9.73 14.83 10.84
C ALA A 65 9.35 14.10 12.13
N GLY A 66 10.11 13.09 12.49
CA GLY A 66 9.79 12.34 13.73
C GLY A 66 9.69 10.84 13.42
N ALA A 67 10.75 10.26 12.92
CA ALA A 67 10.71 8.80 12.60
C ALA A 67 9.49 8.49 11.71
N CYS A 68 8.95 9.48 11.07
CA CYS A 68 7.77 9.23 10.20
C CYS A 68 8.21 9.08 8.73
N ALA A 69 7.93 7.95 8.13
CA ALA A 69 8.35 7.73 6.72
C ALA A 69 7.13 7.84 5.78
N ASN A 70 7.13 7.11 4.70
CA ASN A 70 5.98 7.16 3.75
C ASN A 70 4.68 6.80 4.48
N CYS A 71 3.57 7.05 3.85
CA CYS A 71 2.26 6.72 4.49
C CYS A 71 1.12 6.91 3.49
N ALA A 72 0.94 5.98 2.60
CA ALA A 72 -0.15 6.11 1.59
C ALA A 72 -0.21 4.87 0.70
N SER A 73 -0.95 3.87 1.12
CA SER A 73 -1.04 2.62 0.29
C SER A 73 -2.51 2.23 0.10
N ILE A 74 -2.86 1.75 -1.06
CA ILE A 74 -4.27 1.34 -1.31
C ILE A 74 -4.40 -0.19 -1.22
N VAL A 75 -4.69 -0.69 -0.06
CA VAL A 75 -4.83 -2.17 0.09
C VAL A 75 -5.78 -2.73 -0.97
N LYS A 76 -5.33 -3.64 -1.79
CA LYS A 76 -6.22 -4.21 -2.83
C LYS A 76 -6.99 -5.41 -2.27
N GLU A 77 -6.64 -5.84 -1.09
CA GLU A 77 -7.36 -7.01 -0.49
C GLU A 77 -6.76 -7.34 0.89
N GLY A 78 -7.42 -8.19 1.64
CA GLY A 78 -6.90 -8.55 2.98
C GLY A 78 -7.35 -7.50 4.00
N GLU A 79 -6.56 -7.26 5.02
CA GLU A 79 -6.95 -6.26 6.04
C GLU A 79 -5.78 -6.00 7.00
N ILE A 80 -5.52 -4.76 7.32
CA ILE A 80 -4.39 -4.46 8.24
C ILE A 80 -4.91 -3.96 9.59
N ASP A 81 -4.23 -4.30 10.65
CA ASP A 81 -4.68 -3.85 12.01
C ASP A 81 -3.76 -2.74 12.51
N MET A 82 -4.19 -2.00 13.50
CA MET A 82 -3.34 -0.91 14.03
C MET A 82 -3.50 -0.78 15.55
N ASP A 83 -2.47 -0.34 16.23
CA ASP A 83 -2.57 -0.20 17.71
C ASP A 83 -3.60 0.86 18.08
N MET A 84 -3.82 1.08 19.35
CA MET A 84 -4.82 2.10 19.77
C MET A 84 -4.58 3.41 19.02
N GLN A 85 -5.42 3.72 18.07
CA GLN A 85 -5.25 4.98 17.29
C GLN A 85 -6.38 5.13 16.28
N GLN A 86 -7.54 4.66 16.61
CA GLN A 86 -8.70 4.77 15.66
C GLN A 86 -8.78 6.19 15.10
N ILE A 87 -8.70 6.33 13.81
CA ILE A 87 -8.78 7.69 13.20
C ILE A 87 -9.25 7.58 11.75
N LEU A 88 -8.78 6.60 11.04
CA LEU A 88 -9.21 6.44 9.61
C LEU A 88 -10.70 6.09 9.55
N SER A 89 -11.28 6.16 8.39
CA SER A 89 -12.73 5.83 8.26
C SER A 89 -12.90 4.48 7.56
N ASP A 90 -13.85 3.69 8.00
CA ASP A 90 -14.07 2.36 7.36
C ASP A 90 -14.32 2.52 5.86
N GLU A 91 -15.22 3.39 5.50
CA GLU A 91 -15.51 3.60 4.06
C GLU A 91 -14.23 3.96 3.31
N GLU A 92 -13.27 4.51 4.01
CA GLU A 92 -11.98 4.88 3.35
C GLU A 92 -11.23 3.62 2.92
N VAL A 93 -11.18 2.62 3.77
CA VAL A 93 -10.46 1.37 3.42
C VAL A 93 -11.26 0.58 2.36
N GLU A 94 -12.55 0.70 2.37
CA GLU A 94 -13.38 -0.04 1.36
C GLU A 94 -13.61 0.84 0.13
N GLU A 95 -13.61 2.13 0.29
CA GLU A 95 -13.82 3.03 -0.87
C GLU A 95 -12.50 3.60 -1.37
N LYS A 96 -11.53 3.71 -0.49
CA LYS A 96 -10.21 4.27 -0.92
C LYS A 96 -9.12 3.21 -0.74
N ASP A 97 -9.36 2.22 0.06
CA ASP A 97 -8.33 1.15 0.27
C ASP A 97 -7.12 1.73 1.00
N VAL A 98 -7.26 2.87 1.59
CA VAL A 98 -6.11 3.48 2.33
C VAL A 98 -6.12 3.07 3.80
N ARG A 99 -4.98 2.84 4.37
CA ARG A 99 -4.91 2.44 5.80
C ARG A 99 -3.50 2.66 6.35
N LEU A 100 -3.38 3.01 7.59
CA LEU A 100 -2.03 3.25 8.18
C LEU A 100 -1.05 2.16 7.72
N THR A 101 0.14 2.54 7.34
CA THR A 101 1.13 1.53 6.87
C THR A 101 2.40 1.60 7.73
N CYS A 102 2.58 2.68 8.44
CA CYS A 102 3.79 2.81 9.31
C CYS A 102 3.45 2.45 10.75
N ILE A 103 2.20 2.18 11.02
CA ILE A 103 1.79 1.83 12.42
C ILE A 103 0.65 0.82 12.39
N GLY A 104 0.72 -0.16 11.53
CA GLY A 104 -0.37 -1.17 11.46
C GLY A 104 0.19 -2.48 10.90
N SER A 105 -0.30 -3.59 11.39
CA SER A 105 0.19 -4.91 10.88
C SER A 105 -0.90 -5.59 10.04
N PRO A 106 -0.48 -6.53 9.23
CA PRO A 106 -1.43 -7.27 8.37
C PRO A 106 -2.26 -8.25 9.20
N ALA A 107 -3.54 -8.03 9.29
CA ALA A 107 -4.40 -8.96 10.07
C ALA A 107 -4.82 -10.15 9.22
N ALA A 108 -4.24 -10.28 8.05
CA ALA A 108 -4.61 -11.43 7.17
C ALA A 108 -3.34 -12.07 6.58
N ASP A 109 -3.35 -13.35 6.39
CA ASP A 109 -2.15 -14.04 5.82
C ASP A 109 -1.68 -13.33 4.55
N GLU A 110 -2.32 -13.59 3.43
CA GLU A 110 -1.91 -12.93 2.16
C GLU A 110 -2.67 -11.62 1.99
N VAL A 111 -1.97 -10.52 1.90
CA VAL A 111 -2.66 -9.21 1.73
C VAL A 111 -2.14 -8.49 0.48
N LYS A 112 -2.95 -7.65 -0.12
CA LYS A 112 -2.50 -6.93 -1.34
C LYS A 112 -2.69 -5.42 -1.15
N ILE A 113 -1.79 -4.63 -1.68
CA ILE A 113 -1.92 -3.15 -1.52
C ILE A 113 -1.09 -2.42 -2.59
N VAL A 114 -1.53 -1.28 -3.01
CA VAL A 114 -0.77 -0.51 -4.03
C VAL A 114 0.06 0.58 -3.34
N TYR A 115 1.35 0.60 -3.57
CA TYR A 115 2.20 1.64 -2.92
C TYR A 115 2.25 2.91 -3.77
N ASN A 116 2.93 3.92 -3.32
CA ASN A 116 3.02 5.19 -4.11
C ASN A 116 1.62 5.80 -4.27
N ALA A 117 0.74 5.55 -3.34
CA ALA A 117 -0.63 6.12 -3.44
C ALA A 117 -0.57 7.65 -3.40
N LYS A 118 0.55 8.21 -3.02
CA LYS A 118 0.67 9.69 -2.98
C LYS A 118 0.39 10.26 -4.37
N HIS A 119 0.46 9.44 -5.37
CA HIS A 119 0.19 9.92 -6.75
C HIS A 119 -1.25 10.41 -6.87
N LEU A 120 -2.16 9.75 -6.19
CA LEU A 120 -3.59 10.16 -6.26
C LEU A 120 -3.70 11.69 -6.18
N ASP A 121 -4.73 12.25 -6.76
CA ASP A 121 -4.90 13.73 -6.71
C ASP A 121 -5.31 14.18 -5.30
N TYR A 122 -6.14 13.42 -4.64
CA TYR A 122 -6.57 13.80 -3.27
C TYR A 122 -5.40 13.64 -2.29
N LEU A 123 -4.29 13.13 -2.74
CA LEU A 123 -3.12 12.95 -1.84
C LEU A 123 -1.91 13.74 -2.36
N GLN A 124 -1.71 13.75 -3.65
CA GLN A 124 -0.55 14.50 -4.23
C GLN A 124 -0.68 16.00 -3.92
N ASN A 125 -1.88 16.47 -3.74
CA ASN A 125 -2.07 17.92 -3.43
C ASN A 125 -1.21 18.33 -2.24
N ARG A 126 -0.85 17.40 -1.41
CA ARG A 126 -0.01 17.72 -0.22
C ARG A 126 1.18 18.60 -0.64
N VAL A 127 1.68 18.40 -1.83
CA VAL A 127 2.83 19.22 -2.30
C VAL A 127 2.38 20.66 -2.55
N ILE A 128 3.16 21.62 -2.12
CA ILE A 128 2.78 23.05 -2.35
C ILE A 128 3.13 23.47 -3.77
#